data_8CFO
#
_entry.id   8CFO
#
_cell.length_a   177.760
_cell.length_b   105.290
_cell.length_c   107.710
_cell.angle_alpha   90.00
_cell.angle_beta   99.72
_cell.angle_gamma   90.00
#
_symmetry.space_group_name_H-M   'C 1 2 1'
#
loop_
_entity.id
_entity.type
_entity.pdbx_description
1 polymer Adenosylhomocysteinase
2 non-polymer NICOTINAMIDE-ADENINE-DINUCLEOTIDE
3 non-polymer ADENINE
4 non-polymer 'POTASSIUM ION'
5 non-polymer 'PHOSPHATE ION'
6 non-polymer N-[(4-bromo-3-methylphenyl)methyl]-2-(methylsulfonyl)ethan-1-amine
7 non-polymer 'DIMETHYL SULFOXIDE'
8 water water
#
_entity_poly.entity_id   1
_entity_poly.type   'polypeptide(L)'
_entity_poly.pdbx_seq_one_letter_code
;SNAMSAVMTPAGFTDYKVADITLAAWGRRELIIAESEMPALMGLRRKYAGQQPLKGAKILGCIHMTIQTGVLIETLVALG
AEVRWSSCNIFSTQDQAAAAIAAAGIPVFAWKGETEEEYEWCIEQTILKDGQPWDANMVLDDGGDLTEILHKKYPQMLER
IHGITEETTTGVHRLLDMLKNGTLKVPAINVNDSVTKSKNDNKYGCRHSLNDAIKRGTDHLLSGKQALVIGYGDVGKGSS
QSLRQEGMIVKVAEVDPICAMQACMDGFEVVSPYKNGINDGTEASIDAALLGKIDLIVTTTGNVNVCDANMLKALKKRAV
VCNIGHFDNEIDTAFMRKNWAWEEVKPQVHKIHRTGKDGFDAHNDDYLILLAEGRLVNLGNATGHPSRIMDGSFANQVLA
QIHLFEQKYADLPAAEKAKRLSVEVLPKKLDEEVALEMVKGFGGVVTQLTPKQAEYIGVSVEGPFKPDTYRY
;
_entity_poly.pdbx_strand_id   A,B,C,D
#
loop_
_chem_comp.id
_chem_comp.type
_chem_comp.name
_chem_comp.formula
ADE non-polymer ADENINE 'C5 H5 N5'
DMS non-polymer 'DIMETHYL SULFOXIDE' 'C2 H6 O S'
K non-polymer 'POTASSIUM ION' 'K 1'
NAD non-polymer NICOTINAMIDE-ADENINE-DINUCLEOTIDE 'C21 H27 N7 O14 P2'
PO4 non-polymer 'PHOSPHATE ION' 'O4 P -3'
RB7 non-polymer N-[(4-bromo-3-methylphenyl)methyl]-2-(methylsulfonyl)ethan-1-amine 'C11 H16 Br N O2 S'
#
# COMPACT_ATOMS: atom_id res chain seq x y z
N ALA A 11 -43.32 -15.43 26.41
CA ALA A 11 -44.45 -15.39 27.33
C ALA A 11 -43.96 -15.45 28.77
N GLY A 12 -43.72 -14.27 29.35
CA GLY A 12 -43.26 -14.19 30.72
C GLY A 12 -41.85 -14.70 30.94
N PHE A 13 -40.98 -14.57 29.95
CA PHE A 13 -39.59 -15.01 30.09
C PHE A 13 -38.81 -13.98 30.88
N THR A 14 -38.11 -14.43 31.93
CA THR A 14 -37.38 -13.50 32.79
C THR A 14 -35.94 -13.92 33.08
N ASP A 15 -35.44 -14.95 32.43
CA ASP A 15 -34.18 -15.57 32.84
C ASP A 15 -33.02 -14.95 32.06
N TYR A 16 -32.86 -13.64 32.25
CA TYR A 16 -31.84 -12.89 31.52
C TYR A 16 -31.59 -11.60 32.26
N LYS A 17 -30.51 -10.91 31.87
CA LYS A 17 -30.18 -9.61 32.45
C LYS A 17 -29.44 -8.80 31.38
N VAL A 18 -30.13 -7.83 30.79
CA VAL A 18 -29.52 -6.94 29.81
C VAL A 18 -29.82 -5.49 30.18
N ALA A 19 -29.22 -4.57 29.42
CA ALA A 19 -29.32 -3.16 29.77
C ALA A 19 -30.68 -2.59 29.39
N ASP A 20 -31.24 -3.00 28.25
CA ASP A 20 -32.45 -2.35 27.74
C ASP A 20 -33.14 -3.31 26.77
N ILE A 21 -34.16 -4.01 27.26
CA ILE A 21 -34.80 -5.00 26.41
C ILE A 21 -35.41 -4.32 25.18
N THR A 22 -35.79 -3.04 25.29
CA THR A 22 -36.43 -2.43 24.13
C THR A 22 -35.48 -2.22 22.95
N LEU A 23 -34.23 -2.68 23.03
CA LEU A 23 -33.34 -2.62 21.88
C LEU A 23 -33.38 -3.88 21.03
N ALA A 24 -34.30 -4.79 21.34
CA ALA A 24 -34.33 -6.09 20.68
C ALA A 24 -34.59 -5.96 19.19
N ALA A 25 -35.58 -5.16 18.81
CA ALA A 25 -35.90 -5.00 17.39
C ALA A 25 -34.73 -4.42 16.62
N TRP A 26 -34.11 -3.36 17.14
CA TRP A 26 -32.86 -2.91 16.54
C TRP A 26 -31.90 -4.08 16.40
N GLY A 27 -31.80 -4.92 17.45
CA GLY A 27 -30.86 -6.03 17.41
C GLY A 27 -31.20 -7.08 16.37
N ARG A 28 -32.48 -7.43 16.26
CA ARG A 28 -32.93 -8.36 15.22
C ARG A 28 -32.64 -7.82 13.81
N ARG A 29 -32.81 -6.51 13.59
CA ARG A 29 -32.51 -5.98 12.26
C ARG A 29 -31.03 -6.16 11.91
N GLU A 30 -30.13 -6.00 12.89
CA GLU A 30 -28.70 -6.17 12.62
C GLU A 30 -28.31 -7.63 12.49
N LEU A 31 -28.97 -8.55 13.23
CA LEU A 31 -28.71 -9.99 13.09
C LEU A 31 -29.08 -10.50 11.71
N ILE A 32 -30.25 -10.11 11.21
CA ILE A 32 -30.67 -10.48 9.86
C ILE A 32 -29.67 -10.02 8.82
N ILE A 33 -29.02 -8.87 9.06
CA ILE A 33 -27.95 -8.41 8.17
C ILE A 33 -26.69 -9.25 8.36
N ALA A 34 -26.29 -9.47 9.61
CA ALA A 34 -25.09 -10.26 9.86
C ALA A 34 -25.20 -11.65 9.25
N GLU A 35 -26.41 -12.20 9.22
CA GLU A 35 -26.60 -13.52 8.65
C GLU A 35 -26.19 -13.55 7.18
N SER A 36 -26.53 -12.50 6.44
CA SER A 36 -26.09 -12.40 5.04
C SER A 36 -24.58 -12.19 4.92
N GLU A 37 -23.90 -11.81 6.01
CA GLU A 37 -22.46 -11.63 6.01
C GLU A 37 -21.70 -12.86 6.51
N MET A 38 -22.41 -13.91 6.95
CA MET A 38 -21.78 -15.08 7.58
C MET A 38 -22.20 -16.38 6.88
N PRO A 39 -21.69 -16.62 5.68
CA PRO A 39 -22.18 -17.75 4.89
C PRO A 39 -21.71 -19.10 5.40
N ALA A 40 -20.54 -19.20 6.04
CA ALA A 40 -20.17 -20.49 6.60
C ALA A 40 -21.09 -20.87 7.75
N LEU A 41 -21.36 -19.94 8.64
CA LEU A 41 -22.29 -20.21 9.72
C LEU A 41 -23.65 -20.63 9.18
N MET A 42 -24.24 -19.80 8.31
N MET A 42 -24.23 -19.82 8.28
CA MET A 42 -25.56 -20.11 7.75
CA MET A 42 -25.58 -20.14 7.78
C MET A 42 -25.57 -21.47 7.08
C MET A 42 -25.62 -21.44 7.00
N GLY A 43 -24.54 -21.77 6.29
CA GLY A 43 -24.46 -23.08 5.68
C GLY A 43 -24.48 -24.20 6.71
N LEU A 44 -23.83 -23.97 7.86
CA LEU A 44 -23.87 -24.96 8.93
C LEU A 44 -25.29 -25.12 9.46
N ARG A 45 -26.02 -24.00 9.57
CA ARG A 45 -27.43 -24.05 9.93
C ARG A 45 -28.25 -24.87 8.94
N ARG A 46 -27.97 -24.70 7.65
CA ARG A 46 -28.79 -25.36 6.64
C ARG A 46 -28.46 -26.85 6.54
N LYS A 47 -27.18 -27.19 6.58
CA LYS A 47 -26.81 -28.58 6.43
C LYS A 47 -27.23 -29.39 7.64
N TYR A 48 -27.29 -28.78 8.84
CA TYR A 48 -27.42 -29.56 10.08
C TYR A 48 -28.69 -29.34 10.87
N ALA A 49 -29.54 -28.37 10.50
CA ALA A 49 -30.74 -28.12 11.29
C ALA A 49 -31.60 -29.39 11.39
N GLY A 50 -31.82 -30.06 10.26
CA GLY A 50 -32.69 -31.23 10.26
C GLY A 50 -32.12 -32.43 10.98
N GLN A 51 -30.81 -32.46 11.19
CA GLN A 51 -30.16 -33.54 11.91
CA GLN A 51 -30.19 -33.55 11.91
C GLN A 51 -30.09 -33.30 13.42
N GLN A 52 -30.16 -32.03 13.84
CA GLN A 52 -30.13 -31.66 15.25
C GLN A 52 -28.92 -32.31 15.96
N PRO A 53 -27.71 -32.09 15.45
CA PRO A 53 -26.55 -32.72 16.08
C PRO A 53 -26.27 -32.20 17.49
N LEU A 54 -26.91 -31.13 17.93
CA LEU A 54 -26.74 -30.63 19.29
C LEU A 54 -27.98 -30.86 20.16
N LYS A 55 -28.94 -31.66 19.69
CA LYS A 55 -30.02 -32.18 20.52
C LYS A 55 -29.45 -32.79 21.80
N GLY A 56 -29.68 -32.16 22.94
CA GLY A 56 -29.16 -32.62 24.22
C GLY A 56 -28.02 -31.78 24.78
N ALA A 57 -27.36 -30.99 23.95
CA ALA A 57 -26.26 -30.17 24.45
C ALA A 57 -26.79 -29.00 25.28
N LYS A 58 -26.12 -28.74 26.41
CA LYS A 58 -26.49 -27.64 27.31
C LYS A 58 -25.23 -26.82 27.55
N ILE A 59 -25.07 -25.74 26.79
CA ILE A 59 -23.78 -25.09 26.57
C ILE A 59 -23.66 -23.88 27.48
N LEU A 60 -22.58 -23.82 28.26
CA LEU A 60 -22.23 -22.62 28.99
C LEU A 60 -21.32 -21.78 28.10
N GLY A 61 -21.79 -20.59 27.74
CA GLY A 61 -21.09 -19.73 26.78
C GLY A 61 -20.62 -18.43 27.42
N CYS A 62 -19.34 -18.11 27.22
CA CYS A 62 -18.75 -16.89 27.79
C CYS A 62 -17.90 -16.25 26.69
N ILE A 63 -18.52 -15.38 25.88
CA ILE A 63 -17.79 -14.67 24.83
C ILE A 63 -18.57 -13.39 24.49
N HIS A 64 -17.81 -12.32 24.19
CA HIS A 64 -18.33 -10.99 23.80
C HIS A 64 -19.71 -11.06 23.19
N MET A 65 -20.69 -10.42 23.82
CA MET A 65 -22.09 -10.56 23.43
C MET A 65 -22.41 -9.57 22.31
N THR A 66 -21.68 -9.75 21.20
CA THR A 66 -21.83 -8.93 20.01
C THR A 66 -22.94 -9.45 19.10
N ILE A 67 -23.27 -8.67 18.08
CA ILE A 67 -24.21 -9.15 17.09
C ILE A 67 -23.68 -10.42 16.46
N GLN A 68 -22.35 -10.51 16.30
CA GLN A 68 -21.80 -11.71 15.70
C GLN A 68 -21.96 -12.91 16.63
N THR A 69 -21.71 -12.72 17.93
CA THR A 69 -21.94 -13.82 18.86
C THR A 69 -23.39 -14.26 18.81
N GLY A 70 -24.30 -13.33 18.56
CA GLY A 70 -25.70 -13.67 18.50
C GLY A 70 -26.05 -14.59 17.35
N VAL A 71 -25.34 -14.47 16.22
CA VAL A 71 -25.56 -15.43 15.14
C VAL A 71 -24.97 -16.79 15.50
N LEU A 72 -23.82 -16.80 16.19
CA LEU A 72 -23.27 -18.05 16.71
C LEU A 72 -24.25 -18.72 17.66
N ILE A 73 -24.89 -17.94 18.53
CA ILE A 73 -25.78 -18.50 19.54
C ILE A 73 -27.00 -19.13 18.88
N GLU A 74 -27.60 -18.43 17.93
CA GLU A 74 -28.81 -18.93 17.31
C GLU A 74 -28.51 -20.09 16.38
N THR A 75 -27.26 -20.22 15.93
CA THR A 75 -26.86 -21.41 15.19
C THR A 75 -26.83 -22.63 16.12
N LEU A 76 -26.15 -22.49 17.28
CA LEU A 76 -26.13 -23.57 18.26
C LEU A 76 -27.55 -23.99 18.64
N VAL A 77 -28.39 -23.00 18.98
CA VAL A 77 -29.78 -23.25 19.34
C VAL A 77 -30.55 -23.87 18.17
N ALA A 78 -30.29 -23.39 16.93
CA ALA A 78 -30.94 -23.96 15.77
C ALA A 78 -30.56 -25.42 15.58
N LEU A 79 -29.40 -25.84 16.06
CA LEU A 79 -28.97 -27.21 15.88
C LEU A 79 -29.33 -28.07 17.09
N GLY A 80 -30.11 -27.54 18.03
CA GLY A 80 -30.70 -28.30 19.09
C GLY A 80 -30.19 -27.99 20.47
N ALA A 81 -29.16 -27.17 20.62
CA ALA A 81 -28.59 -26.96 21.93
C ALA A 81 -29.44 -26.01 22.75
N GLU A 82 -29.36 -26.17 24.07
CA GLU A 82 -29.70 -25.11 25.01
C GLU A 82 -28.42 -24.44 25.49
N VAL A 83 -28.51 -23.15 25.79
CA VAL A 83 -27.34 -22.36 26.12
C VAL A 83 -27.69 -21.44 27.29
N ARG A 84 -26.65 -21.03 28.02
CA ARG A 84 -26.72 -19.91 28.94
C ARG A 84 -25.45 -19.09 28.71
N TRP A 85 -25.59 -17.78 28.58
CA TRP A 85 -24.56 -16.96 27.95
C TRP A 85 -24.19 -15.75 28.78
N SER A 86 -22.91 -15.40 28.69
CA SER A 86 -22.36 -14.21 29.32
C SER A 86 -21.26 -13.68 28.40
N SER A 87 -20.88 -12.44 28.62
CA SER A 87 -19.77 -11.87 27.87
C SER A 87 -18.47 -12.07 28.64
N CYS A 88 -17.37 -12.13 27.90
CA CYS A 88 -16.05 -12.34 28.50
C CYS A 88 -15.28 -11.02 28.67
N ASN A 89 -15.93 -9.89 28.44
CA ASN A 89 -15.32 -8.60 28.76
C ASN A 89 -16.39 -7.63 29.24
N ILE A 90 -16.01 -6.75 30.16
CA ILE A 90 -16.96 -5.81 30.74
C ILE A 90 -17.47 -4.76 29.75
N PHE A 91 -16.74 -4.52 28.66
CA PHE A 91 -17.07 -3.48 27.69
C PHE A 91 -17.37 -4.00 26.29
N SER A 92 -17.48 -5.32 26.08
CA SER A 92 -17.54 -5.78 24.70
C SER A 92 -18.96 -6.04 24.22
N THR A 93 -19.95 -6.06 25.10
CA THR A 93 -21.30 -6.38 24.67
C THR A 93 -21.88 -5.26 23.83
N GLN A 94 -22.58 -5.62 22.77
CA GLN A 94 -23.51 -4.70 22.11
C GLN A 94 -24.89 -4.90 22.71
N ASP A 95 -25.43 -3.83 23.29
CA ASP A 95 -26.66 -3.97 24.06
C ASP A 95 -27.83 -4.41 23.18
N GLN A 96 -27.85 -3.99 21.90
CA GLN A 96 -28.96 -4.40 21.04
C GLN A 96 -28.85 -5.89 20.69
N ALA A 97 -27.63 -6.44 20.67
CA ALA A 97 -27.48 -7.86 20.45
C ALA A 97 -27.91 -8.66 21.68
N ALA A 98 -27.42 -8.28 22.86
CA ALA A 98 -27.93 -8.86 24.09
C ALA A 98 -29.45 -8.83 24.13
N ALA A 99 -30.04 -7.65 23.94
CA ALA A 99 -31.49 -7.53 24.04
C ALA A 99 -32.18 -8.52 23.09
N ALA A 100 -31.72 -8.56 21.84
CA ALA A 100 -32.37 -9.43 20.86
C ALA A 100 -32.28 -10.90 21.27
N ILE A 101 -31.14 -11.31 21.86
CA ILE A 101 -31.02 -12.70 22.28
C ILE A 101 -31.95 -12.98 23.45
N ALA A 102 -32.02 -12.05 24.41
CA ALA A 102 -33.00 -12.21 25.47
C ALA A 102 -34.41 -12.30 24.91
N ALA A 103 -34.76 -11.38 24.00
CA ALA A 103 -36.12 -11.34 23.46
C ALA A 103 -36.51 -12.66 22.80
N ALA A 104 -35.53 -13.42 22.31
CA ALA A 104 -35.78 -14.73 21.70
C ALA A 104 -35.95 -15.84 22.72
N GLY A 105 -35.87 -15.53 24.02
CA GLY A 105 -36.04 -16.53 25.06
C GLY A 105 -34.78 -17.26 25.44
N ILE A 106 -33.60 -16.73 25.13
CA ILE A 106 -32.33 -17.37 25.43
C ILE A 106 -31.72 -16.67 26.65
N PRO A 107 -31.41 -17.38 27.74
CA PRO A 107 -30.80 -16.73 28.89
C PRO A 107 -29.46 -16.09 28.51
N VAL A 108 -29.33 -14.82 28.87
CA VAL A 108 -28.13 -14.03 28.61
C VAL A 108 -27.99 -13.01 29.72
N PHE A 109 -26.74 -12.73 30.08
CA PHE A 109 -26.42 -11.84 31.20
C PHE A 109 -25.23 -11.01 30.76
N ALA A 110 -25.50 -9.79 30.30
CA ALA A 110 -24.50 -9.03 29.56
C ALA A 110 -25.01 -7.63 29.22
N TRP A 111 -24.13 -6.65 29.37
CA TRP A 111 -24.39 -5.27 28.99
C TRP A 111 -23.04 -4.56 28.87
N LYS A 112 -22.96 -3.59 27.96
CA LYS A 112 -21.76 -2.79 27.86
C LYS A 112 -21.55 -2.02 29.15
N GLY A 113 -20.30 -1.96 29.61
CA GLY A 113 -19.97 -1.18 30.80
C GLY A 113 -20.34 -1.82 32.13
N GLU A 114 -20.14 -3.13 32.28
CA GLU A 114 -20.34 -3.77 33.58
C GLU A 114 -19.20 -3.40 34.55
N THR A 115 -19.47 -3.57 35.84
CA THR A 115 -18.39 -3.56 36.82
C THR A 115 -17.79 -4.95 36.97
N GLU A 116 -16.58 -5.00 37.54
CA GLU A 116 -15.95 -6.30 37.78
C GLU A 116 -16.86 -7.22 38.59
N GLU A 117 -17.54 -6.68 39.60
CA GLU A 117 -18.45 -7.50 40.39
C GLU A 117 -19.61 -7.98 39.53
N GLU A 118 -20.14 -7.11 38.66
CA GLU A 118 -21.24 -7.51 37.80
C GLU A 118 -20.80 -8.57 36.79
N TYR A 119 -19.56 -8.45 36.30
CA TYR A 119 -19.01 -9.45 35.39
C TYR A 119 -19.05 -10.84 36.01
N GLU A 120 -18.50 -10.98 37.21
CA GLU A 120 -18.47 -12.27 37.90
C GLU A 120 -19.89 -12.77 38.19
N TRP A 121 -20.78 -11.88 38.65
CA TRP A 121 -22.19 -12.23 38.79
C TRP A 121 -22.78 -12.76 37.49
N CYS A 122 -22.46 -12.16 36.34
CA CYS A 122 -23.08 -12.60 35.09
C CYS A 122 -22.67 -14.02 34.74
N ILE A 123 -21.40 -14.36 34.96
CA ILE A 123 -20.95 -15.71 34.67
C ILE A 123 -21.67 -16.70 35.55
N GLU A 124 -21.89 -16.35 36.81
CA GLU A 124 -22.55 -17.26 37.73
C GLU A 124 -24.00 -17.46 37.36
N GLN A 125 -24.62 -16.47 36.72
CA GLN A 125 -26.00 -16.66 36.29
C GLN A 125 -26.12 -17.70 35.18
N THR A 126 -25.05 -17.91 34.38
CA THR A 126 -25.10 -19.00 33.41
C THR A 126 -24.88 -20.34 34.10
N ILE A 127 -24.06 -20.37 35.15
CA ILE A 127 -23.75 -21.62 35.83
C ILE A 127 -24.90 -22.04 36.74
N LEU A 128 -25.57 -21.06 37.35
CA LEU A 128 -26.64 -21.29 38.31
C LEU A 128 -27.99 -21.01 37.67
N LYS A 129 -28.91 -21.96 37.79
CA LYS A 129 -30.28 -21.81 37.33
C LYS A 129 -31.19 -22.09 38.52
N ASP A 130 -32.07 -21.13 38.84
CA ASP A 130 -32.95 -21.23 40.00
C ASP A 130 -32.16 -21.54 41.26
N GLY A 131 -30.97 -20.95 41.35
CA GLY A 131 -30.18 -21.04 42.55
C GLY A 131 -29.44 -22.34 42.75
N GLN A 132 -29.28 -23.15 41.71
CA GLN A 132 -28.46 -24.34 41.81
C GLN A 132 -27.71 -24.58 40.51
N PRO A 133 -26.71 -25.46 40.51
CA PRO A 133 -25.94 -25.70 39.29
C PRO A 133 -26.83 -26.21 38.16
N TRP A 134 -26.70 -25.54 37.01
CA TRP A 134 -27.36 -26.01 35.80
C TRP A 134 -26.70 -27.32 35.35
N ASP A 135 -27.50 -28.24 34.82
CA ASP A 135 -26.93 -29.47 34.31
C ASP A 135 -26.20 -29.27 33.00
N ALA A 136 -25.18 -28.40 33.01
CA ALA A 136 -24.43 -28.12 31.80
C ALA A 136 -23.60 -29.34 31.38
N ASN A 137 -23.35 -29.45 30.08
CA ASN A 137 -22.52 -30.52 29.57
C ASN A 137 -21.53 -30.08 28.50
N MET A 138 -21.55 -28.80 28.10
CA MET A 138 -20.60 -28.28 27.13
C MET A 138 -20.16 -26.88 27.58
N VAL A 139 -18.98 -26.45 27.14
CA VAL A 139 -18.45 -25.13 27.48
C VAL A 139 -17.88 -24.50 26.22
N LEU A 140 -18.25 -23.25 25.97
CA LEU A 140 -17.66 -22.43 24.91
C LEU A 140 -17.13 -21.16 25.57
N ASP A 141 -15.83 -20.89 25.38
CA ASP A 141 -15.11 -19.88 26.16
C ASP A 141 -14.23 -19.03 25.26
N ASP A 142 -13.97 -17.79 25.72
CA ASP A 142 -13.09 -16.85 25.02
C ASP A 142 -12.26 -16.18 26.11
N GLY A 143 -11.08 -16.74 26.39
CA GLY A 143 -10.16 -16.16 27.33
C GLY A 143 -9.87 -17.01 28.56
N GLY A 144 -10.73 -17.97 28.87
CA GLY A 144 -10.48 -18.93 29.93
C GLY A 144 -11.13 -18.59 31.26
N ASP A 145 -11.92 -17.53 31.33
CA ASP A 145 -12.48 -17.11 32.61
C ASP A 145 -13.56 -18.07 33.08
N LEU A 146 -14.41 -18.53 32.18
CA LEU A 146 -15.44 -19.48 32.56
C LEU A 146 -14.82 -20.82 32.88
N THR A 147 -13.88 -21.25 32.04
CA THR A 147 -13.06 -22.40 32.34
C THR A 147 -12.47 -22.32 33.74
N GLU A 148 -11.98 -21.14 34.12
CA GLU A 148 -11.30 -21.00 35.41
C GLU A 148 -12.27 -21.16 36.56
N ILE A 149 -13.44 -20.51 36.46
CA ILE A 149 -14.40 -20.56 37.55
C ILE A 149 -15.02 -21.96 37.68
N LEU A 150 -15.09 -22.71 36.59
CA LEU A 150 -15.57 -24.09 36.68
C LEU A 150 -14.55 -24.96 37.39
N HIS A 151 -13.28 -24.86 37.01
CA HIS A 151 -12.26 -25.70 37.66
C HIS A 151 -12.03 -25.29 39.11
N LYS A 152 -12.08 -23.99 39.41
CA LYS A 152 -11.74 -23.61 40.77
C LYS A 152 -12.94 -23.62 41.70
N LYS A 153 -14.11 -23.22 41.23
CA LYS A 153 -15.26 -23.12 42.13
C LYS A 153 -16.30 -24.21 41.94
N TYR A 154 -16.53 -24.71 40.73
CA TYR A 154 -17.57 -25.71 40.52
C TYR A 154 -17.01 -26.98 39.88
N PRO A 155 -15.96 -27.59 40.45
CA PRO A 155 -15.40 -28.82 39.85
C PRO A 155 -16.43 -29.92 39.62
N GLN A 156 -17.35 -30.13 40.56
CA GLN A 156 -18.36 -31.17 40.38
C GLN A 156 -19.16 -30.99 39.09
N MET A 157 -19.27 -29.76 38.56
CA MET A 157 -19.99 -29.57 37.31
C MET A 157 -19.21 -30.13 36.13
N LEU A 158 -17.89 -30.00 36.15
CA LEU A 158 -17.09 -30.54 35.06
C LEU A 158 -17.25 -32.05 34.92
N GLU A 159 -17.59 -32.74 36.02
CA GLU A 159 -17.86 -34.17 35.91
C GLU A 159 -18.90 -34.48 34.83
N ARG A 160 -19.84 -33.58 34.59
CA ARG A 160 -20.91 -33.78 33.62
C ARG A 160 -20.66 -33.12 32.28
N ILE A 161 -19.48 -32.56 32.05
CA ILE A 161 -19.21 -31.76 30.86
C ILE A 161 -18.30 -32.51 29.90
N HIS A 162 -18.63 -32.46 28.60
CA HIS A 162 -17.92 -33.24 27.58
C HIS A 162 -16.71 -32.52 26.99
N GLY A 163 -16.61 -31.20 27.10
CA GLY A 163 -15.48 -30.53 26.51
C GLY A 163 -15.64 -29.04 26.55
N ILE A 164 -14.53 -28.37 26.20
CA ILE A 164 -14.42 -26.91 26.09
C ILE A 164 -13.97 -26.58 24.67
N THR A 165 -14.67 -25.67 24.00
CA THR A 165 -14.19 -25.12 22.73
C THR A 165 -13.79 -23.67 22.99
N GLU A 166 -12.49 -23.39 22.89
CA GLU A 166 -11.86 -22.18 23.41
C GLU A 166 -11.41 -21.30 22.27
N GLU A 167 -11.85 -20.03 22.30
CA GLU A 167 -11.83 -19.11 21.16
C GLU A 167 -10.46 -18.52 20.85
N THR A 168 -9.67 -18.17 21.88
CA THR A 168 -8.60 -17.22 21.66
C THR A 168 -7.27 -17.68 22.26
N THR A 169 -6.21 -17.03 21.74
CA THR A 169 -4.84 -17.37 22.06
C THR A 169 -4.62 -17.49 23.55
N THR A 170 -4.98 -16.46 24.30
CA THR A 170 -4.73 -16.47 25.73
C THR A 170 -5.42 -17.65 26.40
N GLY A 171 -6.70 -17.90 26.05
CA GLY A 171 -7.41 -19.01 26.65
C GLY A 171 -6.72 -20.33 26.41
N VAL A 172 -6.27 -20.54 25.17
CA VAL A 172 -5.54 -21.75 24.80
C VAL A 172 -4.31 -21.91 25.69
N HIS A 173 -3.55 -20.82 25.86
CA HIS A 173 -2.37 -20.87 26.72
C HIS A 173 -2.73 -21.39 28.10
N ARG A 174 -3.80 -20.87 28.69
CA ARG A 174 -4.18 -21.33 30.02
C ARG A 174 -4.60 -22.80 30.00
N LEU A 175 -5.27 -23.25 28.93
CA LEU A 175 -5.66 -24.65 28.83
C LEU A 175 -4.45 -25.56 28.79
N LEU A 176 -3.43 -25.19 28.02
CA LEU A 176 -2.26 -26.03 27.94
C LEU A 176 -1.47 -26.03 29.24
N ASP A 177 -1.46 -24.91 29.97
CA ASP A 177 -0.82 -24.90 31.28
C ASP A 177 -1.49 -25.90 32.21
N MET A 178 -2.82 -25.88 32.25
CA MET A 178 -3.57 -26.84 33.07
C MET A 178 -3.25 -28.27 32.66
N LEU A 179 -3.17 -28.51 31.36
CA LEU A 179 -2.88 -29.85 30.86
C LEU A 179 -1.51 -30.31 31.32
N LYS A 180 -0.51 -29.43 31.23
CA LYS A 180 0.82 -29.84 31.64
C LYS A 180 0.93 -29.97 33.15
N ASN A 181 0.06 -29.30 33.91
CA ASN A 181 0.04 -29.42 35.37
C ASN A 181 -0.91 -30.49 35.87
N GLY A 182 -1.62 -31.19 34.99
CA GLY A 182 -2.60 -32.18 35.41
C GLY A 182 -3.85 -31.60 36.02
N THR A 183 -4.18 -30.33 35.74
CA THR A 183 -5.34 -29.73 36.36
C THR A 183 -6.50 -29.51 35.41
N LEU A 184 -6.33 -29.76 34.11
CA LEU A 184 -7.45 -29.78 33.17
C LEU A 184 -8.32 -31.01 33.39
N LYS A 185 -9.65 -30.82 33.45
CA LYS A 185 -10.55 -31.92 33.81
C LYS A 185 -11.37 -32.45 32.64
N VAL A 186 -11.39 -31.76 31.50
CA VAL A 186 -12.17 -32.17 30.33
C VAL A 186 -11.37 -31.87 29.09
N PRO A 187 -11.65 -32.58 27.99
CA PRO A 187 -10.95 -32.30 26.74
C PRO A 187 -11.41 -30.98 26.15
N ALA A 188 -10.49 -30.31 25.47
CA ALA A 188 -10.73 -29.00 24.89
C ALA A 188 -10.36 -29.03 23.42
N ILE A 189 -11.02 -28.20 22.63
CA ILE A 189 -10.58 -27.94 21.26
C ILE A 189 -10.03 -26.52 21.19
N ASN A 190 -8.82 -26.40 20.63
CA ASN A 190 -8.15 -25.12 20.38
C ASN A 190 -8.76 -24.56 19.10
N VAL A 191 -9.79 -23.73 19.25
CA VAL A 191 -10.41 -23.17 18.05
C VAL A 191 -9.50 -22.11 17.46
N ASN A 192 -8.72 -21.43 18.31
CA ASN A 192 -7.88 -20.35 17.85
C ASN A 192 -6.99 -20.78 16.69
N ASP A 193 -6.45 -22.01 16.75
CA ASP A 193 -5.38 -22.34 15.82
C ASP A 193 -5.86 -22.89 14.48
N SER A 194 -7.16 -22.98 14.24
CA SER A 194 -7.60 -23.08 12.85
C SER A 194 -7.05 -21.90 12.06
N VAL A 195 -6.65 -22.13 10.82
CA VAL A 195 -6.17 -21.02 10.00
C VAL A 195 -7.30 -20.04 9.71
N THR A 196 -8.51 -20.55 9.45
CA THR A 196 -9.66 -19.69 9.25
C THR A 196 -10.07 -18.97 10.53
N LYS A 197 -9.33 -19.14 11.62
CA LYS A 197 -9.50 -18.33 12.82
C LYS A 197 -8.29 -17.43 13.05
N SER A 198 -7.13 -18.03 13.30
CA SER A 198 -5.95 -17.28 13.77
C SER A 198 -5.41 -16.35 12.69
N LYS A 199 -5.38 -16.82 11.44
CA LYS A 199 -4.87 -16.01 10.34
C LYS A 199 -6.00 -15.32 9.58
N ASN A 200 -7.18 -15.28 10.18
CA ASN A 200 -8.36 -14.55 9.72
C ASN A 200 -8.77 -13.55 10.79
N ASP A 201 -9.41 -14.05 11.84
CA ASP A 201 -9.82 -13.28 13.02
C ASP A 201 -8.65 -12.50 13.63
N ASN A 202 -7.60 -13.21 14.07
CA ASN A 202 -6.58 -12.54 14.87
C ASN A 202 -5.88 -11.44 14.08
N LYS A 203 -5.61 -11.68 12.80
CA LYS A 203 -4.91 -10.65 11.99
C LYS A 203 -5.87 -9.68 11.31
N TYR A 204 -6.58 -10.13 10.28
CA TYR A 204 -7.43 -9.24 9.50
C TYR A 204 -8.48 -8.56 10.35
N GLY A 205 -9.00 -9.27 11.37
CA GLY A 205 -10.00 -8.68 12.25
C GLY A 205 -9.51 -7.42 12.93
N CYS A 206 -8.33 -7.50 13.53
CA CYS A 206 -7.73 -6.33 14.16
C CYS A 206 -7.36 -5.28 13.12
N ARG A 207 -6.99 -5.71 11.91
CA ARG A 207 -6.78 -4.76 10.82
CA ARG A 207 -6.77 -4.76 10.83
C ARG A 207 -8.02 -3.89 10.61
N HIS A 208 -9.20 -4.52 10.57
CA HIS A 208 -10.45 -3.81 10.40
C HIS A 208 -10.78 -2.93 11.61
N SER A 209 -10.68 -3.50 12.82
CA SER A 209 -11.31 -2.88 13.99
C SER A 209 -10.41 -2.00 14.86
N LEU A 210 -9.08 -2.03 14.71
CA LEU A 210 -8.25 -1.20 15.60
C LEU A 210 -8.34 0.28 15.23
N ASN A 211 -8.09 0.64 13.96
CA ASN A 211 -8.24 2.04 13.59
CA ASN A 211 -8.25 2.03 13.55
C ASN A 211 -9.70 2.47 13.72
N ASP A 212 -10.64 1.55 13.48
CA ASP A 212 -12.04 1.85 13.69
C ASP A 212 -12.28 2.32 15.13
N ALA A 213 -11.72 1.58 16.10
CA ALA A 213 -11.96 1.94 17.50
C ALA A 213 -11.28 3.26 17.86
N ILE A 214 -10.10 3.51 17.31
CA ILE A 214 -9.42 4.74 17.64
C ILE A 214 -10.16 5.94 17.07
N LYS A 215 -10.66 5.82 15.83
CA LYS A 215 -11.43 6.93 15.23
C LYS A 215 -12.62 7.25 16.09
N ARG A 216 -13.41 6.22 16.44
CA ARG A 216 -14.63 6.44 17.22
C ARG A 216 -14.31 7.05 18.58
N GLY A 217 -13.19 6.67 19.19
CA GLY A 217 -12.88 7.18 20.52
C GLY A 217 -12.37 8.59 20.50
N THR A 218 -11.45 8.91 19.57
CA THR A 218 -10.75 10.18 19.54
C THR A 218 -11.04 11.03 18.30
N ASP A 219 -11.53 10.43 17.22
CA ASP A 219 -11.59 11.05 15.89
C ASP A 219 -10.26 11.67 15.50
N HIS A 220 -9.15 11.11 16.00
CA HIS A 220 -7.82 11.60 15.67
C HIS A 220 -7.44 11.27 14.24
N LEU A 221 -6.89 12.26 13.53
CA LEU A 221 -6.14 11.96 12.32
C LEU A 221 -5.00 11.00 12.66
N LEU A 222 -4.84 9.94 11.87
CA LEU A 222 -3.69 9.05 12.10
C LEU A 222 -2.57 9.27 11.12
N SER A 223 -2.90 9.68 9.89
CA SER A 223 -1.89 9.82 8.85
C SER A 223 -0.81 10.79 9.27
N GLY A 224 0.44 10.42 8.97
CA GLY A 224 1.59 11.23 9.29
C GLY A 224 2.01 11.26 10.75
N LYS A 225 1.28 10.58 11.64
CA LYS A 225 1.65 10.52 13.06
C LYS A 225 2.44 9.25 13.34
N GLN A 226 3.04 9.18 14.54
CA GLN A 226 3.97 8.13 14.92
C GLN A 226 3.30 7.10 15.84
N ALA A 227 3.38 5.82 15.48
CA ALA A 227 2.82 4.76 16.31
C ALA A 227 3.91 3.78 16.73
N LEU A 228 3.74 3.21 17.93
CA LEU A 228 4.56 2.11 18.42
C LEU A 228 3.65 0.94 18.77
N VAL A 229 3.80 -0.17 18.05
CA VAL A 229 3.01 -1.38 18.31
C VAL A 229 3.90 -2.38 19.05
N ILE A 230 3.44 -2.81 20.22
CA ILE A 230 4.18 -3.75 21.06
C ILE A 230 3.69 -5.16 20.72
N GLY A 231 4.50 -5.88 19.97
CA GLY A 231 4.16 -7.22 19.54
C GLY A 231 3.93 -7.26 18.05
N TYR A 232 4.33 -8.38 17.45
CA TYR A 232 4.11 -8.62 16.03
C TYR A 232 3.72 -10.08 15.81
N GLY A 233 2.86 -10.61 16.70
CA GLY A 233 2.16 -11.85 16.44
C GLY A 233 1.04 -11.67 15.43
N ASP A 234 0.03 -12.52 15.50
CA ASP A 234 -1.09 -12.36 14.59
C ASP A 234 -1.81 -11.03 14.83
N VAL A 235 -2.08 -10.71 16.10
CA VAL A 235 -2.73 -9.45 16.45
C VAL A 235 -1.83 -8.26 16.10
N GLY A 236 -0.54 -8.34 16.45
CA GLY A 236 0.37 -7.24 16.15
C GLY A 236 0.53 -7.01 14.65
N LYS A 237 0.56 -8.10 13.88
CA LYS A 237 0.65 -7.97 12.42
C LYS A 237 -0.51 -7.13 11.89
N GLY A 238 -1.74 -7.46 12.31
CA GLY A 238 -2.91 -6.80 11.76
C GLY A 238 -3.12 -5.43 12.34
N SER A 239 -2.73 -5.24 13.59
CA SER A 239 -2.73 -3.91 14.21
C SER A 239 -1.77 -2.99 13.48
N SER A 240 -0.55 -3.47 13.24
CA SER A 240 0.43 -2.68 12.51
C SER A 240 -0.13 -2.27 11.15
N GLN A 241 -0.75 -3.24 10.46
CA GLN A 241 -1.39 -2.96 9.18
C GLN A 241 -2.52 -1.94 9.32
N SER A 242 -3.37 -2.10 10.33
CA SER A 242 -4.48 -1.18 10.54
C SER A 242 -3.99 0.26 10.61
N LEU A 243 -2.83 0.48 11.19
CA LEU A 243 -2.27 1.81 11.41
C LEU A 243 -1.46 2.27 10.22
N ARG A 244 -0.68 1.36 9.62
CA ARG A 244 0.12 1.76 8.48
C ARG A 244 -0.74 2.12 7.25
N GLN A 245 -1.87 1.43 7.06
CA GLN A 245 -2.69 1.69 5.87
C GLN A 245 -3.38 3.02 5.98
N GLU A 246 -3.42 3.59 7.18
CA GLU A 246 -3.92 4.92 7.40
C GLU A 246 -2.86 5.99 7.24
N GLY A 247 -1.62 5.62 6.93
CA GLY A 247 -0.54 6.57 6.80
C GLY A 247 0.26 6.86 8.07
N MET A 248 0.11 6.07 9.14
CA MET A 248 0.97 6.26 10.31
C MET A 248 2.41 5.80 10.02
N ILE A 249 3.39 6.49 10.60
CA ILE A 249 4.74 5.94 10.71
C ILE A 249 4.76 4.98 11.90
N VAL A 250 4.83 3.68 11.62
CA VAL A 250 4.62 2.62 12.59
C VAL A 250 5.97 2.00 12.95
N LYS A 251 6.29 1.97 14.24
CA LYS A 251 7.41 1.20 14.76
C LYS A 251 6.88 0.00 15.53
N VAL A 252 7.65 -1.10 15.51
CA VAL A 252 7.24 -2.37 16.12
C VAL A 252 8.28 -2.84 17.13
N ALA A 253 7.80 -3.29 18.30
CA ALA A 253 8.61 -3.98 19.29
C ALA A 253 8.26 -5.45 19.30
N GLU A 254 9.26 -6.28 19.60
CA GLU A 254 9.09 -7.72 19.69
C GLU A 254 10.15 -8.28 20.62
N VAL A 255 9.84 -9.42 21.24
CA VAL A 255 10.86 -10.24 21.88
C VAL A 255 11.25 -11.43 21.00
N ASP A 256 10.39 -11.83 20.08
CA ASP A 256 10.63 -12.98 19.23
C ASP A 256 11.36 -12.54 17.98
N PRO A 257 12.58 -12.97 17.75
CA PRO A 257 13.34 -12.45 16.62
C PRO A 257 12.74 -12.84 15.28
N ILE A 258 12.04 -13.98 15.21
CA ILE A 258 11.38 -14.37 13.95
C ILE A 258 10.26 -13.38 13.62
N CYS A 259 9.40 -13.09 14.59
CA CYS A 259 8.36 -12.10 14.33
C CYS A 259 8.98 -10.73 14.02
N ALA A 260 10.09 -10.39 14.67
CA ALA A 260 10.79 -9.14 14.38
C ALA A 260 11.36 -9.14 12.96
N MET A 261 11.85 -10.29 12.50
N MET A 261 11.84 -10.29 12.50
CA MET A 261 12.30 -10.39 11.11
CA MET A 261 12.29 -10.38 11.11
C MET A 261 11.15 -10.08 10.16
C MET A 261 11.15 -10.08 10.16
N GLN A 262 9.96 -10.60 10.45
CA GLN A 262 8.82 -10.35 9.58
C GLN A 262 8.49 -8.86 9.55
N ALA A 263 8.55 -8.21 10.71
CA ALA A 263 8.24 -6.78 10.77
C ALA A 263 9.21 -6.00 9.90
N CYS A 264 10.50 -6.30 9.99
CA CYS A 264 11.48 -5.65 9.13
C CYS A 264 11.10 -5.82 7.67
N MET A 265 10.86 -7.07 7.26
CA MET A 265 10.60 -7.38 5.87
C MET A 265 9.29 -6.75 5.39
N ASP A 266 8.32 -6.60 6.29
CA ASP A 266 7.07 -5.91 5.99
C ASP A 266 7.22 -4.38 5.92
N GLY A 267 8.43 -3.86 6.11
CA GLY A 267 8.67 -2.44 5.99
C GLY A 267 8.52 -1.63 7.26
N PHE A 268 8.67 -2.23 8.43
CA PHE A 268 8.63 -1.51 9.69
C PHE A 268 10.01 -1.45 10.34
N GLU A 269 10.22 -0.39 11.11
CA GLU A 269 11.43 -0.24 11.92
C GLU A 269 11.18 -0.94 13.26
N VAL A 270 12.10 -1.80 13.67
CA VAL A 270 11.94 -2.55 14.91
C VAL A 270 12.74 -1.88 16.02
N VAL A 271 12.06 -1.48 17.09
CA VAL A 271 12.67 -0.69 18.16
C VAL A 271 12.24 -1.31 19.47
N SER A 272 13.00 -0.98 20.53
CA SER A 272 12.58 -1.35 21.86
C SER A 272 12.32 -0.12 22.74
N PRO A 273 11.29 -0.16 23.58
CA PRO A 273 11.11 0.91 24.59
C PRO A 273 12.30 1.09 25.51
N TYR A 274 13.15 0.08 25.68
CA TYR A 274 14.27 0.15 26.59
C TYR A 274 15.54 0.22 25.77
N LYS A 275 16.46 1.08 26.20
CA LYS A 275 17.79 1.14 25.61
C LYS A 275 18.39 -0.27 25.50
N ASN A 276 18.85 -0.62 24.29
CA ASN A 276 19.42 -1.94 24.01
C ASN A 276 18.47 -3.07 24.36
N GLY A 277 17.17 -2.79 24.39
CA GLY A 277 16.19 -3.79 24.72
C GLY A 277 16.24 -4.32 26.15
N ILE A 278 16.94 -3.65 27.08
CA ILE A 278 17.11 -4.19 28.42
C ILE A 278 16.22 -3.43 29.41
N ASN A 279 15.27 -4.15 29.98
CA ASN A 279 14.23 -3.65 30.88
C ASN A 279 14.67 -4.00 32.29
N ASP A 280 15.40 -3.06 32.92
CA ASP A 280 15.93 -3.28 34.26
C ASP A 280 15.08 -2.61 35.33
N GLY A 281 13.89 -2.11 34.98
CA GLY A 281 13.03 -1.44 35.94
C GLY A 281 13.37 -0.01 36.30
N THR A 282 14.39 0.60 35.69
CA THR A 282 14.71 1.99 36.03
C THR A 282 14.15 2.94 34.98
N GLU A 283 13.88 4.18 35.41
CA GLU A 283 13.55 5.24 34.48
C GLU A 283 14.64 5.38 33.42
N ALA A 284 15.89 5.17 33.81
CA ALA A 284 17.02 5.41 32.92
C ALA A 284 17.05 4.40 31.76
N SER A 285 16.49 3.21 31.93
CA SER A 285 16.50 2.25 30.83
C SER A 285 15.52 2.60 29.72
N ILE A 286 14.52 3.46 29.99
CA ILE A 286 13.58 3.89 28.96
C ILE A 286 14.31 4.70 27.91
N ASP A 287 14.12 4.33 26.64
CA ASP A 287 14.53 5.20 25.55
C ASP A 287 13.58 6.40 25.48
N ALA A 288 13.91 7.45 26.24
CA ALA A 288 13.01 8.59 26.39
C ALA A 288 12.87 9.37 25.09
N ALA A 289 13.92 9.42 24.28
CA ALA A 289 13.83 10.13 23.01
C ALA A 289 12.83 9.46 22.09
N LEU A 290 12.82 8.13 22.06
CA LEU A 290 11.87 7.40 21.22
C LEU A 290 10.44 7.58 21.71
N LEU A 291 10.23 7.42 23.03
CA LEU A 291 8.87 7.47 23.56
C LEU A 291 8.29 8.88 23.52
N GLY A 292 9.14 9.90 23.69
CA GLY A 292 8.71 11.28 23.53
C GLY A 292 8.24 11.65 22.13
N LYS A 293 8.46 10.79 21.14
CA LYS A 293 8.01 11.02 19.77
C LYS A 293 6.72 10.30 19.42
N ILE A 294 6.20 9.45 20.31
CA ILE A 294 5.18 8.48 19.96
C ILE A 294 3.81 9.10 20.21
N ASP A 295 2.96 9.13 19.17
CA ASP A 295 1.61 9.66 19.32
C ASP A 295 0.61 8.60 19.76
N LEU A 296 0.92 7.33 19.58
CA LEU A 296 -0.04 6.26 19.83
C LEU A 296 0.72 4.98 20.13
N ILE A 297 0.36 4.33 21.23
CA ILE A 297 0.95 3.06 21.56
C ILE A 297 -0.17 2.04 21.72
N VAL A 298 0.06 0.85 21.15
CA VAL A 298 -0.91 -0.25 21.12
C VAL A 298 -0.20 -1.52 21.59
N THR A 299 -0.78 -2.21 22.58
CA THR A 299 -0.24 -3.49 23.03
C THR A 299 -1.04 -4.65 22.44
N THR A 300 -0.32 -5.68 21.98
CA THR A 300 -0.89 -6.82 21.26
C THR A 300 -0.33 -8.16 21.73
N THR A 301 0.18 -8.24 22.96
CA THR A 301 1.09 -9.33 23.31
C THR A 301 0.44 -10.52 24.02
N GLY A 302 -0.59 -10.31 24.83
CA GLY A 302 -0.99 -11.40 25.73
C GLY A 302 -0.01 -11.64 26.87
N ASN A 303 0.99 -10.78 27.02
CA ASN A 303 1.97 -10.78 28.10
C ASN A 303 1.60 -9.72 29.15
N VAL A 304 2.36 -9.67 30.24
CA VAL A 304 2.06 -8.78 31.36
C VAL A 304 2.99 -7.57 31.31
N ASN A 305 2.42 -6.36 31.42
CA ASN A 305 3.16 -5.13 31.68
C ASN A 305 4.15 -4.79 30.54
N VAL A 306 3.66 -4.85 29.30
CA VAL A 306 4.52 -4.54 28.17
C VAL A 306 4.48 -3.05 27.81
N CYS A 307 3.61 -2.28 28.46
CA CYS A 307 3.60 -0.82 28.39
C CYS A 307 3.59 -0.41 29.86
N ASP A 308 4.77 -0.21 30.44
CA ASP A 308 4.87 -0.11 31.89
C ASP A 308 4.85 1.35 32.34
N ALA A 309 4.97 1.53 33.65
CA ALA A 309 4.80 2.84 34.28
C ALA A 309 5.85 3.82 33.78
N ASN A 310 7.10 3.40 33.68
CA ASN A 310 8.12 4.32 33.19
C ASN A 310 7.84 4.72 31.74
N MET A 311 7.43 3.76 30.90
CA MET A 311 7.02 4.04 29.53
C MET A 311 5.93 5.10 29.51
N LEU A 312 4.91 4.93 30.35
CA LEU A 312 3.82 5.89 30.42
C LEU A 312 4.33 7.26 30.86
N LYS A 313 5.30 7.31 31.76
CA LYS A 313 5.85 8.60 32.16
C LYS A 313 6.58 9.28 31.00
N ALA A 314 7.19 8.50 30.13
CA ALA A 314 8.04 9.02 29.07
C ALA A 314 7.28 9.43 27.80
N LEU A 315 6.01 9.05 27.67
CA LEU A 315 5.30 9.27 26.41
C LEU A 315 5.16 10.75 26.11
N LYS A 316 5.27 11.09 24.83
CA LYS A 316 4.80 12.36 24.31
C LYS A 316 3.48 12.78 24.98
N LYS A 317 3.40 14.06 25.34
CA LYS A 317 2.13 14.66 25.79
C LYS A 317 1.01 14.37 24.81
N ARG A 318 -0.12 13.92 25.32
CA ARG A 318 -1.35 13.70 24.57
C ARG A 318 -1.31 12.43 23.72
N ALA A 319 -0.30 11.60 23.83
CA ALA A 319 -0.34 10.31 23.16
C ALA A 319 -1.61 9.53 23.52
N VAL A 320 -2.05 8.65 22.61
CA VAL A 320 -3.13 7.70 22.88
C VAL A 320 -2.52 6.36 23.30
N VAL A 321 -3.14 5.75 24.31
CA VAL A 321 -2.72 4.49 24.88
C VAL A 321 -3.87 3.50 24.78
N CYS A 322 -3.61 2.30 24.23
CA CYS A 322 -4.68 1.31 24.15
C CYS A 322 -4.09 -0.11 24.04
N ASN A 323 -4.92 -1.08 24.42
CA ASN A 323 -4.56 -2.49 24.40
C ASN A 323 -5.57 -3.25 23.57
N ILE A 324 -5.10 -4.11 22.66
CA ILE A 324 -5.97 -4.99 21.90
C ILE A 324 -5.65 -6.46 22.17
N GLY A 325 -4.76 -6.75 23.12
CA GLY A 325 -4.64 -8.08 23.68
C GLY A 325 -5.83 -8.39 24.58
N HIS A 326 -5.90 -9.62 25.03
CA HIS A 326 -7.13 -10.08 25.67
C HIS A 326 -7.37 -9.48 27.05
N PHE A 327 -6.32 -9.27 27.84
CA PHE A 327 -6.51 -8.70 29.18
C PHE A 327 -5.85 -7.33 29.31
N ASP A 328 -6.33 -6.56 30.27
CA ASP A 328 -5.90 -5.18 30.43
C ASP A 328 -4.58 -5.04 31.18
N ASN A 329 -3.98 -6.14 31.65
CA ASN A 329 -2.73 -5.99 32.39
C ASN A 329 -1.53 -5.84 31.46
N GLU A 330 -1.73 -5.75 30.15
CA GLU A 330 -0.63 -5.36 29.27
C GLU A 330 -0.12 -3.97 29.59
N ILE A 331 -0.98 -3.10 30.13
CA ILE A 331 -0.65 -1.71 30.44
C ILE A 331 -0.77 -1.53 31.95
N ASP A 332 0.22 -0.87 32.55
CA ASP A 332 0.18 -0.61 33.99
C ASP A 332 -0.86 0.44 34.36
N THR A 333 -2.14 0.16 34.09
CA THR A 333 -3.17 1.15 34.40
C THR A 333 -3.33 1.36 35.90
N ALA A 334 -2.93 0.38 36.71
CA ALA A 334 -3.06 0.54 38.15
C ALA A 334 -2.16 1.67 38.65
N PHE A 335 -0.90 1.68 38.21
CA PHE A 335 -0.02 2.82 38.44
C PHE A 335 -0.74 4.12 38.12
N MET A 336 -1.46 4.15 37.00
CA MET A 336 -2.07 5.40 36.57
C MET A 336 -3.20 5.81 37.51
N ARG A 337 -3.99 4.85 37.98
CA ARG A 337 -5.04 5.18 38.96
C ARG A 337 -4.42 5.65 40.26
N LYS A 338 -3.22 5.16 40.59
CA LYS A 338 -2.63 5.51 41.86
C LYS A 338 -2.07 6.92 41.87
N ASN A 339 -1.58 7.38 40.73
CA ASN A 339 -0.77 8.59 40.67
C ASN A 339 -1.41 9.74 39.89
N TRP A 340 -2.28 9.46 38.92
CA TRP A 340 -2.75 10.48 37.98
C TRP A 340 -4.27 10.63 38.03
N ALA A 341 -4.71 11.88 37.85
CA ALA A 341 -6.13 12.19 37.84
C ALA A 341 -6.75 11.81 36.50
N TRP A 342 -7.91 11.16 36.56
CA TRP A 342 -8.61 10.70 35.36
C TRP A 342 -9.77 11.64 35.05
N GLU A 343 -9.88 12.04 33.80
CA GLU A 343 -10.98 12.88 33.31
C GLU A 343 -11.70 12.10 32.22
N GLU A 344 -12.97 11.77 32.46
CA GLU A 344 -13.77 11.14 31.42
C GLU A 344 -14.11 12.15 30.33
N VAL A 345 -13.69 11.87 29.10
CA VAL A 345 -14.21 12.60 27.96
C VAL A 345 -15.62 12.15 27.67
N LYS A 346 -15.78 10.86 27.44
CA LYS A 346 -17.03 10.15 27.26
C LYS A 346 -16.76 8.70 27.61
N PRO A 347 -17.80 7.86 27.68
CA PRO A 347 -17.57 6.46 28.08
C PRO A 347 -16.45 5.83 27.26
N GLN A 348 -15.54 5.15 27.96
CA GLN A 348 -14.40 4.44 27.38
C GLN A 348 -13.34 5.36 26.78
N VAL A 349 -13.37 6.65 27.06
CA VAL A 349 -12.30 7.57 26.69
C VAL A 349 -11.98 8.41 27.92
N HIS A 350 -10.73 8.34 28.39
CA HIS A 350 -10.29 9.06 29.57
C HIS A 350 -8.98 9.77 29.30
N LYS A 351 -8.92 11.06 29.62
CA LYS A 351 -7.66 11.78 29.73
C LYS A 351 -7.09 11.53 31.13
N ILE A 352 -5.79 11.24 31.18
CA ILE A 352 -5.10 10.95 32.43
C ILE A 352 -4.05 12.02 32.63
N HIS A 353 -4.26 12.90 33.60
CA HIS A 353 -3.41 14.07 33.78
C HIS A 353 -2.19 13.69 34.61
N ARG A 354 -1.02 13.76 33.99
CA ARG A 354 0.23 13.41 34.63
C ARG A 354 0.72 14.50 35.59
N THR A 355 -0.11 15.52 35.82
CA THR A 355 0.21 16.59 36.76
C THR A 355 0.02 16.20 38.22
N GLY A 356 -0.58 15.04 38.51
CA GLY A 356 -0.81 14.70 39.91
C GLY A 356 -2.12 13.95 40.12
N LYS A 357 -2.42 13.61 41.37
CA LYS A 357 -3.59 12.78 41.68
C LYS A 357 -4.84 13.58 42.01
N ASP A 358 -4.71 14.61 42.86
CA ASP A 358 -5.87 15.33 43.39
C ASP A 358 -6.32 16.38 42.38
N GLY A 359 -7.27 16.01 41.53
CA GLY A 359 -7.83 16.96 40.59
C GLY A 359 -6.87 17.29 39.46
N PHE A 360 -7.31 18.22 38.60
CA PHE A 360 -6.59 18.58 37.40
C PHE A 360 -7.11 19.92 36.87
N ASP A 361 -6.27 20.54 36.05
CA ASP A 361 -6.62 21.74 35.32
C ASP A 361 -7.31 21.34 34.01
N ALA A 362 -8.51 21.89 33.79
CA ALA A 362 -9.26 21.49 32.60
C ALA A 362 -8.52 21.82 31.31
N HIS A 363 -7.52 22.70 31.38
CA HIS A 363 -6.76 23.11 30.21
C HIS A 363 -5.33 22.60 30.22
N ASN A 364 -5.01 21.68 31.13
CA ASN A 364 -3.69 21.07 31.13
C ASN A 364 -3.38 20.42 29.80
N ASP A 365 -2.16 20.62 29.33
CA ASP A 365 -1.72 19.94 28.14
C ASP A 365 -0.94 18.65 28.41
N ASP A 366 -0.63 18.32 29.67
CA ASP A 366 0.17 17.13 29.98
C ASP A 366 -0.74 15.98 30.40
N TYR A 367 -1.40 15.37 29.43
CA TYR A 367 -2.26 14.25 29.71
C TYR A 367 -2.01 13.16 28.69
N LEU A 368 -2.52 11.98 28.99
CA LEU A 368 -2.63 10.91 28.02
C LEU A 368 -4.10 10.61 27.77
N ILE A 369 -4.39 10.04 26.60
CA ILE A 369 -5.72 9.51 26.31
C ILE A 369 -5.68 8.00 26.37
N LEU A 370 -6.43 7.43 27.30
CA LEU A 370 -6.54 5.99 27.47
C LEU A 370 -7.90 5.53 26.93
N LEU A 371 -7.89 4.54 26.05
CA LEU A 371 -9.14 4.01 25.49
C LEU A 371 -9.59 2.77 26.27
N ALA A 372 -10.89 2.72 26.57
CA ALA A 372 -11.54 1.54 27.18
C ALA A 372 -10.84 1.05 28.46
N GLU A 373 -10.13 1.95 29.13
CA GLU A 373 -9.48 1.64 30.41
C GLU A 373 -8.52 0.48 30.26
N GLY A 374 -7.88 0.37 29.11
CA GLY A 374 -6.92 -0.68 28.89
C GLY A 374 -7.52 -1.99 28.44
N ARG A 375 -8.85 -2.13 28.51
CA ARG A 375 -9.51 -3.34 28.01
C ARG A 375 -9.48 -3.38 26.49
N LEU A 376 -9.66 -4.60 25.94
CA LEU A 376 -9.64 -4.85 24.45
C LEU A 376 -10.22 -3.63 23.76
N VAL A 377 -9.42 -2.96 22.93
CA VAL A 377 -9.92 -1.66 22.48
C VAL A 377 -10.88 -1.78 21.28
N ASN A 378 -10.73 -2.80 20.44
CA ASN A 378 -11.61 -2.87 19.27
C ASN A 378 -13.05 -3.21 19.65
N LEU A 379 -13.25 -3.95 20.75
CA LEU A 379 -14.59 -4.23 21.21
C LEU A 379 -15.07 -3.19 22.21
N GLY A 380 -14.13 -2.55 22.91
CA GLY A 380 -14.46 -1.55 23.92
C GLY A 380 -14.93 -0.25 23.32
N ASN A 381 -14.31 0.18 22.22
CA ASN A 381 -14.60 1.48 21.63
C ASN A 381 -15.20 1.40 20.26
N ALA A 382 -15.38 0.20 19.71
CA ALA A 382 -16.06 0.00 18.44
C ALA A 382 -16.89 -1.27 18.61
N THR A 383 -16.97 -2.13 17.59
CA THR A 383 -17.82 -3.32 17.64
C THR A 383 -17.02 -4.57 17.32
N GLY A 384 -15.70 -4.53 17.54
CA GLY A 384 -14.81 -5.63 17.28
C GLY A 384 -14.79 -6.02 15.82
N HIS A 385 -14.43 -7.28 15.56
CA HIS A 385 -14.28 -7.74 14.19
C HIS A 385 -15.63 -7.72 13.47
N PRO A 386 -15.62 -7.59 12.15
CA PRO A 386 -16.88 -7.62 11.40
C PRO A 386 -17.43 -9.03 11.21
N SER A 387 -18.75 -9.08 11.01
CA SER A 387 -19.48 -10.33 10.80
C SER A 387 -18.77 -11.30 9.87
N ARG A 388 -18.33 -10.81 8.70
CA ARG A 388 -17.82 -11.74 7.69
C ARG A 388 -16.47 -12.34 8.09
N ILE A 389 -15.74 -11.69 8.98
CA ILE A 389 -14.53 -12.32 9.50
C ILE A 389 -14.90 -13.33 10.58
N MET A 390 -15.85 -12.95 11.45
CA MET A 390 -16.24 -13.81 12.55
C MET A 390 -16.95 -15.07 12.05
N ASP A 391 -17.43 -15.03 10.80
CA ASP A 391 -18.00 -16.20 10.17
C ASP A 391 -17.07 -17.40 10.31
N GLY A 392 -15.79 -17.22 9.96
CA GLY A 392 -14.83 -18.31 10.03
C GLY A 392 -14.59 -18.80 11.45
N SER A 393 -14.30 -17.89 12.36
CA SER A 393 -14.09 -18.29 13.76
C SER A 393 -15.31 -19.03 14.29
N PHE A 394 -16.51 -18.54 13.99
CA PHE A 394 -17.67 -19.10 14.64
C PHE A 394 -18.17 -20.36 13.95
N ALA A 395 -17.81 -20.56 12.69
CA ALA A 395 -18.03 -21.86 12.06
C ALA A 395 -17.13 -22.91 12.69
N ASN A 396 -15.86 -22.56 12.98
CA ASN A 396 -14.98 -23.47 13.71
C ASN A 396 -15.55 -23.84 15.08
N GLN A 397 -16.12 -22.86 15.78
CA GLN A 397 -16.74 -23.14 17.06
C GLN A 397 -17.86 -24.15 16.92
N VAL A 398 -18.76 -23.95 15.95
CA VAL A 398 -19.91 -24.86 15.87
C VAL A 398 -19.42 -26.28 15.62
N LEU A 399 -18.47 -26.45 14.69
CA LEU A 399 -17.93 -27.76 14.39
C LEU A 399 -17.31 -28.42 15.63
N ALA A 400 -16.56 -27.62 16.40
CA ALA A 400 -15.90 -28.11 17.60
C ALA A 400 -16.90 -28.56 18.64
N GLN A 401 -17.98 -27.78 18.82
CA GLN A 401 -19.06 -28.19 19.72
C GLN A 401 -19.63 -29.53 19.28
N ILE A 402 -20.11 -29.61 18.03
CA ILE A 402 -20.67 -30.87 17.54
C ILE A 402 -19.73 -32.02 17.84
N HIS A 403 -18.44 -31.83 17.56
CA HIS A 403 -17.49 -32.93 17.73
C HIS A 403 -17.40 -33.37 19.17
N LEU A 404 -17.07 -32.45 20.08
CA LEU A 404 -16.87 -32.83 21.48
C LEU A 404 -18.19 -33.32 22.10
N PHE A 405 -19.31 -32.74 21.70
CA PHE A 405 -20.58 -33.25 22.21
C PHE A 405 -20.83 -34.67 21.73
N GLU A 406 -20.45 -34.98 20.49
CA GLU A 406 -20.65 -36.33 19.98
C GLU A 406 -19.74 -37.34 20.65
N GLN A 407 -18.56 -36.91 21.07
CA GLN A 407 -17.60 -37.84 21.66
C GLN A 407 -17.94 -38.24 23.08
N LYS A 408 -18.83 -37.50 23.74
CA LYS A 408 -19.33 -37.83 25.08
C LYS A 408 -18.21 -38.22 26.05
N TYR A 409 -17.21 -37.33 26.18
CA TYR A 409 -16.12 -37.60 27.11
C TYR A 409 -16.62 -37.88 28.52
N ALA A 410 -17.68 -37.17 28.94
CA ALA A 410 -18.15 -37.24 30.31
C ALA A 410 -18.69 -38.63 30.67
N ASP A 411 -19.01 -39.45 29.68
CA ASP A 411 -19.61 -40.76 29.93
C ASP A 411 -18.57 -41.90 29.91
N LEU A 412 -17.30 -41.58 29.86
CA LEU A 412 -16.28 -42.61 29.86
C LEU A 412 -15.95 -43.07 31.28
N PRO A 413 -15.44 -44.29 31.42
CA PRO A 413 -14.79 -44.66 32.67
C PRO A 413 -13.55 -43.81 32.92
N ALA A 414 -13.15 -43.76 34.18
CA ALA A 414 -11.95 -43.01 34.57
C ALA A 414 -10.77 -43.36 33.67
N ALA A 415 -10.63 -44.63 33.30
CA ALA A 415 -9.49 -45.06 32.51
C ALA A 415 -9.56 -44.52 31.08
N GLU A 416 -10.75 -44.51 30.47
CA GLU A 416 -10.87 -43.98 29.11
C GLU A 416 -10.72 -42.46 29.09
N LYS A 417 -11.30 -41.79 30.09
CA LYS A 417 -11.08 -40.36 30.23
C LYS A 417 -9.60 -40.05 30.16
N ALA A 418 -8.81 -40.78 30.96
CA ALA A 418 -7.37 -40.50 31.07
C ALA A 418 -6.68 -40.54 29.72
N LYS A 419 -6.93 -41.59 28.95
CA LYS A 419 -6.36 -41.64 27.60
C LYS A 419 -6.93 -40.55 26.71
N ARG A 420 -8.13 -40.08 26.99
CA ARG A 420 -8.83 -39.21 26.06
C ARG A 420 -8.62 -37.71 26.36
N LEU A 421 -7.99 -37.38 27.48
CA LEU A 421 -7.83 -35.97 27.86
C LEU A 421 -6.75 -35.31 27.02
N SER A 422 -7.12 -34.23 26.34
CA SER A 422 -6.25 -33.64 25.32
C SER A 422 -6.73 -32.24 24.95
N VAL A 423 -5.82 -31.48 24.35
CA VAL A 423 -6.15 -30.22 23.68
C VAL A 423 -5.85 -30.43 22.21
N GLU A 424 -6.90 -30.44 21.38
CA GLU A 424 -6.75 -30.74 19.97
CA GLU A 424 -6.80 -30.76 19.96
C GLU A 424 -7.25 -29.56 19.13
N VAL A 425 -6.91 -29.61 17.84
CA VAL A 425 -7.36 -28.63 16.86
C VAL A 425 -8.28 -29.33 15.86
N LEU A 426 -9.04 -28.52 15.12
CA LEU A 426 -9.83 -29.05 14.02
C LEU A 426 -8.92 -29.64 12.95
N PRO A 427 -9.36 -30.72 12.28
CA PRO A 427 -8.62 -31.25 11.13
C PRO A 427 -8.62 -30.28 9.96
N LYS A 428 -7.56 -30.36 9.16
CA LYS A 428 -7.38 -29.42 8.06
C LYS A 428 -8.57 -29.45 7.10
N LYS A 429 -9.11 -30.64 6.82
CA LYS A 429 -10.23 -30.76 5.89
C LYS A 429 -11.38 -29.83 6.29
N LEU A 430 -11.70 -29.78 7.58
CA LEU A 430 -12.73 -28.87 8.04
C LEU A 430 -12.28 -27.41 7.91
N ASP A 431 -11.04 -27.12 8.32
CA ASP A 431 -10.44 -25.82 8.09
C ASP A 431 -10.63 -25.39 6.64
N GLU A 432 -10.29 -26.28 5.70
CA GLU A 432 -10.41 -25.96 4.29
C GLU A 432 -11.86 -25.72 3.90
N GLU A 433 -12.79 -26.52 4.40
CA GLU A 433 -14.18 -26.39 4.00
C GLU A 433 -14.77 -25.09 4.51
N VAL A 434 -14.33 -24.65 5.70
CA VAL A 434 -14.77 -23.36 6.21
C VAL A 434 -14.28 -22.26 5.30
N ALA A 435 -13.03 -22.34 4.88
CA ALA A 435 -12.47 -21.35 3.99
C ALA A 435 -13.24 -21.31 2.67
N LEU A 436 -13.63 -22.48 2.16
CA LEU A 436 -14.30 -22.48 0.86
C LEU A 436 -15.55 -21.64 0.92
N GLU A 437 -16.29 -21.75 2.02
CA GLU A 437 -17.53 -20.99 2.13
C GLU A 437 -17.24 -19.50 2.27
N MET A 438 -16.21 -19.15 3.04
CA MET A 438 -15.83 -17.75 3.11
C MET A 438 -15.48 -17.22 1.73
N VAL A 439 -14.74 -18.01 0.94
CA VAL A 439 -14.31 -17.53 -0.37
C VAL A 439 -15.50 -17.34 -1.29
N LYS A 440 -16.42 -18.29 -1.25
CA LYS A 440 -17.65 -18.18 -2.02
C LYS A 440 -18.41 -16.93 -1.62
N GLY A 441 -18.35 -16.57 -0.34
CA GLY A 441 -19.01 -15.37 0.13
C GLY A 441 -18.52 -14.11 -0.58
N PHE A 442 -17.25 -14.06 -0.93
CA PHE A 442 -16.70 -12.95 -1.69
C PHE A 442 -16.93 -13.06 -3.20
N GLY A 443 -17.58 -14.12 -3.68
CA GLY A 443 -17.65 -14.35 -5.10
C GLY A 443 -16.40 -14.97 -5.69
N GLY A 444 -15.41 -15.36 -4.88
CA GLY A 444 -14.23 -16.03 -5.41
C GLY A 444 -14.56 -17.40 -5.97
N VAL A 445 -13.78 -17.83 -6.96
CA VAL A 445 -13.96 -19.10 -7.66
C VAL A 445 -12.68 -19.91 -7.52
N VAL A 446 -12.76 -21.01 -6.76
CA VAL A 446 -11.62 -21.87 -6.49
C VAL A 446 -11.43 -22.79 -7.68
N THR A 447 -10.19 -22.99 -8.08
CA THR A 447 -9.94 -23.93 -9.16
C THR A 447 -9.89 -25.34 -8.61
N GLN A 448 -10.33 -26.28 -9.44
CA GLN A 448 -10.32 -27.70 -9.12
C GLN A 448 -9.15 -28.35 -9.86
N LEU A 449 -8.31 -29.08 -9.12
CA LEU A 449 -7.24 -29.87 -9.72
C LEU A 449 -7.79 -30.86 -10.75
N THR A 450 -7.03 -31.08 -11.82
CA THR A 450 -7.28 -32.23 -12.66
C THR A 450 -6.71 -33.48 -11.98
N PRO A 451 -7.17 -34.67 -12.38
CA PRO A 451 -6.59 -35.89 -11.75
C PRO A 451 -5.07 -35.94 -11.86
N LYS A 452 -4.52 -35.64 -13.04
CA LYS A 452 -3.07 -35.65 -13.21
C LYS A 452 -2.38 -34.65 -12.28
N GLN A 453 -2.96 -33.45 -12.11
CA GLN A 453 -2.35 -32.49 -11.20
C GLN A 453 -2.42 -32.96 -9.74
N ALA A 454 -3.57 -33.52 -9.32
CA ALA A 454 -3.68 -34.01 -7.95
C ALA A 454 -2.69 -35.15 -7.71
N GLU A 455 -2.53 -36.03 -8.69
CA GLU A 455 -1.48 -37.03 -8.64
C GLU A 455 -0.11 -36.37 -8.51
N TYR A 456 0.13 -35.32 -9.30
CA TYR A 456 1.47 -34.77 -9.44
C TYR A 456 1.97 -34.18 -8.14
N ILE A 457 1.08 -33.54 -7.37
CA ILE A 457 1.48 -32.97 -6.09
C ILE A 457 1.05 -33.86 -4.92
N GLY A 458 0.55 -35.07 -5.19
CA GLY A 458 0.22 -36.04 -4.15
C GLY A 458 -0.89 -35.64 -3.20
N VAL A 459 -2.02 -35.15 -3.73
CA VAL A 459 -3.17 -34.75 -2.94
C VAL A 459 -4.42 -35.38 -3.54
N SER A 460 -5.51 -35.37 -2.76
CA SER A 460 -6.81 -35.72 -3.29
C SER A 460 -7.49 -34.48 -3.85
N VAL A 461 -8.23 -34.69 -4.95
CA VAL A 461 -8.90 -33.58 -5.64
C VAL A 461 -9.72 -32.75 -4.67
N GLU A 462 -10.21 -33.36 -3.60
CA GLU A 462 -11.06 -32.63 -2.65
C GLU A 462 -10.26 -32.08 -1.47
N GLY A 463 -8.95 -32.31 -1.41
CA GLY A 463 -8.17 -31.91 -0.26
C GLY A 463 -8.08 -33.02 0.78
N PRO A 464 -7.32 -32.81 1.86
CA PRO A 464 -6.54 -31.60 2.12
C PRO A 464 -5.50 -31.34 1.06
N PHE A 465 -5.08 -30.08 0.93
CA PHE A 465 -4.15 -29.65 -0.10
C PHE A 465 -2.75 -29.38 0.46
N LYS A 466 -2.57 -29.44 1.78
CA LYS A 466 -1.32 -29.11 2.45
C LYS A 466 -1.01 -30.15 3.52
N PRO A 467 0.26 -30.42 3.79
CA PRO A 467 0.61 -31.22 4.97
C PRO A 467 0.30 -30.45 6.25
N ASP A 468 0.12 -31.19 7.34
CA ASP A 468 -0.20 -30.55 8.63
C ASP A 468 0.90 -29.60 9.08
N THR A 469 2.11 -29.74 8.53
CA THR A 469 3.17 -28.82 8.93
C THR A 469 3.06 -27.44 8.28
N TYR A 470 2.18 -27.23 7.30
CA TYR A 470 2.17 -25.99 6.50
C TYR A 470 1.76 -24.78 7.33
N ARG A 471 2.46 -23.66 7.10
CA ARG A 471 2.26 -22.45 7.90
C ARG A 471 1.38 -21.39 7.22
N TYR A 472 1.15 -21.49 5.91
CA TYR A 472 0.35 -20.49 5.16
C TYR A 472 0.95 -19.09 5.30
N GLY B 12 -29.03 34.77 31.52
CA GLY B 12 -29.98 34.02 30.71
C GLY B 12 -29.90 34.30 29.22
N PHE B 13 -29.20 33.42 28.49
CA PHE B 13 -29.04 33.54 27.04
C PHE B 13 -29.94 32.55 26.33
N THR B 14 -30.84 33.05 25.47
CA THR B 14 -31.82 32.18 24.82
C THR B 14 -31.80 32.21 23.29
N ASP B 15 -30.86 32.92 22.66
CA ASP B 15 -30.88 33.16 21.22
C ASP B 15 -30.15 32.03 20.47
N TYR B 16 -30.78 30.86 20.46
CA TYR B 16 -30.21 29.69 19.80
C TYR B 16 -31.26 28.58 19.76
N LYS B 17 -30.88 27.43 19.17
CA LYS B 17 -31.74 26.24 19.22
C LYS B 17 -30.88 25.01 18.89
N VAL B 18 -30.81 24.07 19.84
CA VAL B 18 -29.98 22.88 19.72
C VAL B 18 -30.78 21.69 20.22
N ALA B 19 -30.26 20.50 19.94
CA ALA B 19 -30.93 19.28 20.38
C ALA B 19 -30.98 19.20 21.91
N ASP B 20 -29.85 19.47 22.57
CA ASP B 20 -29.72 19.18 24.00
C ASP B 20 -28.64 20.07 24.57
N ILE B 21 -29.04 21.10 25.32
CA ILE B 21 -28.03 21.97 25.91
C ILE B 21 -27.20 21.26 26.99
N THR B 22 -27.73 20.19 27.64
CA THR B 22 -26.90 19.50 28.64
C THR B 22 -25.75 18.68 28.03
N LEU B 23 -25.47 18.80 26.74
CA LEU B 23 -24.30 18.18 26.13
C LEU B 23 -23.12 19.13 26.03
N ALA B 24 -23.27 20.36 26.53
CA ALA B 24 -22.24 21.39 26.37
C ALA B 24 -20.91 20.92 26.97
N ALA B 25 -20.95 20.42 28.21
CA ALA B 25 -19.70 20.03 28.90
C ALA B 25 -18.94 18.99 28.09
N TRP B 26 -19.65 18.02 27.53
CA TRP B 26 -18.98 17.03 26.68
C TRP B 26 -18.39 17.70 25.44
N GLY B 27 -19.13 18.65 24.85
CA GLY B 27 -18.60 19.34 23.69
C GLY B 27 -17.36 20.15 24.02
N ARG B 28 -17.36 20.82 25.18
CA ARG B 28 -16.19 21.62 25.55
C ARG B 28 -14.97 20.74 25.82
N ARG B 29 -15.16 19.57 26.43
CA ARG B 29 -14.04 18.62 26.52
C ARG B 29 -13.48 18.31 25.13
N GLU B 30 -14.36 18.01 24.16
CA GLU B 30 -13.88 17.67 22.83
C GLU B 30 -13.29 18.89 22.12
N LEU B 31 -13.79 20.10 22.43
CA LEU B 31 -13.19 21.31 21.87
C LEU B 31 -11.77 21.52 22.38
N ILE B 32 -11.56 21.29 23.68
CA ILE B 32 -10.22 21.47 24.23
C ILE B 32 -9.24 20.46 23.62
N ILE B 33 -9.69 19.24 23.37
CA ILE B 33 -8.85 18.28 22.66
C ILE B 33 -8.58 18.76 21.24
N ALA B 34 -9.61 19.22 20.55
CA ALA B 34 -9.45 19.62 19.15
C ALA B 34 -8.58 20.85 18.98
N GLU B 35 -8.46 21.70 20.02
CA GLU B 35 -7.51 22.80 19.96
C GLU B 35 -6.07 22.31 19.86
N SER B 36 -5.71 21.31 20.68
CA SER B 36 -4.40 20.69 20.54
C SER B 36 -4.20 20.00 19.17
N GLU B 37 -5.27 19.71 18.42
CA GLU B 37 -5.13 19.13 17.09
C GLU B 37 -5.11 20.16 15.95
N MET B 38 -5.18 21.47 16.25
CA MET B 38 -5.36 22.51 15.23
C MET B 38 -4.37 23.65 15.44
N PRO B 39 -3.08 23.39 15.21
CA PRO B 39 -2.07 24.42 15.51
C PRO B 39 -2.12 25.64 14.59
N ALA B 40 -2.41 25.47 13.30
CA ALA B 40 -2.57 26.63 12.42
C ALA B 40 -3.67 27.57 12.95
N LEU B 41 -4.82 26.99 13.30
CA LEU B 41 -5.95 27.78 13.75
C LEU B 41 -5.65 28.48 15.07
N MET B 42 -5.18 27.72 16.05
CA MET B 42 -4.85 28.30 17.35
C MET B 42 -3.71 29.29 17.24
N GLY B 43 -2.75 29.03 16.34
CA GLY B 43 -1.77 30.04 16.04
C GLY B 43 -2.37 31.37 15.59
N LEU B 44 -3.47 31.31 14.81
CA LEU B 44 -4.10 32.54 14.34
C LEU B 44 -4.71 33.34 15.49
N ARG B 45 -5.39 32.67 16.42
CA ARG B 45 -5.78 33.34 17.67
C ARG B 45 -4.60 34.09 18.29
N ARG B 46 -3.44 33.45 18.36
CA ARG B 46 -2.30 34.05 19.05
C ARG B 46 -1.75 35.26 18.29
N LYS B 47 -1.54 35.13 16.99
CA LYS B 47 -0.94 36.22 16.23
C LYS B 47 -1.87 37.42 16.16
N TYR B 48 -3.19 37.19 16.22
CA TYR B 48 -4.18 38.22 15.88
C TYR B 48 -5.13 38.60 16.99
N ALA B 49 -5.24 37.83 18.07
CA ALA B 49 -6.19 38.18 19.13
C ALA B 49 -5.85 39.51 19.79
N GLY B 50 -4.58 39.94 19.72
CA GLY B 50 -4.23 41.25 20.26
C GLY B 50 -4.68 42.40 19.39
N GLN B 51 -4.78 42.18 18.08
CA GLN B 51 -5.10 43.25 17.14
C GLN B 51 -6.58 43.35 16.82
N GLN B 52 -7.39 42.38 17.26
CA GLN B 52 -8.82 42.32 17.01
C GLN B 52 -9.15 42.70 15.55
N PRO B 53 -8.64 41.96 14.57
CA PRO B 53 -8.89 42.35 13.17
C PRO B 53 -10.34 42.16 12.74
N LEU B 54 -11.11 41.31 13.43
CA LEU B 54 -12.53 41.14 13.13
C LEU B 54 -13.43 41.96 14.05
N LYS B 55 -12.87 42.87 14.84
CA LYS B 55 -13.67 43.83 15.58
C LYS B 55 -14.61 44.58 14.63
N GLY B 56 -15.91 44.53 14.92
CA GLY B 56 -16.90 45.09 14.02
C GLY B 56 -17.45 44.12 13.00
N ALA B 57 -16.91 42.91 12.93
CA ALA B 57 -17.42 41.89 12.02
C ALA B 57 -18.69 41.26 12.56
N LYS B 58 -19.66 41.06 11.67
CA LYS B 58 -20.93 40.44 11.99
C LYS B 58 -21.16 39.36 10.94
N ILE B 59 -20.78 38.12 11.26
CA ILE B 59 -20.61 37.07 10.27
C ILE B 59 -21.79 36.12 10.33
N LEU B 60 -22.54 36.05 9.22
CA LEU B 60 -23.46 34.94 9.00
C LEU B 60 -22.63 33.73 8.56
N GLY B 61 -22.60 32.69 9.38
CA GLY B 61 -21.85 31.47 9.09
C GLY B 61 -22.79 30.29 8.90
N CYS B 62 -22.61 29.56 7.79
CA CYS B 62 -23.42 28.37 7.49
C CYS B 62 -22.50 27.22 7.08
N ILE B 63 -22.16 26.35 8.02
CA ILE B 63 -21.28 25.21 7.72
C ILE B 63 -21.44 24.17 8.82
N HIS B 64 -21.36 22.88 8.43
CA HIS B 64 -21.50 21.73 9.32
C HIS B 64 -21.06 22.05 10.75
N MET B 65 -22.00 21.97 11.69
CA MET B 65 -21.77 22.41 13.06
C MET B 65 -21.13 21.24 13.83
N THR B 66 -19.83 21.09 13.63
CA THR B 66 -19.03 20.01 14.22
C THR B 66 -18.13 20.58 15.32
N ILE B 67 -17.37 19.68 15.96
CA ILE B 67 -16.38 20.14 16.93
C ILE B 67 -15.36 21.02 16.24
N GLN B 68 -15.03 20.69 15.00
CA GLN B 68 -14.07 21.49 14.25
C GLN B 68 -14.65 22.85 13.89
N THR B 69 -15.93 22.88 13.50
CA THR B 69 -16.54 24.19 13.23
C THR B 69 -16.56 25.03 14.49
N GLY B 70 -16.79 24.38 15.64
CA GLY B 70 -16.80 25.11 16.90
C GLY B 70 -15.48 25.82 17.17
N VAL B 71 -14.36 25.17 16.85
CA VAL B 71 -13.05 25.79 17.05
C VAL B 71 -12.86 26.98 16.10
N LEU B 72 -13.24 26.80 14.83
CA LEU B 72 -13.30 27.93 13.90
C LEU B 72 -14.18 29.04 14.47
N ILE B 73 -15.41 28.70 14.87
CA ILE B 73 -16.32 29.72 15.39
C ILE B 73 -15.66 30.48 16.52
N GLU B 74 -15.07 29.76 17.49
CA GLU B 74 -14.51 30.47 18.61
C GLU B 74 -13.25 31.25 18.24
N THR B 75 -12.57 30.88 17.15
CA THR B 75 -11.42 31.67 16.74
C THR B 75 -11.89 33.02 16.14
N LEU B 76 -12.94 32.98 15.31
CA LEU B 76 -13.48 34.23 14.76
C LEU B 76 -13.94 35.16 15.86
N VAL B 77 -14.55 34.62 16.91
CA VAL B 77 -15.00 35.45 18.02
C VAL B 77 -13.81 36.02 18.80
N ALA B 78 -12.79 35.19 19.04
CA ALA B 78 -11.58 35.63 19.74
C ALA B 78 -10.90 36.80 19.05
N LEU B 79 -11.10 36.93 17.73
CA LEU B 79 -10.50 38.03 16.97
C LEU B 79 -11.47 39.20 16.81
N GLY B 80 -12.60 39.19 17.51
CA GLY B 80 -13.48 40.33 17.60
C GLY B 80 -14.82 40.23 16.91
N ALA B 81 -15.16 39.07 16.34
CA ALA B 81 -16.36 38.98 15.52
C ALA B 81 -17.57 38.54 16.35
N GLU B 82 -18.73 39.03 15.94
CA GLU B 82 -20.01 38.43 16.30
C GLU B 82 -20.44 37.50 15.17
N VAL B 83 -21.12 36.42 15.54
CA VAL B 83 -21.54 35.42 14.56
C VAL B 83 -22.95 34.94 14.88
N ARG B 84 -23.67 34.53 13.82
CA ARG B 84 -24.90 33.77 13.93
C ARG B 84 -24.77 32.57 13.00
N TRP B 85 -24.91 31.37 13.56
CA TRP B 85 -24.44 30.15 12.91
C TRP B 85 -25.54 29.14 12.67
N SER B 86 -25.52 28.52 11.49
CA SER B 86 -26.29 27.32 11.17
C SER B 86 -25.41 26.32 10.44
N SER B 87 -25.93 25.11 10.30
CA SER B 87 -25.25 24.07 9.55
C SER B 87 -25.72 24.08 8.10
N CYS B 88 -24.87 23.57 7.22
CA CYS B 88 -25.19 23.48 5.79
C CYS B 88 -25.67 22.08 5.38
N ASN B 89 -25.96 21.20 6.35
CA ASN B 89 -26.52 19.88 6.06
C ASN B 89 -27.36 19.39 7.22
N ILE B 90 -28.47 18.72 6.90
CA ILE B 90 -29.43 18.32 7.93
C ILE B 90 -28.87 17.25 8.89
N PHE B 91 -27.83 16.51 8.49
CA PHE B 91 -27.27 15.43 9.30
C PHE B 91 -25.84 15.68 9.80
N SER B 92 -25.18 16.77 9.40
CA SER B 92 -23.76 16.91 9.69
C SER B 92 -23.46 17.44 11.08
N THR B 93 -24.45 17.97 11.80
CA THR B 93 -24.18 18.56 13.11
C THR B 93 -23.76 17.45 14.08
N GLN B 94 -22.82 17.79 14.97
CA GLN B 94 -22.59 17.05 16.21
C GLN B 94 -23.26 17.86 17.30
N ASP B 95 -24.21 17.25 18.02
CA ASP B 95 -25.06 18.03 18.93
C ASP B 95 -24.30 18.52 20.14
N GLN B 96 -23.28 17.79 20.60
CA GLN B 96 -22.51 18.27 21.73
C GLN B 96 -21.67 19.49 21.37
N ALA B 97 -21.28 19.62 20.09
CA ALA B 97 -20.63 20.84 19.63
C ALA B 97 -21.62 22.00 19.60
N ALA B 98 -22.77 21.83 18.92
CA ALA B 98 -23.78 22.88 18.91
C ALA B 98 -24.09 23.33 20.33
N ALA B 99 -24.15 22.35 21.27
CA ALA B 99 -24.49 22.68 22.66
C ALA B 99 -23.39 23.50 23.31
N ALA B 100 -22.13 23.17 23.04
CA ALA B 100 -21.04 23.92 23.63
C ALA B 100 -21.04 25.35 23.10
N ILE B 101 -21.28 25.52 21.80
CA ILE B 101 -21.29 26.85 21.22
C ILE B 101 -22.45 27.67 21.79
N ALA B 102 -23.65 27.06 21.84
CA ALA B 102 -24.78 27.74 22.46
C ALA B 102 -24.43 28.20 23.87
N ALA B 103 -23.88 27.30 24.69
CA ALA B 103 -23.64 27.58 26.09
C ALA B 103 -22.60 28.65 26.29
N ALA B 104 -21.77 28.92 25.28
CA ALA B 104 -20.81 30.02 25.32
C ALA B 104 -21.44 31.37 24.95
N GLY B 105 -22.75 31.43 24.72
CA GLY B 105 -23.41 32.67 24.37
C GLY B 105 -23.42 33.06 22.90
N ILE B 106 -23.29 32.10 22.00
CA ILE B 106 -23.16 32.34 20.58
C ILE B 106 -24.42 31.83 19.89
N PRO B 107 -25.06 32.63 19.03
CA PRO B 107 -26.28 32.16 18.35
C PRO B 107 -25.97 31.04 17.38
N VAL B 108 -26.54 29.87 17.65
CA VAL B 108 -26.38 28.70 16.79
C VAL B 108 -27.72 27.99 16.69
N PHE B 109 -28.04 27.55 15.48
CA PHE B 109 -29.32 26.89 15.17
C PHE B 109 -29.01 25.64 14.34
N ALA B 110 -29.01 24.49 14.97
CA ALA B 110 -28.47 23.30 14.32
C ALA B 110 -28.62 22.07 15.21
N TRP B 111 -29.12 20.98 14.65
CA TRP B 111 -29.10 19.70 15.33
C TRP B 111 -28.96 18.60 14.31
N LYS B 112 -28.53 17.42 14.76
CA LYS B 112 -28.40 16.29 13.85
C LYS B 112 -29.78 15.74 13.49
N GLY B 113 -30.05 15.60 12.20
CA GLY B 113 -31.34 15.06 11.78
C GLY B 113 -32.44 16.08 11.66
N GLU B 114 -32.15 17.27 11.14
CA GLU B 114 -33.20 18.22 10.89
C GLU B 114 -34.04 17.79 9.70
N THR B 115 -35.25 18.32 9.60
CA THR B 115 -35.97 18.18 8.34
C THR B 115 -35.56 19.30 7.38
N GLU B 116 -36.02 19.19 6.13
CA GLU B 116 -35.76 20.25 5.16
C GLU B 116 -36.36 21.57 5.62
N GLU B 117 -37.58 21.51 6.15
CA GLU B 117 -38.19 22.72 6.69
C GLU B 117 -37.32 23.30 7.82
N GLU B 118 -36.89 22.43 8.76
CA GLU B 118 -36.07 22.91 9.87
C GLU B 118 -34.75 23.47 9.40
N TYR B 119 -34.21 22.90 8.33
CA TYR B 119 -32.94 23.39 7.80
C TYR B 119 -33.05 24.85 7.36
N GLU B 120 -34.10 25.16 6.60
CA GLU B 120 -34.28 26.51 6.11
C GLU B 120 -34.65 27.46 7.25
N TRP B 121 -35.52 27.00 8.16
CA TRP B 121 -35.76 27.74 9.38
C TRP B 121 -34.45 28.13 10.08
N CYS B 122 -33.56 27.14 10.28
CA CYS B 122 -32.30 27.41 10.99
C CYS B 122 -31.48 28.50 10.31
N ILE B 123 -31.41 28.50 8.99
CA ILE B 123 -30.70 29.56 8.30
C ILE B 123 -31.35 30.90 8.53
N GLU B 124 -32.69 30.95 8.57
CA GLU B 124 -33.37 32.22 8.73
C GLU B 124 -33.19 32.80 10.12
N GLN B 125 -32.94 31.94 11.13
CA GLN B 125 -32.67 32.46 12.45
C GLN B 125 -31.31 33.12 12.55
N THR B 126 -30.38 32.79 11.66
CA THR B 126 -29.12 33.53 11.60
C THR B 126 -29.32 34.87 10.93
N ILE B 127 -30.15 34.89 9.90
CA ILE B 127 -30.38 36.10 9.11
C ILE B 127 -31.24 37.08 9.88
N LEU B 128 -32.24 36.58 10.59
CA LEU B 128 -33.17 37.42 11.33
C LEU B 128 -32.80 37.41 12.81
N LYS B 129 -32.73 38.60 13.41
CA LYS B 129 -32.56 38.76 14.85
C LYS B 129 -33.70 39.63 15.35
N ASP B 130 -34.40 39.16 16.38
CA ASP B 130 -35.61 39.83 16.86
C ASP B 130 -36.58 40.07 15.70
N GLY B 131 -36.62 39.16 14.74
CA GLY B 131 -37.56 39.30 13.64
C GLY B 131 -37.23 40.35 12.61
N GLN B 132 -36.05 40.96 12.65
CA GLN B 132 -35.59 41.89 11.64
C GLN B 132 -34.27 41.39 11.06
N PRO B 133 -33.92 41.80 9.84
CA PRO B 133 -32.59 41.47 9.30
C PRO B 133 -31.49 41.87 10.26
N TRP B 134 -30.61 40.91 10.55
CA TRP B 134 -29.42 41.24 11.31
C TRP B 134 -28.55 42.19 10.50
N ASP B 135 -27.84 43.08 11.20
CA ASP B 135 -26.91 44.00 10.54
C ASP B 135 -25.61 43.26 10.22
N ALA B 136 -25.73 42.19 9.43
CA ALA B 136 -24.58 41.39 9.03
C ALA B 136 -23.75 42.11 8.00
N ASN B 137 -22.43 41.91 8.09
CA ASN B 137 -21.53 42.44 7.07
C ASN B 137 -20.54 41.40 6.53
N MET B 138 -20.68 40.13 6.89
CA MET B 138 -19.79 39.09 6.37
C MET B 138 -20.54 37.77 6.27
N VAL B 139 -20.08 36.94 5.33
CA VAL B 139 -20.68 35.64 5.08
C VAL B 139 -19.57 34.60 5.08
N LEU B 140 -19.79 33.50 5.80
CA LEU B 140 -18.98 32.29 5.67
C LEU B 140 -19.89 31.12 5.30
N ASP B 141 -19.68 30.54 4.14
CA ASP B 141 -20.62 29.58 3.57
C ASP B 141 -19.89 28.30 3.15
N ASP B 142 -20.61 27.19 3.20
CA ASP B 142 -20.09 25.90 2.76
C ASP B 142 -21.19 25.30 1.89
N GLY B 143 -21.06 25.43 0.57
CA GLY B 143 -22.02 24.87 -0.37
C GLY B 143 -22.89 25.90 -1.10
N GLY B 144 -22.92 27.17 -0.64
CA GLY B 144 -23.65 28.21 -1.38
C GLY B 144 -25.11 28.39 -1.03
N ASP B 145 -25.60 27.71 0.01
CA ASP B 145 -27.00 27.80 0.36
C ASP B 145 -27.31 29.12 1.06
N LEU B 146 -26.47 29.54 2.01
CA LEU B 146 -26.66 30.83 2.64
C LEU B 146 -26.56 31.94 1.62
N THR B 147 -25.53 31.86 0.76
CA THR B 147 -25.34 32.87 -0.28
C THR B 147 -26.59 33.00 -1.15
N GLU B 148 -27.12 31.86 -1.59
CA GLU B 148 -28.30 31.86 -2.45
C GLU B 148 -29.49 32.55 -1.79
N ILE B 149 -29.73 32.27 -0.51
CA ILE B 149 -30.90 32.85 0.13
C ILE B 149 -30.74 34.37 0.28
N LEU B 150 -29.52 34.84 0.56
CA LEU B 150 -29.29 36.28 0.62
C LEU B 150 -29.59 36.94 -0.72
N HIS B 151 -28.97 36.45 -1.80
CA HIS B 151 -29.15 37.08 -3.10
C HIS B 151 -30.61 37.03 -3.54
N LYS B 152 -31.30 35.92 -3.27
CA LYS B 152 -32.66 35.76 -3.77
C LYS B 152 -33.72 36.34 -2.84
N LYS B 153 -33.63 36.06 -1.53
CA LYS B 153 -34.71 36.45 -0.63
C LYS B 153 -34.43 37.74 0.14
N TYR B 154 -33.17 38.05 0.44
CA TYR B 154 -32.83 39.25 1.18
C TYR B 154 -31.76 40.08 0.46
N PRO B 155 -31.95 40.34 -0.83
CA PRO B 155 -30.91 41.08 -1.58
C PRO B 155 -30.49 42.38 -0.91
N GLN B 156 -31.39 43.06 -0.21
CA GLN B 156 -31.01 44.33 0.41
C GLN B 156 -29.91 44.15 1.44
N MET B 157 -29.85 42.99 2.10
CA MET B 157 -28.83 42.77 3.13
C MET B 157 -27.41 42.73 2.55
N LEU B 158 -27.28 42.41 1.27
CA LEU B 158 -25.96 42.38 0.65
C LEU B 158 -25.37 43.79 0.51
N GLU B 159 -26.20 44.82 0.46
CA GLU B 159 -25.65 46.16 0.38
C GLU B 159 -24.76 46.48 1.59
N ARG B 160 -24.93 45.77 2.70
CA ARG B 160 -24.11 45.98 3.89
C ARG B 160 -23.03 44.92 4.06
N ILE B 161 -22.90 43.99 3.13
CA ILE B 161 -22.01 42.84 3.30
C ILE B 161 -20.76 43.09 2.48
N HIS B 162 -19.59 42.89 3.11
CA HIS B 162 -18.30 43.13 2.45
C HIS B 162 -17.83 41.94 1.62
N GLY B 163 -18.34 40.75 1.85
CA GLY B 163 -17.82 39.61 1.11
C GLY B 163 -18.19 38.28 1.72
N ILE B 164 -17.98 37.22 0.92
CA ILE B 164 -18.31 35.84 1.24
C ILE B 164 -17.02 35.03 1.18
N THR B 165 -16.81 34.19 2.17
CA THR B 165 -15.70 33.25 2.14
C THR B 165 -16.29 31.85 2.01
N GLU B 166 -16.09 31.20 0.86
CA GLU B 166 -16.79 29.97 0.53
C GLU B 166 -15.88 28.75 0.67
N GLU B 167 -16.39 27.71 1.32
CA GLU B 167 -15.61 26.57 1.78
C GLU B 167 -15.35 25.50 0.71
N THR B 168 -16.34 25.17 -0.10
CA THR B 168 -16.30 23.90 -0.82
C THR B 168 -16.51 24.07 -2.33
N THR B 169 -16.05 23.05 -3.07
CA THR B 169 -16.04 23.09 -4.52
C THR B 169 -17.40 23.47 -5.08
N THR B 170 -18.45 22.83 -4.60
CA THR B 170 -19.76 23.08 -5.17
C THR B 170 -20.16 24.55 -5.02
N GLY B 171 -19.88 25.15 -3.88
CA GLY B 171 -20.25 26.53 -3.69
C GLY B 171 -19.42 27.48 -4.54
N VAL B 172 -18.12 27.16 -4.72
CA VAL B 172 -17.29 27.97 -5.60
C VAL B 172 -17.85 27.95 -7.01
N HIS B 173 -18.34 26.79 -7.47
CA HIS B 173 -18.96 26.74 -8.78
C HIS B 173 -20.17 27.68 -8.84
N ARG B 174 -21.00 27.66 -7.80
CA ARG B 174 -22.18 28.52 -7.83
C ARG B 174 -21.78 30.00 -7.85
N LEU B 175 -20.75 30.38 -7.10
CA LEU B 175 -20.28 31.75 -7.13
C LEU B 175 -19.85 32.17 -8.54
N LEU B 176 -19.13 31.29 -9.24
CA LEU B 176 -18.62 31.64 -10.56
C LEU B 176 -19.75 31.72 -11.56
N ASP B 177 -20.80 30.94 -11.34
CA ASP B 177 -21.99 31.07 -12.16
C ASP B 177 -22.58 32.48 -12.05
N MET B 178 -22.56 33.04 -10.82
CA MET B 178 -23.11 34.37 -10.63
C MET B 178 -22.17 35.42 -11.16
N LEU B 179 -20.88 35.31 -10.86
CA LEU B 179 -19.91 36.25 -11.41
C LEU B 179 -20.01 36.28 -12.93
N LYS B 180 -20.20 35.09 -13.54
CA LYS B 180 -20.35 35.02 -14.98
C LYS B 180 -21.59 35.74 -15.47
N ASN B 181 -22.70 35.64 -14.71
CA ASN B 181 -23.99 36.19 -15.08
C ASN B 181 -24.19 37.64 -14.65
N GLY B 182 -23.25 38.21 -13.90
CA GLY B 182 -23.42 39.55 -13.37
C GLY B 182 -24.40 39.65 -12.23
N THR B 183 -24.65 38.57 -11.51
CA THR B 183 -25.62 38.53 -10.43
C THR B 183 -24.99 38.38 -9.05
N LEU B 184 -23.66 38.32 -8.96
CA LEU B 184 -22.98 38.26 -7.67
C LEU B 184 -22.88 39.69 -7.12
N LYS B 185 -23.41 39.91 -5.93
CA LYS B 185 -23.50 41.26 -5.40
C LYS B 185 -22.26 41.68 -4.61
N VAL B 186 -21.53 40.73 -4.00
CA VAL B 186 -20.34 41.09 -3.23
C VAL B 186 -19.22 40.15 -3.61
N PRO B 187 -17.97 40.55 -3.37
CA PRO B 187 -16.83 39.70 -3.74
C PRO B 187 -16.69 38.52 -2.79
N ALA B 188 -15.93 37.51 -3.24
CA ALA B 188 -15.73 36.28 -2.48
C ALA B 188 -14.28 35.80 -2.53
N ILE B 189 -13.88 35.13 -1.47
CA ILE B 189 -12.68 34.31 -1.49
C ILE B 189 -13.09 32.86 -1.72
N ASN B 190 -12.45 32.24 -2.69
CA ASN B 190 -12.54 30.82 -2.96
C ASN B 190 -11.56 30.14 -1.99
N VAL B 191 -12.08 29.70 -0.84
CA VAL B 191 -11.22 29.04 0.15
C VAL B 191 -10.90 27.62 -0.25
N ASN B 192 -11.82 26.94 -0.93
CA ASN B 192 -11.57 25.58 -1.39
C ASN B 192 -10.22 25.45 -2.10
N ASP B 193 -9.87 26.39 -3.00
CA ASP B 193 -8.73 26.14 -3.87
C ASP B 193 -7.38 26.49 -3.27
N SER B 194 -7.30 26.84 -1.98
CA SER B 194 -6.01 26.73 -1.32
C SER B 194 -5.55 25.28 -1.34
N VAL B 195 -4.25 25.07 -1.56
CA VAL B 195 -3.72 23.71 -1.52
C VAL B 195 -3.87 23.13 -0.12
N THR B 196 -3.68 23.94 0.91
CA THR B 196 -3.92 23.44 2.26
C THR B 196 -5.39 23.26 2.54
N LYS B 197 -6.22 23.41 1.50
CA LYS B 197 -7.63 23.05 1.59
C LYS B 197 -7.93 21.92 0.60
N SER B 198 -7.92 22.19 -0.71
CA SER B 198 -8.40 21.23 -1.69
C SER B 198 -7.63 19.92 -1.62
N LYS B 199 -6.29 20.00 -1.64
CA LYS B 199 -5.38 18.87 -1.64
CA LYS B 199 -5.46 18.81 -1.65
C LYS B 199 -5.10 18.34 -0.24
N ASN B 200 -5.90 18.72 0.75
CA ASN B 200 -5.77 18.34 2.14
C ASN B 200 -7.14 17.83 2.58
N ASP B 201 -8.04 18.77 2.88
CA ASP B 201 -9.44 18.51 3.20
C ASP B 201 -10.12 17.60 2.16
N ASN B 202 -10.22 18.04 0.89
CA ASN B 202 -11.06 17.28 -0.05
C ASN B 202 -10.54 15.87 -0.23
N LYS B 203 -9.22 15.70 -0.21
CA LYS B 203 -8.62 14.39 -0.49
C LYS B 203 -8.41 13.59 0.80
N TYR B 204 -7.48 14.03 1.65
CA TYR B 204 -7.12 13.28 2.85
C TYR B 204 -8.26 13.24 3.87
N GLY B 205 -9.12 14.27 3.90
CA GLY B 205 -10.27 14.20 4.79
C GLY B 205 -11.19 13.03 4.46
N CYS B 206 -11.42 12.79 3.15
CA CYS B 206 -12.32 11.72 2.76
C CYS B 206 -11.65 10.37 2.93
N ARG B 207 -10.34 10.31 2.67
CA ARG B 207 -9.59 9.09 2.94
C ARG B 207 -9.82 8.63 4.37
N HIS B 208 -9.65 9.56 5.32
CA HIS B 208 -9.86 9.25 6.72
C HIS B 208 -11.31 8.92 7.01
N SER B 209 -12.24 9.65 6.40
CA SER B 209 -13.58 9.65 6.97
C SER B 209 -14.60 8.80 6.19
N LEU B 210 -14.35 8.46 4.92
CA LEU B 210 -15.29 7.61 4.19
C LEU B 210 -15.39 6.20 4.78
N ASN B 211 -14.26 5.49 4.91
CA ASN B 211 -14.37 4.14 5.47
CA ASN B 211 -14.32 4.14 5.49
C ASN B 211 -14.82 4.20 6.93
N ASP B 212 -14.49 5.29 7.63
CA ASP B 212 -14.96 5.52 8.99
C ASP B 212 -16.49 5.48 9.04
N ALA B 213 -17.14 6.23 8.15
CA ALA B 213 -18.60 6.32 8.12
C ALA B 213 -19.22 5.00 7.67
N ILE B 214 -18.62 4.31 6.70
CA ILE B 214 -19.20 3.03 6.29
C ILE B 214 -19.09 2.00 7.44
N LYS B 215 -17.95 1.95 8.12
CA LYS B 215 -17.82 1.07 9.27
C LYS B 215 -18.90 1.37 10.31
N ARG B 216 -19.06 2.65 10.68
CA ARG B 216 -20.03 2.97 11.73
C ARG B 216 -21.47 2.66 11.29
N GLY B 217 -21.77 2.85 10.00
CA GLY B 217 -23.10 2.57 9.51
C GLY B 217 -23.43 1.09 9.45
N THR B 218 -22.55 0.28 8.86
CA THR B 218 -22.82 -1.12 8.57
C THR B 218 -21.98 -2.13 9.33
N ASP B 219 -20.76 -1.76 9.74
CA ASP B 219 -19.80 -2.70 10.34
C ASP B 219 -19.41 -3.83 9.39
N HIS B 220 -19.56 -3.55 8.09
CA HIS B 220 -19.17 -4.49 7.05
C HIS B 220 -17.66 -4.58 6.94
N LEU B 221 -17.16 -5.79 6.81
CA LEU B 221 -15.82 -5.96 6.27
C LEU B 221 -15.78 -5.30 4.89
N LEU B 222 -14.71 -4.55 4.63
CA LEU B 222 -14.47 -4.02 3.29
C LEU B 222 -13.47 -4.84 2.50
N SER B 223 -12.48 -5.47 3.17
CA SER B 223 -11.45 -6.23 2.48
C SER B 223 -12.06 -7.30 1.59
N GLY B 224 -11.55 -7.40 0.38
CA GLY B 224 -11.98 -8.42 -0.55
C GLY B 224 -13.27 -8.13 -1.28
N LYS B 225 -13.98 -7.03 -0.99
CA LYS B 225 -15.21 -6.70 -1.68
C LYS B 225 -14.97 -5.72 -2.82
N GLN B 226 -15.97 -5.61 -3.72
CA GLN B 226 -15.89 -4.80 -4.94
CA GLN B 226 -15.87 -4.80 -4.94
C GLN B 226 -16.53 -3.44 -4.73
N ALA B 227 -15.77 -2.36 -4.97
CA ALA B 227 -16.29 -0.99 -4.89
C ALA B 227 -16.31 -0.33 -6.26
N LEU B 228 -17.31 0.54 -6.46
CA LEU B 228 -17.34 1.45 -7.60
C LEU B 228 -17.38 2.89 -7.09
N VAL B 229 -16.35 3.65 -7.41
CA VAL B 229 -16.26 5.06 -7.05
C VAL B 229 -16.55 5.86 -8.30
N ILE B 230 -17.58 6.69 -8.24
CA ILE B 230 -17.91 7.57 -9.35
C ILE B 230 -17.19 8.88 -9.13
N GLY B 231 -16.20 9.15 -9.95
CA GLY B 231 -15.48 10.39 -9.82
C GLY B 231 -14.09 10.12 -9.27
N TYR B 232 -13.14 10.92 -9.75
CA TYR B 232 -11.73 10.87 -9.33
C TYR B 232 -11.15 12.28 -9.33
N GLY B 233 -11.92 13.25 -8.83
CA GLY B 233 -11.39 14.54 -8.43
C GLY B 233 -10.74 14.36 -7.06
N ASP B 234 -10.67 15.45 -6.30
CA ASP B 234 -9.99 15.36 -5.02
C ASP B 234 -10.73 14.45 -4.06
N VAL B 235 -12.06 14.53 -4.04
CA VAL B 235 -12.88 13.66 -3.20
C VAL B 235 -12.84 12.23 -3.71
N GLY B 236 -12.83 12.04 -5.03
CA GLY B 236 -12.79 10.69 -5.57
C GLY B 236 -11.45 10.03 -5.32
N LYS B 237 -10.36 10.82 -5.39
CA LYS B 237 -9.04 10.35 -5.05
C LYS B 237 -8.99 9.89 -3.59
N GLY B 238 -9.38 10.77 -2.67
CA GLY B 238 -9.34 10.39 -1.27
C GLY B 238 -10.22 9.19 -0.95
N SER B 239 -11.42 9.14 -1.53
CA SER B 239 -12.37 8.08 -1.25
C SER B 239 -11.87 6.75 -1.78
N SER B 240 -11.33 6.75 -2.99
CA SER B 240 -10.82 5.52 -3.57
C SER B 240 -9.70 4.95 -2.70
N GLN B 241 -8.83 5.83 -2.20
CA GLN B 241 -7.77 5.41 -1.28
C GLN B 241 -8.37 4.92 0.03
N SER B 242 -9.42 5.58 0.50
CA SER B 242 -10.07 5.15 1.75
C SER B 242 -10.49 3.68 1.66
N LEU B 243 -10.91 3.24 0.48
CA LEU B 243 -11.44 1.90 0.33
C LEU B 243 -10.34 0.93 -0.05
N ARG B 244 -9.45 1.37 -0.93
CA ARG B 244 -8.37 0.50 -1.37
C ARG B 244 -7.44 0.15 -0.20
N GLN B 245 -7.21 1.08 0.73
CA GLN B 245 -6.28 0.79 1.83
C GLN B 245 -6.87 -0.23 2.79
N GLU B 246 -8.20 -0.38 2.77
CA GLU B 246 -8.89 -1.41 3.52
C GLU B 246 -8.89 -2.75 2.82
N GLY B 247 -8.35 -2.86 1.61
CA GLY B 247 -8.39 -4.10 0.88
C GLY B 247 -9.56 -4.27 -0.06
N MET B 248 -10.37 -3.21 -0.29
CA MET B 248 -11.39 -3.30 -1.34
C MET B 248 -10.75 -3.34 -2.73
N ILE B 249 -11.41 -4.06 -3.64
CA ILE B 249 -11.06 -4.03 -5.05
C ILE B 249 -11.88 -2.88 -5.67
N VAL B 250 -11.20 -1.79 -6.02
CA VAL B 250 -11.85 -0.52 -6.36
C VAL B 250 -11.83 -0.30 -7.86
N LYS B 251 -13.00 -0.07 -8.44
CA LYS B 251 -13.11 0.41 -9.80
C LYS B 251 -13.50 1.89 -9.77
N VAL B 252 -13.07 2.62 -10.79
CA VAL B 252 -13.23 4.07 -10.82
C VAL B 252 -13.92 4.49 -12.12
N ALA B 253 -14.98 5.29 -12.01
CA ALA B 253 -15.63 5.94 -13.14
C ALA B 253 -15.28 7.43 -13.21
N GLU B 254 -15.07 7.93 -14.43
CA GLU B 254 -14.74 9.34 -14.67
C GLU B 254 -15.30 9.81 -16.01
N VAL B 255 -15.64 11.10 -16.11
CA VAL B 255 -15.86 11.71 -17.42
C VAL B 255 -14.65 12.48 -17.90
N ASP B 256 -13.66 12.69 -17.03
CA ASP B 256 -12.51 13.51 -17.35
C ASP B 256 -11.35 12.58 -17.69
N PRO B 257 -10.84 12.58 -18.91
CA PRO B 257 -9.79 11.63 -19.25
C PRO B 257 -8.53 11.85 -18.46
N ILE B 258 -8.25 13.08 -18.01
CA ILE B 258 -7.04 13.30 -17.23
C ILE B 258 -7.17 12.65 -15.86
N CYS B 259 -8.30 12.88 -15.20
CA CYS B 259 -8.51 12.23 -13.93
C CYS B 259 -8.54 10.72 -14.09
N ALA B 260 -9.09 10.22 -15.22
CA ALA B 260 -9.09 8.78 -15.48
C ALA B 260 -7.66 8.25 -15.64
N MET B 261 -6.80 9.03 -16.30
N MET B 261 -6.79 9.02 -16.29
CA MET B 261 -5.41 8.61 -16.46
CA MET B 261 -5.41 8.58 -16.46
C MET B 261 -4.70 8.47 -15.12
C MET B 261 -4.70 8.46 -15.11
N GLN B 262 -4.99 9.38 -14.19
CA GLN B 262 -4.41 9.28 -12.87
C GLN B 262 -4.90 8.02 -12.15
N ALA B 263 -6.21 7.72 -12.28
CA ALA B 263 -6.73 6.53 -11.62
C ALA B 263 -6.04 5.27 -12.14
N CYS B 264 -5.85 5.18 -13.46
CA CYS B 264 -5.12 4.06 -14.01
C CYS B 264 -3.73 3.97 -13.41
N MET B 265 -2.99 5.09 -13.43
CA MET B 265 -1.64 5.12 -12.91
C MET B 265 -1.65 4.85 -11.41
N ASP B 266 -2.72 5.19 -10.71
CA ASP B 266 -2.73 4.90 -9.29
C ASP B 266 -3.03 3.43 -8.98
N GLY B 267 -3.28 2.60 -10.00
CA GLY B 267 -3.56 1.19 -9.79
C GLY B 267 -5.01 0.80 -9.80
N PHE B 268 -5.89 1.57 -10.44
CA PHE B 268 -7.32 1.30 -10.50
C PHE B 268 -7.71 0.98 -11.94
N GLU B 269 -8.66 0.06 -12.07
CA GLU B 269 -9.35 -0.19 -13.33
C GLU B 269 -10.45 0.86 -13.53
N VAL B 270 -10.40 1.58 -14.66
CA VAL B 270 -11.38 2.62 -14.96
C VAL B 270 -12.50 2.03 -15.81
N VAL B 271 -13.74 2.13 -15.30
CA VAL B 271 -14.91 1.51 -15.93
C VAL B 271 -16.05 2.51 -15.97
N SER B 272 -17.05 2.19 -16.80
CA SER B 272 -18.26 3.02 -16.82
C SER B 272 -19.48 2.20 -16.45
N PRO B 273 -20.45 2.79 -15.75
CA PRO B 273 -21.71 2.09 -15.52
C PRO B 273 -22.43 1.74 -16.82
N TYR B 274 -22.03 2.33 -17.95
CA TYR B 274 -22.72 2.18 -19.21
C TYR B 274 -21.79 1.59 -20.25
N LYS B 275 -22.36 0.74 -21.09
CA LYS B 275 -21.65 0.19 -22.23
C LYS B 275 -21.06 1.30 -23.11
N ASN B 276 -19.79 1.17 -23.44
CA ASN B 276 -19.05 2.16 -24.23
C ASN B 276 -19.08 3.52 -23.58
N GLY B 277 -19.46 3.60 -22.31
CA GLY B 277 -19.58 4.85 -21.60
C GLY B 277 -20.73 5.72 -22.04
N ILE B 278 -21.69 5.19 -22.82
CA ILE B 278 -22.75 5.98 -23.42
C ILE B 278 -24.04 5.81 -22.61
N ASN B 279 -24.44 6.83 -21.87
CA ASN B 279 -25.62 6.79 -21.01
C ASN B 279 -26.83 7.28 -21.81
N ASP B 280 -27.57 6.35 -22.42
CA ASP B 280 -28.72 6.71 -23.22
C ASP B 280 -30.05 6.60 -22.49
N GLY B 281 -30.02 6.42 -21.16
CA GLY B 281 -31.24 6.41 -20.37
C GLY B 281 -32.01 5.11 -20.32
N THR B 282 -31.60 4.06 -21.04
CA THR B 282 -32.30 2.79 -21.08
C THR B 282 -31.59 1.76 -20.21
N GLU B 283 -32.36 0.77 -19.74
CA GLU B 283 -31.77 -0.36 -19.05
C GLU B 283 -30.74 -1.08 -19.91
N ALA B 284 -30.95 -1.11 -21.23
CA ALA B 284 -30.00 -1.79 -22.11
C ALA B 284 -28.64 -1.11 -22.16
N SER B 285 -28.54 0.17 -21.78
CA SER B 285 -27.22 0.80 -21.69
C SER B 285 -26.44 0.41 -20.44
N ILE B 286 -27.07 -0.17 -19.43
CA ILE B 286 -26.36 -0.51 -18.19
C ILE B 286 -25.50 -1.74 -18.42
N ASP B 287 -24.23 -1.67 -17.99
CA ASP B 287 -23.35 -2.84 -17.89
C ASP B 287 -23.79 -3.69 -16.70
N ALA B 288 -24.83 -4.50 -16.93
CA ALA B 288 -25.43 -5.29 -15.86
C ALA B 288 -24.43 -6.25 -15.21
N ALA B 289 -23.49 -6.78 -15.99
CA ALA B 289 -22.48 -7.67 -15.42
C ALA B 289 -21.62 -6.93 -14.39
N LEU B 290 -21.14 -5.72 -14.74
CA LEU B 290 -20.36 -4.95 -13.79
C LEU B 290 -21.18 -4.60 -12.56
N LEU B 291 -22.36 -4.01 -12.76
CA LEU B 291 -23.12 -3.52 -11.62
C LEU B 291 -23.50 -4.66 -10.68
N GLY B 292 -23.77 -5.85 -11.25
CA GLY B 292 -24.14 -7.03 -10.48
C GLY B 292 -23.01 -7.61 -9.63
N LYS B 293 -21.78 -7.14 -9.81
CA LYS B 293 -20.65 -7.55 -9.00
C LYS B 293 -20.27 -6.55 -7.93
N ILE B 294 -20.88 -5.35 -7.91
CA ILE B 294 -20.42 -4.25 -7.07
C ILE B 294 -21.05 -4.37 -5.69
N ASP B 295 -20.22 -4.31 -4.65
CA ASP B 295 -20.68 -4.42 -3.26
C ASP B 295 -20.91 -3.08 -2.61
N LEU B 296 -20.32 -2.03 -3.16
CA LEU B 296 -20.36 -0.69 -2.56
C LEU B 296 -20.20 0.31 -3.69
N ILE B 297 -21.07 1.32 -3.71
CA ILE B 297 -20.92 2.41 -4.66
C ILE B 297 -20.92 3.75 -3.94
N VAL B 298 -20.02 4.65 -4.37
CA VAL B 298 -19.77 5.93 -3.74
C VAL B 298 -19.76 7.01 -4.81
N THR B 299 -20.58 8.05 -4.64
CA THR B 299 -20.58 9.19 -5.54
C THR B 299 -19.75 10.35 -4.98
N THR B 300 -18.87 10.91 -5.83
CA THR B 300 -17.95 11.98 -5.43
C THR B 300 -17.90 13.17 -6.40
N THR B 301 -18.89 13.33 -7.26
CA THR B 301 -18.71 14.19 -8.42
C THR B 301 -19.10 15.65 -8.20
N GLY B 302 -20.02 15.96 -7.31
CA GLY B 302 -20.67 17.25 -7.37
C GLY B 302 -21.56 17.45 -8.58
N ASN B 303 -21.89 16.39 -9.31
CA ASN B 303 -22.74 16.45 -10.48
C ASN B 303 -24.11 15.84 -10.11
N VAL B 304 -25.01 15.78 -11.09
CA VAL B 304 -26.40 15.38 -10.84
C VAL B 304 -26.62 13.97 -11.41
N ASN B 305 -27.20 13.10 -10.57
CA ASN B 305 -27.71 11.78 -10.98
C ASN B 305 -26.64 10.92 -11.66
N VAL B 306 -25.48 10.79 -10.99
CA VAL B 306 -24.41 9.91 -11.48
C VAL B 306 -24.53 8.49 -10.95
N CYS B 307 -25.40 8.27 -9.97
CA CYS B 307 -25.85 6.91 -9.61
C CYS B 307 -27.37 6.92 -9.83
N ASP B 308 -27.78 6.58 -11.06
CA ASP B 308 -29.17 6.78 -11.49
C ASP B 308 -30.06 5.56 -11.25
N ALA B 309 -31.33 5.68 -11.65
CA ALA B 309 -32.31 4.66 -11.32
C ALA B 309 -31.98 3.30 -11.92
N ASN B 310 -31.43 3.28 -13.13
CA ASN B 310 -31.15 2.00 -13.77
C ASN B 310 -29.94 1.33 -13.13
N MET B 311 -28.92 2.12 -12.74
CA MET B 311 -27.81 1.57 -11.97
C MET B 311 -28.29 0.97 -10.65
N LEU B 312 -29.22 1.65 -9.97
CA LEU B 312 -29.74 1.12 -8.72
C LEU B 312 -30.52 -0.17 -8.96
N LYS B 313 -31.25 -0.26 -10.06
CA LYS B 313 -31.96 -1.50 -10.36
C LYS B 313 -31.01 -2.64 -10.64
N ALA B 314 -29.83 -2.33 -11.18
CA ALA B 314 -28.88 -3.35 -11.60
C ALA B 314 -27.88 -3.75 -10.50
N LEU B 315 -27.78 -2.98 -9.41
CA LEU B 315 -26.80 -3.28 -8.36
C LEU B 315 -26.99 -4.69 -7.80
N LYS B 316 -25.87 -5.31 -7.46
CA LYS B 316 -25.86 -6.56 -6.73
C LYS B 316 -26.68 -6.43 -5.45
N LYS B 317 -27.52 -7.44 -5.19
CA LYS B 317 -28.27 -7.48 -3.94
C LYS B 317 -27.41 -7.15 -2.73
N ARG B 318 -27.95 -6.35 -1.82
CA ARG B 318 -27.31 -5.96 -0.57
C ARG B 318 -26.12 -5.07 -0.78
N ALA B 319 -25.95 -4.49 -1.97
CA ALA B 319 -24.94 -3.47 -2.15
C ALA B 319 -25.19 -2.30 -1.22
N VAL B 320 -24.11 -1.68 -0.71
CA VAL B 320 -24.20 -0.43 0.02
C VAL B 320 -24.12 0.73 -0.96
N VAL B 321 -24.88 1.80 -0.69
CA VAL B 321 -25.02 2.95 -1.59
C VAL B 321 -24.82 4.24 -0.78
N CYS B 322 -23.87 5.07 -1.19
CA CYS B 322 -23.68 6.31 -0.46
C CYS B 322 -23.07 7.38 -1.35
N ASN B 323 -23.18 8.61 -0.87
CA ASN B 323 -22.68 9.79 -1.56
C ASN B 323 -21.81 10.59 -0.59
N ILE B 324 -20.72 11.14 -1.10
CA ILE B 324 -19.88 11.98 -0.26
C ILE B 324 -19.66 13.33 -0.96
N GLY B 325 -20.34 13.54 -2.11
CA GLY B 325 -20.46 14.87 -2.70
C GLY B 325 -21.35 15.75 -1.86
N HIS B 326 -21.33 17.06 -2.13
CA HIS B 326 -21.99 17.97 -1.20
C HIS B 326 -23.49 17.76 -1.17
N PHE B 327 -24.11 17.41 -2.29
CA PHE B 327 -25.56 17.44 -2.42
C PHE B 327 -26.10 16.06 -2.76
N ASP B 328 -27.26 15.72 -2.20
CA ASP B 328 -27.77 14.37 -2.31
C ASP B 328 -28.36 14.03 -3.67
N ASN B 329 -28.46 14.98 -4.61
CA ASN B 329 -28.98 14.65 -5.93
C ASN B 329 -28.00 13.84 -6.76
N GLU B 330 -26.80 13.58 -6.26
CA GLU B 330 -25.89 12.66 -6.96
C GLU B 330 -26.54 11.29 -7.17
N ILE B 331 -27.40 10.88 -6.23
CA ILE B 331 -28.08 9.59 -6.25
C ILE B 331 -29.54 9.89 -6.46
N ASP B 332 -30.17 9.10 -7.32
CA ASP B 332 -31.58 9.26 -7.60
C ASP B 332 -32.36 8.60 -6.46
N THR B 333 -32.31 9.23 -5.29
CA THR B 333 -33.10 8.70 -4.19
C THR B 333 -34.59 8.95 -4.38
N ALA B 334 -34.98 9.94 -5.19
CA ALA B 334 -36.39 10.17 -5.40
C ALA B 334 -37.04 8.98 -6.09
N PHE B 335 -36.32 8.36 -7.03
CA PHE B 335 -36.79 7.12 -7.62
C PHE B 335 -37.07 6.07 -6.55
N MET B 336 -36.12 5.89 -5.63
CA MET B 336 -36.25 4.85 -4.60
C MET B 336 -37.36 5.19 -3.62
N ARG B 337 -37.52 6.48 -3.30
CA ARG B 337 -38.64 6.89 -2.45
C ARG B 337 -39.98 6.61 -3.13
N LYS B 338 -40.01 6.64 -4.46
CA LYS B 338 -41.27 6.47 -5.16
C LYS B 338 -41.63 5.02 -5.37
N ASN B 339 -40.65 4.13 -5.48
CA ASN B 339 -40.91 2.79 -5.98
C ASN B 339 -40.62 1.67 -4.98
N TRP B 340 -39.79 1.92 -3.97
CA TRP B 340 -39.26 0.90 -3.09
C TRP B 340 -39.58 1.23 -1.63
N ALA B 341 -39.73 0.18 -0.82
CA ALA B 341 -40.04 0.33 0.59
C ALA B 341 -38.75 0.43 1.40
N TRP B 342 -38.73 1.39 2.34
CA TRP B 342 -37.55 1.71 3.13
C TRP B 342 -37.71 1.15 4.54
N GLU B 343 -36.68 0.44 5.01
CA GLU B 343 -36.61 -0.11 6.37
C GLU B 343 -35.46 0.57 7.10
N GLU B 344 -35.77 1.37 8.12
CA GLU B 344 -34.72 2.01 8.89
C GLU B 344 -33.99 0.97 9.73
N VAL B 345 -32.69 0.84 9.55
CA VAL B 345 -31.96 -0.07 10.44
C VAL B 345 -31.69 0.61 11.77
N LYS B 346 -31.08 1.78 11.72
CA LYS B 346 -30.92 2.73 12.80
C LYS B 346 -30.82 4.10 12.12
N PRO B 347 -30.73 5.20 12.87
CA PRO B 347 -30.68 6.51 12.21
C PRO B 347 -29.58 6.58 11.15
N GLN B 348 -29.95 7.11 9.99
CA GLN B 348 -29.07 7.27 8.84
C GLN B 348 -28.61 5.93 8.25
N VAL B 349 -29.35 4.85 8.49
CA VAL B 349 -29.07 3.58 7.80
C VAL B 349 -30.40 3.00 7.36
N HIS B 350 -30.55 2.77 6.05
CA HIS B 350 -31.82 2.28 5.52
C HIS B 350 -31.56 1.16 4.54
N LYS B 351 -32.26 0.06 4.75
CA LYS B 351 -32.45 -0.94 3.72
C LYS B 351 -33.57 -0.49 2.78
N ILE B 352 -33.30 -0.49 1.48
CA ILE B 352 -34.29 -0.18 0.46
C ILE B 352 -34.68 -1.49 -0.21
N HIS B 353 -35.91 -1.93 0.01
CA HIS B 353 -36.37 -3.22 -0.49
C HIS B 353 -36.88 -3.04 -1.91
N ARG B 354 -36.16 -3.60 -2.87
CA ARG B 354 -36.49 -3.46 -4.27
C ARG B 354 -37.63 -4.38 -4.67
N THR B 355 -38.30 -5.04 -3.73
CA THR B 355 -39.44 -5.85 -4.09
C THR B 355 -40.72 -5.04 -4.28
N GLY B 356 -40.72 -3.76 -3.97
CA GLY B 356 -41.87 -2.92 -4.28
C GLY B 356 -42.09 -1.89 -3.19
N LYS B 357 -43.22 -1.19 -3.32
CA LYS B 357 -43.56 -0.06 -2.47
C LYS B 357 -44.44 -0.43 -1.30
N ASP B 358 -45.23 -1.49 -1.43
CA ASP B 358 -46.27 -1.88 -0.48
C ASP B 358 -45.70 -2.79 0.61
N GLY B 359 -44.98 -2.21 1.55
CA GLY B 359 -44.41 -2.98 2.64
C GLY B 359 -43.28 -3.88 2.16
N PHE B 360 -42.73 -4.66 3.11
CA PHE B 360 -41.60 -5.52 2.80
C PHE B 360 -41.57 -6.74 3.73
N ASP B 361 -40.87 -7.78 3.27
CA ASP B 361 -40.59 -8.98 4.07
C ASP B 361 -39.30 -8.77 4.88
N ALA B 362 -39.39 -8.92 6.19
CA ALA B 362 -38.25 -8.64 7.06
C ALA B 362 -37.02 -9.47 6.70
N HIS B 363 -37.23 -10.65 6.11
CA HIS B 363 -36.14 -11.53 5.70
C HIS B 363 -35.93 -11.52 4.20
N ASN B 364 -36.44 -10.50 3.51
CA ASN B 364 -36.16 -10.33 2.09
C ASN B 364 -34.67 -10.15 1.87
N ASP B 365 -34.14 -10.72 0.80
CA ASP B 365 -32.74 -10.55 0.47
C ASP B 365 -32.48 -9.51 -0.64
N ASP B 366 -33.50 -9.08 -1.36
CA ASP B 366 -33.29 -8.12 -2.46
C ASP B 366 -33.48 -6.70 -1.94
N TYR B 367 -32.46 -6.19 -1.28
CA TYR B 367 -32.47 -4.81 -0.80
C TYR B 367 -31.09 -4.18 -1.02
N LEU B 368 -31.07 -2.86 -1.07
CA LEU B 368 -29.82 -2.11 -0.94
C LEU B 368 -29.78 -1.47 0.43
N ILE B 369 -28.59 -1.05 0.85
CA ILE B 369 -28.39 -0.26 2.06
C ILE B 369 -27.94 1.14 1.66
N LEU B 370 -28.72 2.13 2.04
CA LEU B 370 -28.44 3.54 1.78
C LEU B 370 -27.98 4.22 3.07
N LEU B 371 -26.88 4.95 3.01
CA LEU B 371 -26.37 5.66 4.18
C LEU B 371 -26.72 7.13 4.12
N ALA B 372 -27.14 7.68 5.27
CA ALA B 372 -27.39 9.11 5.41
C ALA B 372 -28.42 9.63 4.39
N GLU B 373 -29.31 8.75 3.94
CA GLU B 373 -30.34 9.07 2.94
C GLU B 373 -29.74 9.77 1.72
N GLY B 374 -28.52 9.37 1.35
CA GLY B 374 -27.83 9.96 0.23
C GLY B 374 -27.11 11.27 0.49
N ARG B 375 -27.25 11.85 1.69
CA ARG B 375 -26.47 13.03 2.03
C ARG B 375 -25.02 12.64 2.35
N LEU B 376 -24.16 13.67 2.45
CA LEU B 376 -22.74 13.54 2.80
C LEU B 376 -22.51 12.43 3.80
N VAL B 377 -21.93 11.32 3.38
CA VAL B 377 -21.88 10.15 4.25
C VAL B 377 -20.86 10.35 5.38
N ASN B 378 -19.72 10.96 5.10
CA ASN B 378 -18.70 11.07 6.15
C ASN B 378 -19.24 11.87 7.34
N LEU B 379 -19.97 12.96 7.07
CA LEU B 379 -20.55 13.75 8.16
C LEU B 379 -21.84 13.14 8.68
N GLY B 380 -22.56 12.40 7.83
CA GLY B 380 -23.84 11.83 8.18
C GLY B 380 -23.73 10.62 9.09
N ASN B 381 -22.80 9.72 8.78
CA ASN B 381 -22.69 8.48 9.52
C ASN B 381 -21.47 8.40 10.43
N ALA B 382 -20.53 9.35 10.30
CA ALA B 382 -19.49 9.56 11.31
C ALA B 382 -19.46 11.03 11.69
N THR B 383 -18.26 11.65 11.68
CA THR B 383 -18.07 13.00 12.19
C THR B 383 -17.32 13.87 11.20
N GLY B 384 -17.27 13.48 9.94
CA GLY B 384 -16.52 14.34 9.01
C GLY B 384 -15.01 14.21 9.18
N HIS B 385 -14.30 15.20 8.66
CA HIS B 385 -12.85 15.16 8.68
C HIS B 385 -12.35 15.33 10.10
N PRO B 386 -11.14 14.82 10.40
CA PRO B 386 -10.56 15.00 11.72
C PRO B 386 -10.03 16.41 11.92
N SER B 387 -9.96 16.80 13.19
CA SER B 387 -9.54 18.14 13.57
C SER B 387 -8.28 18.57 12.84
N ARG B 388 -7.24 17.71 12.83
CA ARG B 388 -5.94 18.12 12.30
C ARG B 388 -5.99 18.38 10.80
N ILE B 389 -6.97 17.86 10.09
CA ILE B 389 -7.16 18.23 8.68
C ILE B 389 -7.96 19.51 8.57
N MET B 390 -9.07 19.60 9.29
CA MET B 390 -9.90 20.79 9.20
C MET B 390 -9.09 22.03 9.57
N ASP B 391 -8.06 21.86 10.39
CA ASP B 391 -7.11 22.92 10.72
C ASP B 391 -6.66 23.73 9.49
N GLY B 392 -6.32 23.03 8.39
CA GLY B 392 -5.92 23.69 7.16
C GLY B 392 -7.04 24.56 6.67
N SER B 393 -8.20 23.93 6.45
CA SER B 393 -9.37 24.61 5.89
C SER B 393 -9.73 25.86 6.69
N PHE B 394 -9.75 25.73 8.00
CA PHE B 394 -10.32 26.76 8.82
C PHE B 394 -9.35 27.88 9.12
N ALA B 395 -8.05 27.61 9.05
CA ALA B 395 -7.07 28.70 9.04
C ALA B 395 -7.24 29.54 7.78
N ASN B 396 -7.45 28.89 6.64
CA ASN B 396 -7.74 29.63 5.41
C ASN B 396 -9.02 30.45 5.54
N GLN B 397 -10.06 29.87 6.14
CA GLN B 397 -11.31 30.61 6.33
C GLN B 397 -11.07 31.87 7.16
N VAL B 398 -10.37 31.72 8.29
CA VAL B 398 -10.14 32.85 9.17
C VAL B 398 -9.37 33.92 8.41
N LEU B 399 -8.30 33.51 7.71
CA LEU B 399 -7.51 34.49 6.96
C LEU B 399 -8.36 35.19 5.91
N ALA B 400 -9.20 34.44 5.20
CA ALA B 400 -10.05 35.04 4.18
C ALA B 400 -11.00 36.07 4.81
N GLN B 401 -11.50 35.77 6.01
CA GLN B 401 -12.38 36.72 6.69
C GLN B 401 -11.67 38.03 6.97
N ILE B 402 -10.39 37.97 7.36
CA ILE B 402 -9.64 39.19 7.64
C ILE B 402 -9.41 39.99 6.36
N HIS B 403 -8.86 39.35 5.31
CA HIS B 403 -8.70 39.90 3.97
C HIS B 403 -9.91 40.74 3.56
N LEU B 404 -11.08 40.10 3.47
CA LEU B 404 -12.26 40.74 2.91
C LEU B 404 -12.83 41.79 3.85
N PHE B 405 -12.83 41.51 5.15
CA PHE B 405 -13.35 42.51 6.09
C PHE B 405 -12.51 43.80 6.05
N GLU B 406 -11.18 43.67 6.11
CA GLU B 406 -10.35 44.87 6.04
C GLU B 406 -10.53 45.61 4.71
N GLN B 407 -11.17 44.98 3.72
CA GLN B 407 -11.36 45.61 2.42
C GLN B 407 -12.60 46.48 2.35
N LYS B 408 -13.59 46.26 3.22
CA LYS B 408 -14.72 47.19 3.38
C LYS B 408 -15.38 47.49 2.04
N TYR B 409 -15.67 46.42 1.29
CA TYR B 409 -16.22 46.58 -0.06
C TYR B 409 -17.55 47.30 -0.04
N ALA B 410 -18.34 47.12 1.01
CA ALA B 410 -19.67 47.70 1.03
C ALA B 410 -19.63 49.22 1.16
N ASP B 411 -18.52 49.80 1.63
CA ASP B 411 -18.41 51.25 1.69
C ASP B 411 -17.88 51.86 0.40
N LEU B 412 -17.59 51.06 -0.63
CA LEU B 412 -17.04 51.69 -1.83
C LEU B 412 -18.15 52.19 -2.74
N PRO B 413 -17.86 53.19 -3.57
CA PRO B 413 -18.80 53.57 -4.63
C PRO B 413 -18.89 52.50 -5.70
N ALA B 414 -19.97 52.58 -6.48
CA ALA B 414 -20.32 51.51 -7.41
C ALA B 414 -19.23 51.27 -8.45
N ALA B 415 -18.69 52.36 -9.01
CA ALA B 415 -17.63 52.25 -10.00
C ALA B 415 -16.39 51.56 -9.44
N GLU B 416 -16.09 51.79 -8.16
CA GLU B 416 -15.00 51.08 -7.52
C GLU B 416 -15.40 49.67 -7.13
N LYS B 417 -16.66 49.49 -6.72
CA LYS B 417 -17.13 48.13 -6.47
C LYS B 417 -16.92 47.27 -7.72
N ALA B 418 -17.26 47.84 -8.89
CA ALA B 418 -17.18 47.07 -10.13
C ALA B 418 -15.79 46.48 -10.32
N LYS B 419 -14.75 47.27 -10.07
CA LYS B 419 -13.37 46.85 -10.25
C LYS B 419 -12.91 45.87 -9.18
N ARG B 420 -13.60 45.83 -8.04
CA ARG B 420 -13.23 44.95 -6.95
C ARG B 420 -14.07 43.66 -6.90
N LEU B 421 -15.03 43.49 -7.81
CA LEU B 421 -16.02 42.43 -7.69
C LEU B 421 -15.49 41.18 -8.38
N SER B 422 -15.07 40.18 -7.59
CA SER B 422 -14.35 39.03 -8.13
C SER B 422 -14.50 37.83 -7.21
N VAL B 423 -13.95 36.70 -7.67
CA VAL B 423 -13.82 35.49 -6.86
C VAL B 423 -12.35 35.10 -6.95
N GLU B 424 -11.62 35.25 -5.84
CA GLU B 424 -10.17 35.03 -5.83
C GLU B 424 -9.79 34.03 -4.76
N VAL B 425 -8.53 33.61 -4.80
CA VAL B 425 -7.97 32.69 -3.83
C VAL B 425 -6.93 33.43 -3.03
N LEU B 426 -6.56 32.86 -1.90
CA LEU B 426 -5.52 33.42 -1.08
C LEU B 426 -4.18 33.33 -1.80
N PRO B 427 -3.30 34.30 -1.57
CA PRO B 427 -1.96 34.24 -2.15
C PRO B 427 -1.19 33.03 -1.64
N LYS B 428 -0.30 32.51 -2.51
CA LYS B 428 0.49 31.33 -2.14
C LYS B 428 1.14 31.50 -0.78
N LYS B 429 1.64 32.71 -0.49
CA LYS B 429 2.40 32.93 0.74
C LYS B 429 1.58 32.55 1.96
N LEU B 430 0.29 32.91 1.99
CA LEU B 430 -0.55 32.48 3.11
C LEU B 430 -0.71 30.97 3.11
N ASP B 431 -0.90 30.38 1.93
CA ASP B 431 -1.05 28.93 1.80
C ASP B 431 0.15 28.22 2.42
N GLU B 432 1.36 28.68 2.05
CA GLU B 432 2.59 28.13 2.62
C GLU B 432 2.68 28.35 4.14
N GLU B 433 2.20 29.49 4.63
CA GLU B 433 2.26 29.73 6.07
C GLU B 433 1.35 28.77 6.83
N VAL B 434 0.14 28.51 6.31
CA VAL B 434 -0.72 27.50 6.93
C VAL B 434 -0.03 26.15 6.91
N ALA B 435 0.57 25.81 5.77
CA ALA B 435 1.17 24.49 5.62
C ALA B 435 2.34 24.30 6.58
N LEU B 436 3.17 25.32 6.74
CA LEU B 436 4.27 25.24 7.69
C LEU B 436 3.75 24.88 9.07
N GLU B 437 2.66 25.54 9.50
CA GLU B 437 2.13 25.25 10.83
C GLU B 437 1.57 23.82 10.92
N MET B 438 0.95 23.34 9.85
CA MET B 438 0.50 21.95 9.81
C MET B 438 1.68 21.00 9.92
N VAL B 439 2.76 21.29 9.20
CA VAL B 439 3.93 20.43 9.21
C VAL B 439 4.53 20.36 10.61
N LYS B 440 4.72 21.52 11.24
CA LYS B 440 5.25 21.56 12.59
C LYS B 440 4.34 20.79 13.56
N GLY B 441 3.03 20.75 13.28
CA GLY B 441 2.15 19.96 14.13
C GLY B 441 2.48 18.49 14.13
N PHE B 442 3.02 17.99 13.01
CA PHE B 442 3.49 16.61 12.96
C PHE B 442 4.90 16.44 13.50
N GLY B 443 5.56 17.52 13.89
CA GLY B 443 6.97 17.49 14.22
C GLY B 443 7.89 17.46 13.03
N GLY B 444 7.36 17.75 11.83
CA GLY B 444 8.21 17.85 10.65
C GLY B 444 9.12 19.06 10.73
N VAL B 445 10.31 18.92 10.14
CA VAL B 445 11.32 19.97 10.10
C VAL B 445 11.56 20.33 8.63
N VAL B 446 11.15 21.52 8.27
CA VAL B 446 11.39 22.05 6.93
C VAL B 446 12.84 22.53 6.85
N THR B 447 13.48 22.29 5.72
CA THR B 447 14.83 22.78 5.52
C THR B 447 14.80 24.19 4.93
N GLN B 448 15.67 25.05 5.43
CA GLN B 448 15.83 26.40 4.92
C GLN B 448 16.85 26.39 3.78
N LEU B 449 16.50 26.99 2.66
CA LEU B 449 17.44 27.14 1.54
C LEU B 449 18.61 28.04 1.92
N THR B 450 19.79 27.77 1.31
CA THR B 450 20.85 28.76 1.39
C THR B 450 20.59 29.92 0.43
N PRO B 451 21.17 31.10 0.70
CA PRO B 451 21.04 32.20 -0.26
C PRO B 451 21.44 31.79 -1.67
N LYS B 452 22.52 31.00 -1.79
CA LYS B 452 22.97 30.54 -3.09
C LYS B 452 21.96 29.61 -3.73
N GLN B 453 21.36 28.71 -2.93
CA GLN B 453 20.34 27.79 -3.43
C GLN B 453 19.08 28.53 -3.83
N ALA B 454 18.69 29.52 -3.04
CA ALA B 454 17.51 30.29 -3.38
C ALA B 454 17.72 31.01 -4.70
N GLU B 455 18.91 31.59 -4.87
CA GLU B 455 19.24 32.26 -6.12
C GLU B 455 19.24 31.28 -7.28
N TYR B 456 19.72 30.06 -7.05
CA TYR B 456 19.79 29.06 -8.10
C TYR B 456 18.43 28.77 -8.71
N ILE B 457 17.43 28.51 -7.87
CA ILE B 457 16.11 28.15 -8.38
C ILE B 457 15.21 29.37 -8.53
N GLY B 458 15.70 30.57 -8.18
CA GLY B 458 15.00 31.80 -8.47
C GLY B 458 13.89 32.17 -7.51
N VAL B 459 14.04 31.83 -6.21
CA VAL B 459 13.02 32.10 -5.21
C VAL B 459 13.64 32.88 -4.06
N SER B 460 12.77 33.53 -3.28
CA SER B 460 13.23 34.05 -1.99
C SER B 460 13.43 32.92 -1.00
N VAL B 461 14.38 33.12 -0.07
CA VAL B 461 14.54 32.16 1.01
C VAL B 461 13.25 31.98 1.80
N GLU B 462 12.40 33.00 1.82
CA GLU B 462 11.15 32.97 2.56
C GLU B 462 9.97 32.48 1.75
N GLY B 463 10.17 32.06 0.49
CA GLY B 463 9.08 31.78 -0.42
C GLY B 463 8.42 33.06 -0.94
N PRO B 464 7.37 32.92 -1.77
CA PRO B 464 6.75 31.65 -2.20
C PRO B 464 7.75 30.77 -2.94
N PHE B 465 7.55 29.45 -2.89
CA PHE B 465 8.53 28.51 -3.42
C PHE B 465 8.17 27.99 -4.79
N LYS B 466 6.99 28.32 -5.29
CA LYS B 466 6.54 27.82 -6.57
C LYS B 466 5.84 28.93 -7.33
N PRO B 467 5.90 28.90 -8.66
CA PRO B 467 5.07 29.80 -9.46
C PRO B 467 3.59 29.53 -9.24
N ASP B 468 2.76 30.56 -9.47
CA ASP B 468 1.33 30.39 -9.26
C ASP B 468 0.72 29.29 -10.13
N THR B 469 1.38 28.91 -11.24
CA THR B 469 0.88 27.83 -12.11
C THR B 469 1.10 26.43 -11.54
N TYR B 470 1.82 26.27 -10.43
CA TYR B 470 2.27 24.94 -10.00
C TYR B 470 1.12 24.13 -9.39
N ARG B 471 1.04 22.84 -9.75
CA ARG B 471 -0.10 22.00 -9.40
C ARG B 471 0.13 21.09 -8.19
N TYR B 472 1.35 20.98 -7.65
CA TYR B 472 1.62 20.07 -6.53
C TYR B 472 1.07 18.66 -6.83
N ALA C 11 25.49 1.62 -45.12
CA ALA C 11 25.87 1.58 -46.54
C ALA C 11 25.69 2.95 -47.19
N GLY C 12 26.80 3.54 -47.66
CA GLY C 12 26.78 4.85 -48.29
C GLY C 12 26.52 6.02 -47.33
N PHE C 13 25.58 5.84 -46.41
CA PHE C 13 25.22 6.84 -45.42
C PHE C 13 26.08 6.69 -44.16
N THR C 14 26.82 7.75 -43.81
CA THR C 14 27.79 7.71 -42.72
C THR C 14 27.60 8.83 -41.69
N ASP C 15 26.44 9.50 -41.69
CA ASP C 15 26.22 10.72 -40.91
C ASP C 15 25.63 10.35 -39.53
N TYR C 16 26.48 9.84 -38.66
CA TYR C 16 26.07 9.41 -37.33
C TYR C 16 27.29 8.98 -36.54
N LYS C 17 27.11 8.77 -35.23
CA LYS C 17 28.14 8.13 -34.43
C LYS C 17 27.48 7.46 -33.23
N VAL C 18 27.51 6.13 -33.21
CA VAL C 18 26.91 5.32 -32.16
C VAL C 18 27.94 4.32 -31.67
N ALA C 19 27.61 3.63 -30.58
CA ALA C 19 28.53 2.66 -29.98
C ALA C 19 28.77 1.49 -30.91
N ASP C 20 27.71 0.95 -31.51
CA ASP C 20 27.82 -0.33 -32.22
C ASP C 20 26.59 -0.49 -33.13
N ILE C 21 26.78 -0.22 -34.42
CA ILE C 21 25.68 -0.24 -35.37
C ILE C 21 25.04 -1.63 -35.45
N THR C 22 25.82 -2.70 -35.27
CA THR C 22 25.22 -4.04 -35.33
C THR C 22 24.15 -4.24 -34.27
N LEU C 23 24.03 -3.33 -33.31
CA LEU C 23 22.92 -3.48 -32.38
C LEU C 23 21.59 -3.05 -33.01
N ALA C 24 21.57 -2.66 -34.30
CA ALA C 24 20.37 -2.05 -34.88
C ALA C 24 19.17 -2.99 -34.86
N ALA C 25 19.35 -4.23 -35.32
CA ALA C 25 18.23 -5.19 -35.40
C ALA C 25 17.57 -5.42 -34.04
N TRP C 26 18.37 -5.62 -32.99
CA TRP C 26 17.79 -5.71 -31.66
C TRP C 26 17.04 -4.44 -31.29
N GLY C 27 17.61 -3.28 -31.63
CA GLY C 27 16.90 -2.03 -31.41
C GLY C 27 15.55 -1.99 -32.11
N ARG C 28 15.54 -2.39 -33.38
CA ARG C 28 14.27 -2.37 -34.14
C ARG C 28 13.22 -3.20 -33.43
N ARG C 29 13.59 -4.41 -33.00
CA ARG C 29 12.64 -5.27 -32.31
C ARG C 29 12.04 -4.58 -31.10
N GLU C 30 12.86 -3.85 -30.33
CA GLU C 30 12.32 -3.17 -29.14
C GLU C 30 11.47 -1.97 -29.52
N LEU C 31 11.77 -1.31 -30.66
CA LEU C 31 10.92 -0.23 -31.15
C LEU C 31 9.54 -0.75 -31.51
N ILE C 32 9.48 -1.92 -32.15
CA ILE C 32 8.20 -2.46 -32.56
C ILE C 32 7.33 -2.78 -31.34
N ILE C 33 7.91 -3.42 -30.32
CA ILE C 33 7.21 -3.59 -29.05
C ILE C 33 6.72 -2.23 -28.52
N ALA C 34 7.64 -1.25 -28.47
CA ALA C 34 7.31 0.02 -27.85
C ALA C 34 6.15 0.70 -28.55
N GLU C 35 6.08 0.56 -29.88
CA GLU C 35 4.96 1.11 -30.62
C GLU C 35 3.63 0.61 -30.06
N SER C 36 3.55 -0.68 -29.73
CA SER C 36 2.34 -1.21 -29.10
C SER C 36 2.15 -0.71 -27.67
N GLU C 37 3.16 -0.13 -27.03
CA GLU C 37 2.99 0.44 -25.71
C GLU C 37 2.69 1.94 -25.75
N MET C 38 2.63 2.57 -26.93
CA MET C 38 2.48 4.02 -27.05
C MET C 38 1.34 4.37 -28.01
N PRO C 39 0.09 4.24 -27.56
CA PRO C 39 -1.05 4.45 -28.49
C PRO C 39 -1.34 5.91 -28.79
N ALA C 40 -0.99 6.84 -27.90
CA ALA C 40 -1.11 8.26 -28.23
C ALA C 40 -0.14 8.63 -29.34
N LEU C 41 1.13 8.26 -29.16
CA LEU C 41 2.12 8.53 -30.19
C LEU C 41 1.74 7.87 -31.52
N MET C 42 1.40 6.58 -31.46
N MET C 42 1.36 6.60 -31.48
CA MET C 42 0.98 5.88 -32.66
CA MET C 42 1.02 5.94 -32.73
C MET C 42 -0.27 6.52 -33.25
C MET C 42 -0.31 6.43 -33.27
N GLY C 43 -1.23 6.88 -32.40
CA GLY C 43 -2.43 7.53 -32.90
C GLY C 43 -2.11 8.79 -33.67
N LEU C 44 -1.24 9.65 -33.12
CA LEU C 44 -0.78 10.83 -33.83
C LEU C 44 -0.20 10.45 -35.17
N ARG C 45 0.63 9.41 -35.19
CA ARG C 45 1.24 8.92 -36.42
C ARG C 45 0.17 8.58 -37.45
N ARG C 46 -0.87 7.86 -37.03
CA ARG C 46 -1.89 7.52 -38.00
C ARG C 46 -2.73 8.73 -38.37
N LYS C 47 -3.02 9.63 -37.44
CA LYS C 47 -3.94 10.70 -37.84
C LYS C 47 -3.29 11.70 -38.76
N TYR C 48 -1.96 11.89 -38.69
CA TYR C 48 -1.30 12.98 -39.40
C TYR C 48 -0.30 12.56 -40.46
N ALA C 49 0.00 11.27 -40.62
CA ALA C 49 0.98 10.91 -41.63
C ALA C 49 0.53 11.36 -43.02
N GLY C 50 -0.77 11.34 -43.29
CA GLY C 50 -1.26 11.77 -44.59
C GLY C 50 -1.04 13.24 -44.83
N GLN C 51 -1.42 14.08 -43.86
CA GLN C 51 -1.35 15.53 -44.06
CA GLN C 51 -1.34 15.53 -44.09
C GLN C 51 0.08 16.07 -44.01
N GLN C 52 1.03 15.31 -43.46
CA GLN C 52 2.43 15.72 -43.38
C GLN C 52 2.60 17.13 -42.78
N PRO C 53 2.09 17.37 -41.57
CA PRO C 53 2.18 18.73 -41.01
C PRO C 53 3.61 19.16 -40.68
N LEU C 54 4.56 18.23 -40.64
CA LEU C 54 5.94 18.59 -40.36
C LEU C 54 6.80 18.64 -41.61
N LYS C 55 6.20 18.51 -42.80
CA LYS C 55 6.98 18.63 -44.03
C LYS C 55 7.69 19.98 -44.08
N GLY C 56 9.01 19.95 -44.29
CA GLY C 56 9.85 21.14 -44.22
C GLY C 56 10.43 21.45 -42.86
N ALA C 57 9.96 20.83 -41.80
CA ALA C 57 10.55 21.09 -40.50
C ALA C 57 11.92 20.42 -40.40
N LYS C 58 12.85 21.09 -39.73
CA LYS C 58 14.21 20.59 -39.55
C LYS C 58 14.56 20.71 -38.07
N ILE C 59 14.50 19.60 -37.34
CA ILE C 59 14.44 19.62 -35.89
C ILE C 59 15.77 19.17 -35.31
N LEU C 60 16.44 20.07 -34.60
CA LEU C 60 17.55 19.70 -33.74
C LEU C 60 16.96 19.13 -32.47
N GLY C 61 17.22 17.86 -32.21
CA GLY C 61 16.69 17.17 -31.04
C GLY C 61 17.82 16.77 -30.09
N CYS C 62 17.64 17.08 -28.81
CA CYS C 62 18.60 16.77 -27.76
C CYS C 62 17.82 16.18 -26.60
N ILE C 63 17.84 14.85 -26.48
CA ILE C 63 17.13 14.17 -25.39
C ILE C 63 17.57 12.72 -25.34
N HIS C 64 17.70 12.18 -24.11
CA HIS C 64 18.09 10.80 -23.86
C HIS C 64 17.72 9.88 -25.02
N MET C 65 18.74 9.27 -25.65
CA MET C 65 18.56 8.43 -26.84
C MET C 65 18.15 7.01 -26.41
N THR C 66 16.92 6.92 -25.89
CA THR C 66 16.31 5.67 -25.49
C THR C 66 15.40 5.12 -26.60
N ILE C 67 14.88 3.92 -26.34
CA ILE C 67 13.87 3.31 -27.21
C ILE C 67 12.64 4.20 -27.30
N GLN C 68 12.25 4.84 -26.21
CA GLN C 68 11.10 5.72 -26.24
C GLN C 68 11.36 6.93 -27.14
N THR C 69 12.55 7.51 -27.04
CA THR C 69 12.90 8.63 -27.90
C THR C 69 12.93 8.21 -29.36
N GLY C 70 13.29 6.95 -29.61
CA GLY C 70 13.31 6.46 -30.97
C GLY C 70 11.92 6.45 -31.59
N VAL C 71 10.92 6.07 -30.82
CA VAL C 71 9.56 6.12 -31.35
C VAL C 71 9.15 7.55 -31.60
N LEU C 72 9.48 8.45 -30.66
CA LEU C 72 9.23 9.87 -30.89
C LEU C 72 9.92 10.36 -32.16
N ILE C 73 11.20 10.01 -32.33
CA ILE C 73 11.92 10.47 -33.51
C ILE C 73 11.23 10.00 -34.78
N GLU C 74 10.69 8.79 -34.75
CA GLU C 74 10.11 8.21 -35.96
C GLU C 74 8.69 8.68 -36.18
N THR C 75 8.00 9.16 -35.15
CA THR C 75 6.72 9.83 -35.38
C THR C 75 6.92 11.17 -36.10
N LEU C 76 7.90 11.96 -35.65
CA LEU C 76 8.19 13.25 -36.31
C LEU C 76 8.58 13.04 -37.78
N VAL C 77 9.51 12.09 -38.02
CA VAL C 77 9.95 11.80 -39.38
C VAL C 77 8.76 11.35 -40.22
N ALA C 78 7.90 10.51 -39.65
CA ALA C 78 6.72 10.02 -40.35
C ALA C 78 5.76 11.14 -40.69
N LEU C 79 5.86 12.29 -40.02
CA LEU C 79 5.02 13.43 -40.33
C LEU C 79 5.67 14.44 -41.28
N GLY C 80 6.88 14.16 -41.76
CA GLY C 80 7.53 14.97 -42.78
C GLY C 80 8.85 15.59 -42.35
N ALA C 81 9.22 15.49 -41.09
CA ALA C 81 10.38 16.19 -40.58
C ALA C 81 11.69 15.48 -40.92
N GLU C 82 12.74 16.27 -41.16
CA GLU C 82 14.12 15.84 -40.97
C GLU C 82 14.57 16.18 -39.55
N VAL C 83 15.48 15.37 -39.00
CA VAL C 83 15.98 15.58 -37.64
C VAL C 83 17.49 15.37 -37.61
N ARG C 84 18.12 15.92 -36.56
CA ARG C 84 19.50 15.60 -36.20
C ARG C 84 19.57 15.57 -34.68
N TRP C 85 20.03 14.43 -34.13
CA TRP C 85 19.72 14.06 -32.76
C TRP C 85 20.97 13.72 -31.96
N SER C 86 20.96 14.14 -30.69
CA SER C 86 21.94 13.72 -29.71
C SER C 86 21.20 13.47 -28.40
N SER C 87 21.88 12.82 -27.46
CA SER C 87 21.35 12.61 -26.12
C SER C 87 21.64 13.82 -25.26
N CYS C 88 20.79 14.06 -24.26
CA CYS C 88 21.04 15.13 -23.30
C CYS C 88 21.72 14.64 -22.03
N ASN C 89 22.29 13.42 -22.03
CA ASN C 89 23.00 12.98 -20.85
C ASN C 89 24.03 11.93 -21.27
N ILE C 90 25.16 11.91 -20.55
CA ILE C 90 26.28 11.08 -20.99
C ILE C 90 26.01 9.60 -20.79
N PHE C 91 25.12 9.23 -19.87
CA PHE C 91 24.84 7.85 -19.51
C PHE C 91 23.45 7.35 -19.92
N SER C 92 22.61 8.19 -20.53
CA SER C 92 21.22 7.80 -20.67
C SER C 92 20.90 7.06 -21.97
N THR C 93 21.80 7.05 -22.94
CA THR C 93 21.51 6.41 -24.21
C THR C 93 21.36 4.89 -24.07
N GLN C 94 20.40 4.33 -24.79
CA GLN C 94 20.35 2.89 -25.06
C GLN C 94 21.04 2.65 -26.40
N ASP C 95 22.19 1.97 -26.35
CA ASP C 95 22.98 1.80 -27.57
C ASP C 95 22.21 1.10 -28.69
N GLN C 96 21.25 0.22 -28.34
CA GLN C 96 20.50 -0.42 -29.41
C GLN C 96 19.46 0.52 -30.01
N ALA C 97 18.98 1.50 -29.24
CA ALA C 97 18.11 2.51 -29.82
C ALA C 97 18.89 3.44 -30.74
N ALA C 98 20.02 3.96 -30.25
CA ALA C 98 20.87 4.80 -31.11
C ALA C 98 21.14 4.09 -32.43
N ALA C 99 21.54 2.80 -32.35
CA ALA C 99 21.89 2.05 -33.55
C ALA C 99 20.70 1.89 -34.48
N ALA C 100 19.54 1.53 -33.93
CA ALA C 100 18.37 1.37 -34.78
C ALA C 100 18.07 2.67 -35.53
N ILE C 101 18.23 3.82 -34.86
CA ILE C 101 17.93 5.09 -35.51
C ILE C 101 18.93 5.40 -36.62
N ALA C 102 20.22 5.19 -36.39
CA ALA C 102 21.16 5.49 -37.45
C ALA C 102 21.01 4.50 -38.59
N ALA C 103 20.55 3.28 -38.29
CA ALA C 103 20.36 2.31 -39.36
C ALA C 103 19.15 2.68 -40.21
N ALA C 104 18.20 3.41 -39.64
CA ALA C 104 17.09 3.97 -40.39
C ALA C 104 17.50 5.15 -41.27
N GLY C 105 18.77 5.54 -41.26
CA GLY C 105 19.21 6.68 -42.05
C GLY C 105 19.00 8.05 -41.43
N ILE C 106 19.00 8.15 -40.10
CA ILE C 106 18.69 9.38 -39.38
C ILE C 106 19.93 9.80 -38.62
N PRO C 107 20.38 11.06 -38.74
CA PRO C 107 21.58 11.49 -38.02
C PRO C 107 21.38 11.47 -36.52
N VAL C 108 22.24 10.71 -35.83
CA VAL C 108 22.18 10.54 -34.38
C VAL C 108 23.60 10.39 -33.86
N PHE C 109 23.90 11.08 -32.77
CA PHE C 109 25.26 11.12 -32.23
C PHE C 109 25.13 10.91 -30.72
N ALA C 110 25.19 9.65 -30.29
CA ALA C 110 24.79 9.28 -28.93
C ALA C 110 25.25 7.88 -28.58
N TRP C 111 25.81 7.71 -27.38
CA TRP C 111 26.16 6.39 -26.90
C TRP C 111 26.30 6.46 -25.38
N LYS C 112 26.04 5.31 -24.73
CA LYS C 112 26.11 5.25 -23.29
C LYS C 112 27.57 5.34 -22.85
N GLY C 113 27.85 6.21 -21.90
CA GLY C 113 29.20 6.35 -21.40
C GLY C 113 30.04 7.37 -22.12
N GLU C 114 29.43 8.43 -22.67
CA GLU C 114 30.20 9.52 -23.24
C GLU C 114 31.04 10.22 -22.17
N THR C 115 32.11 10.84 -22.61
CA THR C 115 32.78 11.83 -21.78
C THR C 115 32.10 13.18 -21.95
N GLU C 116 32.51 14.14 -21.12
CA GLU C 116 32.00 15.49 -21.26
C GLU C 116 32.41 16.09 -22.61
N GLU C 117 33.68 15.96 -22.99
CA GLU C 117 34.11 16.48 -24.29
C GLU C 117 33.31 15.83 -25.41
N GLU C 118 33.09 14.52 -25.33
CA GLU C 118 32.31 13.85 -26.36
C GLU C 118 30.87 14.32 -26.37
N TYR C 119 30.30 14.57 -25.19
CA TYR C 119 28.91 15.01 -25.11
C TYR C 119 28.69 16.27 -25.93
N GLU C 120 29.52 17.30 -25.71
CA GLU C 120 29.32 18.53 -26.46
C GLU C 120 29.65 18.35 -27.94
N TRP C 121 30.61 17.50 -28.26
CA TRP C 121 30.85 17.12 -29.65
C TRP C 121 29.58 16.59 -30.33
N CYS C 122 28.82 15.73 -29.64
CA CYS C 122 27.60 15.16 -30.22
C CYS C 122 26.54 16.23 -30.48
N ILE C 123 26.36 17.16 -29.54
CA ILE C 123 25.43 18.24 -29.81
C ILE C 123 25.91 19.04 -31.01
N GLU C 124 27.22 19.33 -31.07
CA GLU C 124 27.79 20.08 -32.19
CA GLU C 124 27.79 20.08 -32.19
C GLU C 124 27.55 19.36 -33.52
N GLN C 125 27.56 18.02 -33.51
CA GLN C 125 27.38 17.30 -34.77
C GLN C 125 25.95 17.36 -35.25
N THR C 126 24.99 17.61 -34.36
CA THR C 126 23.63 17.88 -34.84
C THR C 126 23.54 19.27 -35.45
N ILE C 127 24.23 20.25 -34.85
CA ILE C 127 24.14 21.64 -35.28
C ILE C 127 24.87 21.85 -36.61
N LEU C 128 25.96 21.14 -36.84
CA LEU C 128 26.72 21.26 -38.08
C LEU C 128 26.47 20.04 -38.96
N LYS C 129 26.32 20.29 -40.26
CA LYS C 129 26.28 19.24 -41.26
C LYS C 129 27.25 19.63 -42.36
N ASP C 130 28.28 18.80 -42.57
CA ASP C 130 29.35 19.12 -43.51
C ASP C 130 30.10 20.36 -43.07
N GLY C 131 30.23 20.54 -41.76
CA GLY C 131 31.01 21.66 -41.25
C GLY C 131 30.27 22.98 -41.19
N GLN C 132 29.30 23.16 -42.07
CA GLN C 132 28.55 24.40 -41.93
C GLN C 132 27.32 24.16 -41.07
N PRO C 133 26.80 25.20 -40.41
CA PRO C 133 25.55 25.05 -39.67
C PRO C 133 24.45 24.48 -40.54
N TRP C 134 23.66 23.57 -39.95
CA TRP C 134 22.50 23.02 -40.62
C TRP C 134 21.38 24.06 -40.67
N ASP C 135 20.60 24.05 -41.76
CA ASP C 135 19.47 24.96 -41.91
C ASP C 135 18.28 24.48 -41.08
N ALA C 136 18.50 24.40 -39.77
CA ALA C 136 17.47 23.99 -38.84
C ALA C 136 16.39 25.06 -38.72
N ASN C 137 15.22 24.66 -38.23
CA ASN C 137 14.15 25.62 -38.02
C ASN C 137 13.24 25.23 -36.87
N MET C 138 13.53 24.15 -36.15
CA MET C 138 12.79 23.73 -34.96
C MET C 138 13.76 23.10 -33.97
N VAL C 139 13.41 23.15 -32.69
CA VAL C 139 14.29 22.67 -31.64
C VAL C 139 13.47 21.89 -30.64
N LEU C 140 13.89 20.66 -30.34
CA LEU C 140 13.33 19.84 -29.26
C LEU C 140 14.42 19.54 -28.24
N ASP C 141 14.19 19.94 -26.99
CA ASP C 141 15.26 19.93 -25.99
C ASP C 141 14.74 19.35 -24.69
N ASP C 142 15.65 18.79 -23.90
CA ASP C 142 15.33 18.23 -22.60
C ASP C 142 16.43 18.70 -21.66
N GLY C 143 16.14 19.75 -20.89
CA GLY C 143 17.09 20.28 -19.93
C GLY C 143 17.75 21.59 -20.35
N GLY C 144 17.60 22.02 -21.61
CA GLY C 144 18.03 23.35 -22.05
C GLY C 144 19.46 23.44 -22.55
N ASP C 145 20.20 22.33 -22.62
CA ASP C 145 21.59 22.38 -23.05
C ASP C 145 21.68 22.80 -24.52
N LEU C 146 20.83 22.22 -25.39
CA LEU C 146 20.84 22.57 -26.81
C LEU C 146 20.44 24.03 -26.99
N THR C 147 19.39 24.45 -26.27
CA THR C 147 18.98 25.85 -26.27
C THR C 147 20.14 26.76 -25.90
N GLU C 148 21.00 26.30 -24.98
CA GLU C 148 22.07 27.12 -24.43
C GLU C 148 23.23 27.29 -25.41
N ILE C 149 23.54 26.24 -26.17
CA ILE C 149 24.62 26.33 -27.14
C ILE C 149 24.19 27.16 -28.33
N LEU C 150 22.94 27.00 -28.78
CA LEU C 150 22.42 27.82 -29.86
C LEU C 150 22.47 29.30 -29.52
N HIS C 151 21.97 29.68 -28.34
CA HIS C 151 21.94 31.10 -27.99
C HIS C 151 23.34 31.66 -27.79
N LYS C 152 24.25 30.88 -27.18
CA LYS C 152 25.58 31.40 -26.87
C LYS C 152 26.50 31.42 -28.09
N LYS C 153 26.61 30.29 -28.78
CA LYS C 153 27.67 30.04 -29.74
C LYS C 153 27.21 30.08 -31.20
N TYR C 154 25.91 29.86 -31.46
CA TYR C 154 25.35 29.93 -32.81
C TYR C 154 24.10 30.79 -32.83
N PRO C 155 24.19 32.03 -32.37
CA PRO C 155 22.97 32.87 -32.32
C PRO C 155 22.39 33.13 -33.70
N GLN C 156 23.19 33.10 -34.77
CA GLN C 156 22.63 33.35 -36.10
CA GLN C 156 22.65 33.34 -36.10
C GLN C 156 21.61 32.28 -36.47
N MET C 157 21.87 31.02 -36.11
CA MET C 157 20.94 29.94 -36.47
C MET C 157 19.53 30.19 -35.92
N LEU C 158 19.41 30.90 -34.81
CA LEU C 158 18.09 31.13 -34.24
C LEU C 158 17.22 32.04 -35.13
N GLU C 159 17.84 32.84 -36.01
CA GLU C 159 17.05 33.62 -36.97
C GLU C 159 16.11 32.72 -37.80
N ARG C 160 16.48 31.47 -38.03
CA ARG C 160 15.68 30.60 -38.89
C ARG C 160 14.76 29.67 -38.10
N ILE C 161 14.76 29.75 -36.78
CA ILE C 161 14.13 28.75 -35.95
C ILE C 161 12.80 29.29 -35.41
N HIS C 162 11.73 28.51 -35.62
CA HIS C 162 10.37 28.89 -35.24
C HIS C 162 10.02 28.58 -33.79
N GLY C 163 10.80 27.77 -33.09
CA GLY C 163 10.41 27.45 -31.74
C GLY C 163 11.26 26.38 -31.10
N ILE C 164 11.16 26.32 -29.78
CA ILE C 164 11.75 25.30 -28.93
C ILE C 164 10.61 24.60 -28.19
N THR C 165 10.65 23.26 -28.15
CA THR C 165 9.72 22.50 -27.31
C THR C 165 10.53 21.82 -26.23
N GLU C 166 10.35 22.26 -24.98
CA GLU C 166 11.26 21.88 -23.89
C GLU C 166 10.59 20.84 -22.99
N GLU C 167 11.32 19.74 -22.74
CA GLU C 167 10.72 18.54 -22.14
C GLU C 167 10.60 18.60 -20.61
N THR C 168 11.50 19.28 -19.90
CA THR C 168 11.65 19.01 -18.47
C THR C 168 11.70 20.29 -17.63
N THR C 169 11.47 20.08 -16.32
CA THR C 169 11.31 21.21 -15.40
C THR C 169 12.54 22.11 -15.38
N THR C 170 13.74 21.51 -15.32
CA THR C 170 14.95 22.32 -15.29
C THR C 170 15.07 23.15 -16.56
N GLY C 171 14.77 22.53 -17.72
CA GLY C 171 14.83 23.23 -18.98
C GLY C 171 13.84 24.37 -19.04
N VAL C 172 12.64 24.16 -18.51
CA VAL C 172 11.65 25.23 -18.51
C VAL C 172 12.11 26.37 -17.62
N HIS C 173 12.65 26.04 -16.44
CA HIS C 173 13.12 27.09 -15.56
C HIS C 173 14.13 27.99 -16.28
N ARG C 174 15.02 27.38 -17.08
CA ARG C 174 16.04 28.15 -17.77
C ARG C 174 15.41 29.04 -18.85
N LEU C 175 14.36 28.55 -19.55
CA LEU C 175 13.69 29.39 -20.55
C LEU C 175 13.03 30.61 -19.91
N LEU C 176 12.35 30.40 -18.78
CA LEU C 176 11.66 31.54 -18.17
C LEU C 176 12.66 32.60 -17.74
N ASP C 177 13.85 32.18 -17.32
CA ASP C 177 14.84 33.17 -16.88
C ASP C 177 15.38 33.95 -18.06
N MET C 178 15.58 33.29 -19.20
CA MET C 178 15.97 34.01 -20.41
C MET C 178 14.86 34.96 -20.85
N LEU C 179 13.62 34.49 -20.80
CA LEU C 179 12.50 35.34 -21.18
C LEU C 179 12.50 36.61 -20.34
N LYS C 180 12.55 36.46 -19.00
CA LYS C 180 12.63 37.62 -18.12
C LYS C 180 13.82 38.53 -18.45
N ASN C 181 14.92 37.95 -18.91
CA ASN C 181 16.10 38.74 -19.23
C ASN C 181 16.08 39.33 -20.64
N GLY C 182 15.11 38.97 -21.47
CA GLY C 182 15.15 39.41 -22.86
C GLY C 182 16.19 38.72 -23.70
N THR C 183 16.68 37.54 -23.28
CA THR C 183 17.69 36.84 -24.05
C THR C 183 17.14 35.66 -24.86
N LEU C 184 15.93 35.18 -24.55
CA LEU C 184 15.30 34.13 -25.36
C LEU C 184 14.96 34.67 -26.75
N LYS C 185 15.50 34.05 -27.81
CA LYS C 185 15.33 34.61 -29.15
C LYS C 185 14.18 34.02 -29.95
N VAL C 186 13.65 32.86 -29.57
CA VAL C 186 12.51 32.27 -30.27
C VAL C 186 11.48 31.83 -29.22
N PRO C 187 10.22 31.70 -29.60
CA PRO C 187 9.20 31.22 -28.65
C PRO C 187 9.40 29.75 -28.31
N ALA C 188 8.80 29.33 -27.18
CA ALA C 188 8.95 27.98 -26.67
C ALA C 188 7.63 27.45 -26.13
N ILE C 189 7.45 26.14 -26.24
CA ILE C 189 6.34 25.48 -25.56
C ILE C 189 6.90 24.70 -24.38
N ASN C 190 6.34 24.99 -23.20
CA ASN C 190 6.59 24.27 -21.96
C ASN C 190 5.83 22.94 -21.99
N VAL C 191 6.49 21.87 -22.47
CA VAL C 191 5.84 20.58 -22.51
C VAL C 191 5.73 19.98 -21.11
N ASN C 192 6.73 20.24 -20.25
CA ASN C 192 6.75 19.63 -18.92
C ASN C 192 5.41 19.76 -18.23
N ASP C 193 4.75 20.92 -18.37
CA ASP C 193 3.61 21.30 -17.54
C ASP C 193 2.24 20.84 -18.07
N SER C 194 2.16 20.05 -19.15
CA SER C 194 0.95 19.27 -19.36
C SER C 194 0.73 18.32 -18.17
N VAL C 195 -0.54 18.07 -17.84
CA VAL C 195 -0.82 17.07 -16.82
C VAL C 195 -0.39 15.70 -17.31
N THR C 196 -0.67 15.37 -18.57
CA THR C 196 -0.18 14.13 -19.13
C THR C 196 1.33 14.09 -19.27
N LYS C 197 2.05 15.13 -18.84
CA LYS C 197 3.50 15.06 -18.72
C LYS C 197 3.92 15.14 -17.26
N SER C 198 3.83 16.32 -16.64
CA SER C 198 4.30 16.55 -15.28
C SER C 198 3.78 15.50 -14.30
N LYS C 199 2.46 15.32 -14.26
CA LYS C 199 1.81 14.43 -13.31
CA LYS C 199 1.84 14.43 -13.29
C LYS C 199 1.67 13.02 -13.83
N ASN C 200 2.49 12.62 -14.78
CA ASN C 200 2.52 11.28 -15.34
C ASN C 200 3.97 10.82 -15.44
N ASP C 201 4.69 11.42 -16.38
CA ASP C 201 6.13 11.20 -16.53
C ASP C 201 6.91 11.48 -15.24
N ASN C 202 6.78 12.70 -14.71
CA ASN C 202 7.68 13.15 -13.64
C ASN C 202 7.48 12.33 -12.38
N LYS C 203 6.25 11.95 -12.07
CA LYS C 203 5.91 11.25 -10.85
C LYS C 203 5.87 9.73 -11.08
N TYR C 204 4.90 9.24 -11.86
CA TYR C 204 4.79 7.78 -12.05
C TYR C 204 6.01 7.19 -12.77
N GLY C 205 6.59 7.94 -13.71
CA GLY C 205 7.83 7.48 -14.33
C GLY C 205 8.93 7.16 -13.31
N CYS C 206 9.16 8.07 -12.35
CA CYS C 206 10.18 7.80 -11.34
C CYS C 206 9.74 6.68 -10.39
N ARG C 207 8.43 6.57 -10.11
CA ARG C 207 7.94 5.45 -9.33
CA ARG C 207 7.94 5.45 -9.33
C ARG C 207 8.37 4.12 -9.94
N HIS C 208 8.27 4.02 -11.27
CA HIS C 208 8.63 2.82 -12.01
C HIS C 208 10.13 2.62 -12.05
N SER C 209 10.89 3.70 -12.30
CA SER C 209 12.27 3.54 -12.73
C SER C 209 13.32 3.77 -11.63
N LEU C 210 12.96 4.37 -10.47
CA LEU C 210 13.98 4.59 -9.45
C LEU C 210 14.42 3.27 -8.81
N ASN C 211 13.45 2.50 -8.24
CA ASN C 211 13.84 1.25 -7.61
CA ASN C 211 13.80 1.23 -7.61
C ASN C 211 14.39 0.27 -8.63
N ASP C 212 13.87 0.33 -9.87
CA ASP C 212 14.45 -0.40 -10.99
C ASP C 212 15.96 -0.17 -11.08
N ALA C 213 16.38 1.11 -11.11
CA ALA C 213 17.79 1.42 -11.29
C ALA C 213 18.61 0.97 -10.09
N ILE C 214 18.06 1.12 -8.88
CA ILE C 214 18.83 0.75 -7.71
C ILE C 214 19.04 -0.77 -7.67
N LYS C 215 18.03 -1.56 -8.07
CA LYS C 215 18.16 -3.01 -8.13
C LYS C 215 19.21 -3.42 -9.16
N ARG C 216 19.13 -2.83 -10.37
CA ARG C 216 20.09 -3.20 -11.39
C ARG C 216 21.52 -2.84 -10.97
N GLY C 217 21.70 -1.73 -10.27
CA GLY C 217 23.03 -1.29 -9.90
C GLY C 217 23.66 -2.10 -8.79
N THR C 218 22.89 -2.42 -7.75
CA THR C 218 23.40 -3.03 -6.53
C THR C 218 22.75 -4.37 -6.19
N ASP C 219 21.59 -4.69 -6.78
CA ASP C 219 20.77 -5.83 -6.37
C ASP C 219 20.56 -5.86 -4.84
N HIS C 220 20.50 -4.67 -4.22
CA HIS C 220 20.22 -4.56 -2.78
C HIS C 220 18.76 -4.78 -2.46
N LEU C 221 18.52 -5.52 -1.37
CA LEU C 221 17.21 -5.52 -0.76
C LEU C 221 16.89 -4.14 -0.25
N LEU C 222 15.69 -3.66 -0.57
CA LEU C 222 15.25 -2.35 -0.12
C LEU C 222 14.35 -2.43 1.10
N SER C 223 13.58 -3.51 1.25
CA SER C 223 12.62 -3.58 2.35
C SER C 223 13.34 -3.55 3.70
N GLY C 224 12.73 -2.90 4.68
CA GLY C 224 13.30 -2.80 6.00
C GLY C 224 14.42 -1.80 6.18
N LYS C 225 14.97 -1.25 5.10
CA LYS C 225 16.04 -0.26 5.17
C LYS C 225 15.51 1.19 5.20
N GLN C 226 16.40 2.14 5.51
CA GLN C 226 16.07 3.54 5.77
C GLN C 226 16.47 4.37 4.56
N ALA C 227 15.51 5.12 4.02
CA ALA C 227 15.75 5.98 2.88
C ALA C 227 15.51 7.43 3.29
N LEU C 228 16.29 8.35 2.70
CA LEU C 228 16.07 9.78 2.82
C LEU C 228 15.92 10.36 1.43
N VAL C 229 14.76 10.95 1.16
CA VAL C 229 14.46 11.52 -0.15
C VAL C 229 14.52 13.03 -0.02
N ILE C 230 15.38 13.67 -0.80
CA ILE C 230 15.51 15.12 -0.75
C ILE C 230 14.61 15.71 -1.82
N GLY C 231 13.57 16.41 -1.38
CA GLY C 231 12.57 17.02 -2.23
C GLY C 231 11.30 16.18 -2.31
N TYR C 232 10.16 16.87 -2.46
CA TYR C 232 8.85 16.22 -2.61
C TYR C 232 8.00 16.96 -3.63
N GLY C 233 8.64 17.39 -4.74
CA GLY C 233 7.94 17.83 -5.94
C GLY C 233 7.44 16.62 -6.69
N ASP C 234 7.26 16.74 -8.01
CA ASP C 234 6.74 15.60 -8.77
C ASP C 234 7.72 14.43 -8.77
N VAL C 235 8.99 14.69 -9.03
CA VAL C 235 9.98 13.63 -8.96
C VAL C 235 10.12 13.09 -7.54
N GLY C 236 10.11 13.98 -6.55
CA GLY C 236 10.19 13.53 -5.17
C GLY C 236 9.01 12.66 -4.78
N LYS C 237 7.79 13.09 -5.15
CA LYS C 237 6.62 12.28 -4.85
C LYS C 237 6.72 10.89 -5.46
N GLY C 238 7.18 10.80 -6.71
CA GLY C 238 7.26 9.51 -7.36
C GLY C 238 8.39 8.67 -6.79
N SER C 239 9.51 9.31 -6.44
CA SER C 239 10.65 8.61 -5.89
C SER C 239 10.34 8.00 -4.53
N SER C 240 9.73 8.79 -3.66
CA SER C 240 9.32 8.30 -2.35
C SER C 240 8.41 7.09 -2.49
N GLN C 241 7.42 7.16 -3.38
CA GLN C 241 6.53 6.02 -3.56
CA GLN C 241 6.53 6.02 -3.58
C GLN C 241 7.28 4.80 -4.10
N SER C 242 8.21 5.03 -5.03
CA SER C 242 9.01 3.94 -5.58
C SER C 242 9.70 3.15 -4.45
N LEU C 243 10.24 3.84 -3.44
CA LEU C 243 10.96 3.22 -2.32
C LEU C 243 10.02 2.65 -1.27
N ARG C 244 8.93 3.36 -0.96
CA ARG C 244 8.01 2.92 0.09
C ARG C 244 7.26 1.65 -0.33
N GLN C 245 6.90 1.54 -1.61
CA GLN C 245 6.15 0.39 -2.06
C GLN C 245 7.01 -0.86 -2.01
N GLU C 246 8.34 -0.68 -2.00
CA GLU C 246 9.30 -1.75 -1.78
C GLU C 246 9.48 -2.09 -0.31
N GLY C 247 8.87 -1.34 0.60
CA GLY C 247 9.01 -1.56 2.02
C GLY C 247 10.14 -0.78 2.71
N MET C 248 10.73 0.21 2.05
CA MET C 248 11.69 1.08 2.73
C MET C 248 10.97 1.91 3.79
N ILE C 249 11.71 2.28 4.84
CA ILE C 249 11.26 3.31 5.77
C ILE C 249 11.82 4.62 5.23
N VAL C 250 10.92 5.50 4.76
CA VAL C 250 11.26 6.67 3.96
C VAL C 250 11.08 7.93 4.76
N LYS C 251 12.11 8.75 4.83
CA LYS C 251 11.99 10.11 5.33
C LYS C 251 12.17 11.07 4.18
N VAL C 252 11.44 12.20 4.28
CA VAL C 252 11.37 13.22 3.24
C VAL C 252 11.89 14.54 3.79
N ALA C 253 12.72 15.23 3.01
CA ALA C 253 13.10 16.60 3.29
C ALA C 253 12.58 17.52 2.19
N GLU C 254 12.29 18.77 2.58
CA GLU C 254 11.65 19.74 1.71
C GLU C 254 11.91 21.12 2.26
N VAL C 255 11.99 22.10 1.36
CA VAL C 255 12.00 23.51 1.74
C VAL C 255 10.64 24.15 1.51
N ASP C 256 9.80 23.55 0.69
CA ASP C 256 8.46 24.04 0.47
C ASP C 256 7.52 23.43 1.52
N PRO C 257 6.93 24.23 2.40
CA PRO C 257 6.05 23.67 3.44
C PRO C 257 4.80 23.00 2.87
N ILE C 258 4.36 23.38 1.66
CA ILE C 258 3.17 22.75 1.11
C ILE C 258 3.49 21.32 0.68
N CYS C 259 4.59 21.13 -0.07
CA CYS C 259 4.98 19.76 -0.39
C CYS C 259 5.26 18.94 0.86
N ALA C 260 5.90 19.57 1.87
CA ALA C 260 6.13 18.89 3.13
C ALA C 260 4.81 18.47 3.78
N MET C 261 3.78 19.31 3.69
N MET C 261 3.77 19.30 3.67
CA MET C 261 2.47 18.94 4.21
CA MET C 261 2.49 18.90 4.23
C MET C 261 1.94 17.71 3.50
C MET C 261 1.91 17.71 3.49
N GLN C 262 2.16 17.63 2.18
CA GLN C 262 1.69 16.47 1.44
C GLN C 262 2.43 15.20 1.87
N ALA C 263 3.75 15.30 2.11
CA ALA C 263 4.52 14.12 2.49
C ALA C 263 4.04 13.59 3.84
N CYS C 264 3.73 14.49 4.77
CA CYS C 264 3.19 14.06 6.05
C CYS C 264 1.91 13.26 5.84
N MET C 265 0.92 13.87 5.16
CA MET C 265 -0.36 13.23 4.91
C MET C 265 -0.19 11.96 4.10
N ASP C 266 0.85 11.90 3.29
CA ASP C 266 1.17 10.69 2.56
C ASP C 266 1.81 9.61 3.44
N GLY C 267 2.05 9.89 4.73
CA GLY C 267 2.58 8.90 5.63
C GLY C 267 4.09 8.90 5.72
N PHE C 268 4.74 10.01 5.41
CA PHE C 268 6.17 10.11 5.56
C PHE C 268 6.52 11.00 6.73
N GLU C 269 7.64 10.66 7.38
CA GLU C 269 8.24 11.54 8.37
C GLU C 269 9.07 12.60 7.65
N VAL C 270 8.87 13.87 8.01
CA VAL C 270 9.56 14.97 7.32
C VAL C 270 10.68 15.46 8.21
N VAL C 271 11.89 15.39 7.68
CA VAL C 271 13.10 15.65 8.45
C VAL C 271 13.99 16.54 7.61
N SER C 272 14.97 17.15 8.28
CA SER C 272 16.00 17.90 7.61
C SER C 272 17.36 17.29 7.92
N PRO C 273 18.31 17.34 6.97
CA PRO C 273 19.68 16.93 7.31
C PRO C 273 20.34 17.85 8.31
N TYR C 274 19.87 19.10 8.41
CA TYR C 274 20.47 20.12 9.27
C TYR C 274 19.62 20.30 10.51
N LYS C 275 20.30 20.48 11.66
CA LYS C 275 19.60 20.72 12.90
C LYS C 275 18.72 21.96 12.78
N ASN C 276 17.40 21.79 12.99
CA ASN C 276 16.42 22.85 12.88
C ASN C 276 16.28 23.39 11.44
N GLY C 277 16.70 22.62 10.45
CA GLY C 277 16.64 23.02 9.07
C GLY C 277 17.73 23.98 8.64
N ILE C 278 18.62 24.38 9.56
CA ILE C 278 19.51 25.51 9.32
C ILE C 278 20.85 24.98 8.80
N ASN C 279 21.06 25.18 7.50
CA ASN C 279 22.26 24.79 6.75
C ASN C 279 23.22 25.98 6.71
N ASP C 280 24.12 26.07 7.70
CA ASP C 280 25.07 27.16 7.73
C ASP C 280 26.47 26.75 7.28
N GLY C 281 26.61 25.58 6.67
CA GLY C 281 27.90 25.13 6.17
C GLY C 281 28.82 24.49 7.18
N THR C 282 28.44 24.42 8.46
CA THR C 282 29.28 23.82 9.50
C THR C 282 29.00 22.34 9.63
N GLU C 283 30.04 21.60 9.98
CA GLU C 283 29.86 20.21 10.36
C GLU C 283 28.92 20.09 11.56
N ALA C 284 28.90 21.11 12.41
CA ALA C 284 28.06 21.08 13.60
C ALA C 284 26.57 21.20 13.28
N SER C 285 26.22 21.75 12.13
CA SER C 285 24.81 21.87 11.76
C SER C 285 24.20 20.56 11.25
N ILE C 286 25.02 19.52 11.00
CA ILE C 286 24.53 18.27 10.43
C ILE C 286 23.86 17.41 11.50
N ASP C 287 22.72 16.81 11.17
CA ASP C 287 22.09 15.84 12.07
C ASP C 287 22.80 14.50 11.91
N ALA C 288 23.89 14.36 12.66
CA ALA C 288 24.73 13.16 12.51
C ALA C 288 23.96 11.91 12.89
N ALA C 289 23.07 12.01 13.89
CA ALA C 289 22.27 10.86 14.31
C ALA C 289 21.38 10.39 13.17
N LEU C 290 20.65 11.33 12.56
CA LEU C 290 19.77 11.01 11.44
C LEU C 290 20.52 10.39 10.28
N LEU C 291 21.59 11.07 9.81
CA LEU C 291 22.26 10.62 8.60
C LEU C 291 23.05 9.33 8.84
N GLY C 292 23.46 9.07 10.10
CA GLY C 292 24.08 7.81 10.43
C GLY C 292 23.15 6.61 10.41
N LYS C 293 21.84 6.85 10.21
CA LYS C 293 20.85 5.79 10.10
C LYS C 293 20.35 5.58 8.67
N ILE C 294 20.86 6.34 7.70
CA ILE C 294 20.29 6.37 6.37
C ILE C 294 21.07 5.42 5.47
N ASP C 295 20.39 4.40 4.92
CA ASP C 295 20.97 3.44 3.98
C ASP C 295 20.94 3.92 2.52
N LEU C 296 20.21 4.99 2.21
CA LEU C 296 19.97 5.39 0.84
C LEU C 296 19.46 6.83 0.83
N ILE C 297 20.13 7.68 0.07
CA ILE C 297 19.71 9.05 -0.12
C ILE C 297 19.50 9.29 -1.62
N VAL C 298 18.36 9.89 -1.98
CA VAL C 298 18.00 10.20 -3.36
C VAL C 298 17.70 11.69 -3.43
N THR C 299 18.28 12.38 -4.42
CA THR C 299 18.04 13.81 -4.63
C THR C 299 17.10 14.01 -5.82
N THR C 300 16.08 14.88 -5.62
CA THR C 300 14.99 15.04 -6.58
C THR C 300 14.65 16.51 -6.85
N THR C 301 15.58 17.43 -6.62
CA THR C 301 15.20 18.82 -6.42
C THR C 301 15.37 19.72 -7.64
N GLY C 302 16.29 19.43 -8.55
CA GLY C 302 16.63 20.45 -9.53
C GLY C 302 17.42 21.63 -8.98
N ASN C 303 17.78 21.59 -7.70
CA ASN C 303 18.57 22.61 -7.03
C ASN C 303 20.04 22.14 -6.97
N VAL C 304 20.90 22.92 -6.30
CA VAL C 304 22.34 22.66 -6.28
C VAL C 304 22.81 22.27 -4.88
N ASN C 305 23.68 21.27 -4.82
CA ASN C 305 24.35 20.83 -3.58
C ASN C 305 23.34 20.57 -2.45
N VAL C 306 22.32 19.75 -2.72
CA VAL C 306 21.38 19.37 -1.66
C VAL C 306 21.78 18.06 -0.97
N CYS C 307 22.79 17.35 -1.47
CA CYS C 307 23.48 16.31 -0.72
C CYS C 307 24.94 16.75 -0.71
N ASP C 308 25.31 17.46 0.35
CA ASP C 308 26.56 18.20 0.33
C ASP C 308 27.68 17.38 0.97
N ALA C 309 28.88 17.98 1.02
CA ALA C 309 30.06 17.30 1.53
C ALA C 309 29.82 16.78 2.94
N ASN C 310 29.32 17.65 3.83
CA ASN C 310 29.18 17.25 5.23
C ASN C 310 28.13 16.15 5.40
N MET C 311 27.09 16.17 4.58
CA MET C 311 26.13 15.06 4.57
C MET C 311 26.82 13.78 4.14
N LEU C 312 27.64 13.88 3.09
CA LEU C 312 28.37 12.71 2.62
C LEU C 312 29.30 12.18 3.71
N LYS C 313 29.93 13.08 4.47
CA LYS C 313 30.79 12.61 5.55
C LYS C 313 29.99 11.89 6.63
N ALA C 314 28.74 12.26 6.83
CA ALA C 314 27.99 11.76 7.97
C ALA C 314 27.13 10.53 7.66
N LEU C 315 26.93 10.21 6.39
CA LEU C 315 26.12 9.05 6.01
C LEU C 315 26.63 7.74 6.59
N LYS C 316 25.70 6.89 6.99
CA LYS C 316 25.95 5.53 7.43
C LYS C 316 26.89 4.80 6.47
N LYS C 317 27.86 4.07 7.02
CA LYS C 317 28.77 3.30 6.18
C LYS C 317 28.00 2.41 5.20
N ARG C 318 28.45 2.40 3.95
CA ARG C 318 27.88 1.60 2.87
C ARG C 318 26.52 2.11 2.40
N ALA C 319 26.13 3.33 2.77
CA ALA C 319 24.94 3.94 2.19
C ALA C 319 25.07 4.02 0.67
N VAL C 320 23.92 3.93 -0.03
CA VAL C 320 23.83 4.20 -1.46
C VAL C 320 23.40 5.64 -1.66
N VAL C 321 24.07 6.31 -2.60
CA VAL C 321 23.88 7.72 -2.93
C VAL C 321 23.54 7.82 -4.41
N CYS C 322 22.42 8.49 -4.72
CA CYS C 322 22.11 8.67 -6.13
C CYS C 322 21.26 9.92 -6.30
N ASN C 323 21.20 10.41 -7.55
CA ASN C 323 20.46 11.61 -7.92
C ASN C 323 19.54 11.29 -9.09
N ILE C 324 18.28 11.67 -8.98
CA ILE C 324 17.33 11.51 -10.07
C ILE C 324 16.84 12.87 -10.59
N GLY C 325 17.43 13.97 -10.14
CA GLY C 325 17.25 15.24 -10.82
C GLY C 325 18.00 15.30 -12.15
N HIS C 326 17.76 16.36 -12.91
CA HIS C 326 18.35 16.44 -14.24
C HIS C 326 19.88 16.54 -14.20
N PHE C 327 20.43 17.39 -13.32
CA PHE C 327 21.86 17.62 -13.30
C PHE C 327 22.53 17.03 -12.06
N ASP C 328 23.78 16.61 -12.23
CA ASP C 328 24.49 15.91 -11.18
C ASP C 328 24.96 16.84 -10.05
N ASN C 329 24.81 18.15 -10.18
CA ASN C 329 25.30 18.99 -9.11
C ASN C 329 24.37 19.01 -7.90
N GLU C 330 23.34 18.18 -7.88
CA GLU C 330 22.56 18.04 -6.65
C GLU C 330 23.40 17.46 -5.53
N ILE C 331 24.39 16.64 -5.88
CA ILE C 331 25.31 15.98 -4.97
C ILE C 331 26.71 16.56 -5.19
N ASP C 332 27.44 16.79 -4.10
CA ASP C 332 28.81 17.29 -4.20
C ASP C 332 29.78 16.13 -4.51
N THR C 333 29.69 15.65 -5.76
CA THR C 333 30.62 14.62 -6.20
C THR C 333 32.03 15.17 -6.37
N ALA C 334 32.18 16.44 -6.76
CA ALA C 334 33.52 17.02 -6.89
C ALA C 334 34.29 16.90 -5.58
N PHE C 335 33.60 17.09 -4.44
CA PHE C 335 34.22 16.86 -3.15
C PHE C 335 34.73 15.43 -3.02
N MET C 336 33.92 14.46 -3.45
CA MET C 336 34.32 13.07 -3.35
C MET C 336 35.49 12.76 -4.28
N ARG C 337 35.47 13.31 -5.50
CA ARG C 337 36.60 13.10 -6.40
C ARG C 337 37.88 13.67 -5.82
N LYS C 338 37.76 14.76 -5.06
CA LYS C 338 38.95 15.45 -4.55
C LYS C 338 39.56 14.72 -3.35
N ASN C 339 38.75 14.03 -2.55
CA ASN C 339 39.16 13.56 -1.24
C ASN C 339 39.16 12.04 -1.07
N TRP C 340 38.32 11.31 -1.78
CA TRP C 340 38.17 9.89 -1.55
C TRP C 340 38.56 9.12 -2.80
N ALA C 341 38.79 7.82 -2.61
CA ALA C 341 39.21 6.93 -3.69
C ALA C 341 37.99 6.22 -4.24
N TRP C 342 37.86 6.23 -5.57
CA TRP C 342 36.73 5.58 -6.24
C TRP C 342 37.13 4.18 -6.69
N GLU C 343 36.31 3.19 -6.34
CA GLU C 343 36.47 1.83 -6.81
C GLU C 343 35.30 1.47 -7.72
N GLU C 344 35.57 1.24 -9.00
CA GLU C 344 34.49 0.85 -9.88
C GLU C 344 34.09 -0.60 -9.61
N VAL C 345 32.82 -0.78 -9.25
CA VAL C 345 32.26 -2.11 -9.15
C VAL C 345 32.00 -2.67 -10.55
N LYS C 346 31.19 -1.94 -11.31
CA LYS C 346 30.94 -2.17 -12.72
C LYS C 346 30.53 -0.82 -13.32
N PRO C 347 30.33 -0.73 -14.64
CA PRO C 347 29.97 0.57 -15.23
C PRO C 347 28.82 1.23 -14.48
N GLN C 348 29.01 2.51 -14.13
CA GLN C 348 28.04 3.34 -13.42
C GLN C 348 27.76 2.86 -11.99
N VAL C 349 28.68 2.13 -11.37
CA VAL C 349 28.55 1.73 -9.97
C VAL C 349 29.90 1.90 -9.31
N HIS C 350 30.04 2.87 -8.41
CA HIS C 350 31.32 3.16 -7.79
C HIS C 350 31.22 3.04 -6.28
N LYS C 351 32.19 2.37 -5.69
CA LYS C 351 32.43 2.44 -4.26
C LYS C 351 33.34 3.63 -3.99
N ILE C 352 32.93 4.48 -3.06
CA ILE C 352 33.71 5.67 -2.72
C ILE C 352 34.22 5.46 -1.31
N HIS C 353 35.51 5.25 -1.20
CA HIS C 353 36.16 4.91 0.07
C HIS C 353 36.49 6.20 0.82
N ARG C 354 35.80 6.42 1.94
CA ARG C 354 36.03 7.59 2.75
C ARG C 354 37.31 7.54 3.58
N THR C 355 38.13 6.50 3.41
CA THR C 355 39.40 6.39 4.12
C THR C 355 40.51 7.24 3.53
N GLY C 356 40.34 7.80 2.34
CA GLY C 356 41.38 8.61 1.72
C GLY C 356 41.27 8.59 0.22
N LYS C 357 42.20 9.32 -0.41
CA LYS C 357 42.23 9.57 -1.86
C LYS C 357 43.17 8.63 -2.60
N ASP C 358 44.33 8.31 -2.02
CA ASP C 358 45.37 7.52 -2.70
C ASP C 358 45.17 6.05 -2.40
N GLY C 359 44.38 5.39 -3.24
CA GLY C 359 44.19 3.95 -3.09
C GLY C 359 43.34 3.59 -1.91
N PHE C 360 42.98 2.30 -1.80
CA PHE C 360 42.00 1.85 -0.83
C PHE C 360 42.32 0.42 -0.43
N ASP C 361 41.73 0.00 0.67
CA ASP C 361 41.74 -1.40 1.08
C ASP C 361 40.59 -2.11 0.39
N ALA C 362 40.90 -3.16 -0.40
CA ALA C 362 39.87 -3.82 -1.18
C ALA C 362 38.70 -4.29 -0.30
N HIS C 363 38.97 -4.56 0.97
CA HIS C 363 37.96 -4.98 1.93
C HIS C 363 37.58 -3.85 2.89
N ASN C 364 37.87 -2.61 2.56
CA ASN C 364 37.41 -1.51 3.37
C ASN C 364 35.90 -1.58 3.56
N ASP C 365 35.47 -1.39 4.80
CA ASP C 365 34.05 -1.37 5.13
C ASP C 365 33.46 0.04 5.08
N ASP C 366 34.30 1.07 5.06
CA ASP C 366 33.83 2.45 5.18
C ASP C 366 33.80 3.09 3.79
N TYR C 367 32.79 2.73 3.02
CA TYR C 367 32.60 3.30 1.70
C TYR C 367 31.13 3.67 1.50
N LEU C 368 30.90 4.50 0.48
CA LEU C 368 29.57 4.76 -0.05
C LEU C 368 29.48 4.15 -1.44
N ILE C 369 28.27 3.86 -1.88
CA ILE C 369 28.03 3.40 -3.25
C ILE C 369 27.35 4.54 -4.00
N LEU C 370 28.00 5.02 -5.05
CA LEU C 370 27.46 6.11 -5.87
C LEU C 370 27.02 5.53 -7.20
N LEU C 371 25.74 5.75 -7.54
CA LEU C 371 25.20 5.28 -8.79
C LEU C 371 25.29 6.37 -9.87
N ALA C 372 25.62 5.95 -11.11
CA ALA C 372 25.62 6.82 -12.29
C ALA C 372 26.50 8.06 -12.10
N GLU C 373 27.45 8.00 -11.17
CA GLU C 373 28.33 9.12 -10.87
C GLU C 373 27.55 10.39 -10.55
N GLY C 374 26.38 10.22 -9.97
CA GLY C 374 25.55 11.34 -9.62
C GLY C 374 24.60 11.83 -10.70
N ARG C 375 24.73 11.32 -11.94
CA ARG C 375 23.77 11.65 -13.00
C ARG C 375 22.47 10.89 -12.81
N LEU C 376 21.38 11.47 -13.34
CA LEU C 376 20.05 10.87 -13.46
C LEU C 376 20.10 9.35 -13.33
N VAL C 377 19.77 8.81 -12.16
CA VAL C 377 20.07 7.41 -11.90
C VAL C 377 19.13 6.49 -12.67
N ASN C 378 17.84 6.86 -12.82
CA ASN C 378 16.90 5.99 -13.52
C ASN C 378 17.35 5.74 -14.96
N LEU C 379 17.92 6.75 -15.62
CA LEU C 379 18.43 6.53 -16.98
C LEU C 379 19.84 5.96 -16.97
N GLY C 380 20.66 6.35 -15.98
CA GLY C 380 22.04 5.89 -15.95
C GLY C 380 22.17 4.40 -15.65
N ASN C 381 21.38 3.89 -14.71
CA ASN C 381 21.49 2.52 -14.25
C ASN C 381 20.36 1.61 -14.73
N ALA C 382 19.31 2.14 -15.36
CA ALA C 382 18.33 1.27 -15.97
C ALA C 382 17.98 1.85 -17.35
N THR C 383 16.69 2.08 -17.63
CA THR C 383 16.23 2.58 -18.93
C THR C 383 15.24 3.74 -18.75
N GLY C 384 15.34 4.47 -17.65
CA GLY C 384 14.38 5.56 -17.56
C GLY C 384 12.94 5.02 -17.54
N HIS C 385 12.02 5.92 -17.91
CA HIS C 385 10.60 5.65 -17.83
C HIS C 385 10.17 4.57 -18.82
N PRO C 386 9.11 3.84 -18.53
CA PRO C 386 8.59 2.89 -19.50
C PRO C 386 7.84 3.54 -20.65
N SER C 387 7.86 2.85 -21.79
CA SER C 387 7.21 3.31 -23.02
C SER C 387 5.83 3.90 -22.76
N ARG C 388 4.98 3.20 -21.99
CA ARG C 388 3.58 3.63 -21.89
C ARG C 388 3.44 4.91 -21.09
N ILE C 389 4.44 5.25 -20.27
CA ILE C 389 4.43 6.56 -19.64
C ILE C 389 4.96 7.62 -20.60
N MET C 390 6.16 7.41 -21.15
CA MET C 390 6.72 8.37 -22.10
C MET C 390 5.77 8.68 -23.25
N ASP C 391 4.82 7.77 -23.51
CA ASP C 391 3.80 7.99 -24.52
C ASP C 391 3.10 9.33 -24.31
N GLY C 392 2.73 9.63 -23.06
CA GLY C 392 2.12 10.90 -22.77
C GLY C 392 3.04 12.08 -23.03
N SER C 393 4.26 12.03 -22.49
CA SER C 393 5.20 13.14 -22.70
C SER C 393 5.42 13.40 -24.18
N PHE C 394 5.56 12.34 -24.96
CA PHE C 394 6.02 12.49 -26.33
C PHE C 394 4.90 12.77 -27.31
N ALA C 395 3.66 12.42 -26.98
CA ALA C 395 2.55 12.93 -27.80
C ALA C 395 2.41 14.45 -27.63
N ASN C 396 2.58 14.93 -26.38
CA ASN C 396 2.65 16.37 -26.13
C ASN C 396 3.74 17.02 -26.98
N GLN C 397 4.93 16.42 -27.02
CA GLN C 397 6.02 16.99 -27.79
C GLN C 397 5.63 17.11 -29.26
N VAL C 398 4.99 16.08 -29.82
CA VAL C 398 4.67 16.12 -31.24
C VAL C 398 3.65 17.22 -31.51
N LEU C 399 2.60 17.29 -30.69
CA LEU C 399 1.61 18.35 -30.84
C LEU C 399 2.27 19.73 -30.75
N ALA C 400 3.20 19.89 -29.80
CA ALA C 400 3.91 21.16 -29.61
C ALA C 400 4.73 21.52 -30.84
N GLN C 401 5.47 20.55 -31.38
CA GLN C 401 6.23 20.78 -32.61
C GLN C 401 5.30 21.20 -33.75
N ILE C 402 4.18 20.50 -33.93
CA ILE C 402 3.27 20.84 -35.04
C ILE C 402 2.83 22.30 -34.91
N HIS C 403 2.41 22.69 -33.71
CA HIS C 403 1.91 24.03 -33.46
C HIS C 403 2.94 25.10 -33.82
N LEU C 404 4.13 25.02 -33.23
CA LEU C 404 5.14 26.06 -33.39
C LEU C 404 5.72 26.08 -34.80
N PHE C 405 5.83 24.93 -35.43
CA PHE C 405 6.26 24.91 -36.81
C PHE C 405 5.19 25.53 -37.71
N GLU C 406 3.90 25.34 -37.39
CA GLU C 406 2.87 25.92 -38.21
C GLU C 406 2.73 27.43 -38.00
N GLN C 407 3.08 27.92 -36.79
CA GLN C 407 3.00 29.34 -36.50
C GLN C 407 4.06 30.15 -37.25
N LYS C 408 5.14 29.51 -37.70
CA LYS C 408 6.15 30.16 -38.53
C LYS C 408 6.66 31.47 -37.94
N TYR C 409 7.00 31.43 -36.65
CA TYR C 409 7.51 32.61 -35.96
C TYR C 409 8.67 33.26 -36.71
N ALA C 410 9.62 32.47 -37.22
CA ALA C 410 10.80 33.06 -37.82
C ALA C 410 10.49 33.85 -39.10
N ASP C 411 9.35 33.59 -39.73
CA ASP C 411 8.94 34.30 -40.93
C ASP C 411 8.13 35.55 -40.63
N LEU C 412 7.66 35.73 -39.39
CA LEU C 412 6.73 36.80 -39.13
C LEU C 412 7.46 38.14 -39.06
N PRO C 413 6.76 39.21 -39.41
CA PRO C 413 7.26 40.57 -39.17
C PRO C 413 7.65 40.80 -37.71
N ALA C 414 8.58 41.74 -37.50
CA ALA C 414 9.06 42.04 -36.15
C ALA C 414 7.90 42.35 -35.20
N ALA C 415 6.94 43.14 -35.65
CA ALA C 415 5.82 43.49 -34.78
C ALA C 415 5.08 42.25 -34.30
N GLU C 416 4.91 41.26 -35.19
CA GLU C 416 4.24 40.03 -34.79
C GLU C 416 5.16 39.11 -33.98
N LYS C 417 6.47 39.14 -34.25
CA LYS C 417 7.40 38.36 -33.41
C LYS C 417 7.26 38.77 -31.96
N ALA C 418 7.27 40.08 -31.71
CA ALA C 418 7.21 40.60 -30.35
C ALA C 418 5.94 40.16 -29.64
N LYS C 419 4.83 40.02 -30.38
CA LYS C 419 3.59 39.55 -29.77
C LYS C 419 3.65 38.08 -29.42
N ARG C 420 4.47 37.31 -30.12
CA ARG C 420 4.47 35.87 -29.96
C ARG C 420 5.70 35.34 -29.24
N LEU C 421 6.57 36.21 -28.76
CA LEU C 421 7.76 35.77 -28.04
C LEU C 421 7.33 35.43 -26.62
N SER C 422 7.12 34.14 -26.36
CA SER C 422 6.61 33.74 -25.04
C SER C 422 6.97 32.28 -24.79
N VAL C 423 6.66 31.83 -23.58
CA VAL C 423 6.71 30.41 -23.20
C VAL C 423 5.28 30.00 -22.86
N GLU C 424 4.73 29.06 -23.63
CA GLU C 424 3.33 28.68 -23.52
C GLU C 424 3.20 27.20 -23.17
N VAL C 425 2.04 26.83 -22.65
CA VAL C 425 1.69 25.41 -22.47
C VAL C 425 0.60 25.04 -23.46
N LEU C 426 0.43 23.73 -23.66
CA LEU C 426 -0.62 23.25 -24.53
C LEU C 426 -1.99 23.56 -23.92
N PRO C 427 -2.99 23.83 -24.75
CA PRO C 427 -4.36 23.98 -24.24
C PRO C 427 -4.84 22.70 -23.56
N LYS C 428 -5.73 22.88 -22.58
CA LYS C 428 -6.26 21.76 -21.82
C LYS C 428 -6.96 20.74 -22.71
N LYS C 429 -7.54 21.18 -23.82
CA LYS C 429 -8.25 20.24 -24.67
C LYS C 429 -7.29 19.20 -25.26
N LEU C 430 -6.10 19.63 -25.71
CA LEU C 430 -5.15 18.65 -26.21
C LEU C 430 -4.64 17.76 -25.07
N ASP C 431 -4.40 18.35 -23.90
CA ASP C 431 -4.03 17.54 -22.73
C ASP C 431 -5.02 16.42 -22.51
N GLU C 432 -6.32 16.74 -22.59
CA GLU C 432 -7.34 15.73 -22.38
C GLU C 432 -7.32 14.68 -23.47
N GLU C 433 -7.12 15.10 -24.72
CA GLU C 433 -7.10 14.13 -25.80
C GLU C 433 -5.93 13.17 -25.69
N VAL C 434 -4.78 13.65 -25.20
CA VAL C 434 -3.65 12.76 -24.94
C VAL C 434 -4.03 11.73 -23.88
N ALA C 435 -4.64 12.20 -22.78
CA ALA C 435 -5.00 11.29 -21.68
C ALA C 435 -6.00 10.26 -22.15
N LEU C 436 -6.94 10.64 -23.01
CA LEU C 436 -7.94 9.69 -23.49
C LEU C 436 -7.27 8.52 -24.18
N GLU C 437 -6.33 8.80 -25.09
CA GLU C 437 -5.64 7.71 -25.74
C GLU C 437 -4.90 6.84 -24.71
N MET C 438 -4.27 7.47 -23.72
CA MET C 438 -3.60 6.72 -22.66
C MET C 438 -4.57 5.79 -21.95
N VAL C 439 -5.66 6.34 -21.45
CA VAL C 439 -6.64 5.55 -20.72
C VAL C 439 -7.07 4.36 -21.58
N LYS C 440 -7.43 4.64 -22.84
CA LYS C 440 -7.82 3.59 -23.76
C LYS C 440 -6.76 2.51 -23.85
N GLY C 441 -5.49 2.89 -23.85
CA GLY C 441 -4.40 1.92 -23.86
C GLY C 441 -4.43 0.96 -22.68
N PHE C 442 -4.92 1.40 -21.53
CA PHE C 442 -5.20 0.50 -20.43
C PHE C 442 -6.52 -0.22 -20.56
N GLY C 443 -7.33 0.08 -21.58
CA GLY C 443 -8.64 -0.52 -21.65
C GLY C 443 -9.64 0.12 -20.72
N GLY C 444 -9.32 1.29 -20.17
CA GLY C 444 -10.31 2.03 -19.39
C GLY C 444 -11.40 2.60 -20.28
N VAL C 445 -12.59 2.73 -19.73
CA VAL C 445 -13.73 3.28 -20.44
C VAL C 445 -14.14 4.57 -19.73
N VAL C 446 -14.04 5.69 -20.45
CA VAL C 446 -14.44 6.99 -19.91
C VAL C 446 -15.93 7.20 -20.17
N THR C 447 -16.65 7.67 -19.17
CA THR C 447 -18.08 7.93 -19.30
C THR C 447 -18.34 9.27 -19.99
N GLN C 448 -19.36 9.30 -20.83
CA GLN C 448 -19.79 10.52 -21.51
C GLN C 448 -20.87 11.20 -20.68
N LEU C 449 -20.69 12.49 -20.41
CA LEU C 449 -21.74 13.26 -19.77
C LEU C 449 -22.99 13.26 -20.63
N THR C 450 -24.15 13.35 -20.00
CA THR C 450 -25.36 13.69 -20.74
C THR C 450 -25.43 15.19 -20.90
N PRO C 451 -26.27 15.71 -21.82
CA PRO C 451 -26.47 17.16 -21.90
C PRO C 451 -26.83 17.77 -20.58
N LYS C 452 -27.79 17.18 -19.86
CA LYS C 452 -28.18 17.74 -18.57
C LYS C 452 -27.00 17.87 -17.63
N GLN C 453 -26.18 16.80 -17.53
CA GLN C 453 -25.05 16.83 -16.62
C GLN C 453 -24.00 17.84 -17.07
N ALA C 454 -23.73 17.89 -18.37
CA ALA C 454 -22.79 18.87 -18.89
C ALA C 454 -23.23 20.29 -18.54
N GLU C 455 -24.53 20.58 -18.76
CA GLU C 455 -25.09 21.87 -18.39
C GLU C 455 -24.96 22.16 -16.90
N TYR C 456 -25.07 21.14 -16.05
CA TYR C 456 -25.14 21.36 -14.62
C TYR C 456 -23.78 21.70 -14.03
N ILE C 457 -22.70 21.20 -14.61
CA ILE C 457 -21.36 21.60 -14.19
C ILE C 457 -20.74 22.63 -15.14
N GLY C 458 -21.50 23.10 -16.14
CA GLY C 458 -21.05 24.16 -17.03
C GLY C 458 -19.86 23.78 -17.89
N VAL C 459 -19.88 22.62 -18.52
CA VAL C 459 -18.83 22.25 -19.46
C VAL C 459 -19.51 21.74 -20.73
N SER C 460 -18.74 21.69 -21.81
CA SER C 460 -19.19 20.99 -23.00
CA SER C 460 -19.20 20.98 -22.99
C SER C 460 -19.02 19.48 -22.82
N VAL C 461 -19.87 18.72 -23.51
CA VAL C 461 -19.77 17.26 -23.46
C VAL C 461 -18.41 16.81 -23.98
N GLU C 462 -17.85 17.52 -24.94
CA GLU C 462 -16.52 17.22 -25.45
C GLU C 462 -15.41 17.67 -24.51
N GLY C 463 -15.73 18.42 -23.47
CA GLY C 463 -14.70 19.08 -22.68
C GLY C 463 -14.27 20.39 -23.31
N PRO C 464 -13.26 21.05 -22.75
CA PRO C 464 -12.52 20.64 -21.56
C PRO C 464 -13.43 20.54 -20.34
N PHE C 465 -13.05 19.72 -19.36
CA PHE C 465 -13.90 19.42 -18.22
C PHE C 465 -13.51 20.18 -16.96
N LYS C 466 -12.43 20.96 -16.99
CA LYS C 466 -11.92 21.63 -15.81
C LYS C 466 -11.52 23.04 -16.20
N PRO C 467 -11.60 24.00 -15.29
CA PRO C 467 -11.02 25.32 -15.53
C PRO C 467 -9.50 25.23 -15.49
N ASP C 468 -8.85 26.22 -16.10
CA ASP C 468 -7.40 26.18 -16.23
C ASP C 468 -6.69 26.23 -14.88
N THR C 469 -7.34 26.76 -13.85
CA THR C 469 -6.78 26.77 -12.50
C THR C 469 -6.70 25.38 -11.86
N TYR C 470 -7.30 24.36 -12.45
CA TYR C 470 -7.47 23.07 -11.77
C TYR C 470 -6.13 22.37 -11.55
N ARG C 471 -5.93 21.82 -10.36
CA ARG C 471 -4.61 21.27 -10.03
C ARG C 471 -4.50 19.75 -10.18
N TYR C 472 -5.62 19.04 -10.36
CA TYR C 472 -5.66 17.57 -10.42
C TYR C 472 -4.96 16.94 -9.20
N GLY D 12 48.04 -23.82 -11.79
CA GLY D 12 47.51 -24.32 -13.05
C GLY D 12 46.15 -24.98 -12.92
N PHE D 13 45.26 -24.35 -12.16
CA PHE D 13 43.95 -24.94 -11.86
C PHE D 13 43.07 -24.94 -13.11
N THR D 14 42.55 -26.12 -13.48
CA THR D 14 41.74 -26.27 -14.66
C THR D 14 40.44 -27.01 -14.40
N ASP D 15 40.11 -27.31 -13.14
CA ASP D 15 39.00 -28.22 -12.82
C ASP D 15 37.67 -27.48 -12.75
N TYR D 16 37.33 -26.77 -13.84
CA TYR D 16 36.12 -25.95 -13.84
C TYR D 16 35.69 -25.69 -15.28
N LYS D 17 34.44 -25.23 -15.43
CA LYS D 17 33.96 -24.74 -16.72
C LYS D 17 33.02 -23.56 -16.49
N VAL D 18 33.37 -22.42 -17.04
CA VAL D 18 32.58 -21.19 -16.92
C VAL D 18 32.60 -20.46 -18.25
N ALA D 19 31.72 -19.47 -18.37
CA ALA D 19 31.62 -18.70 -19.60
C ALA D 19 32.89 -17.92 -19.85
N ASP D 20 33.46 -17.30 -18.83
CA ASP D 20 34.51 -16.32 -19.06
C ASP D 20 35.25 -15.99 -17.76
N ILE D 21 36.45 -16.55 -17.61
CA ILE D 21 37.18 -16.40 -16.36
C ILE D 21 37.57 -14.95 -16.07
N THR D 22 37.65 -14.10 -17.10
CA THR D 22 38.10 -12.73 -16.89
C THR D 22 37.11 -11.92 -16.07
N LEU D 23 35.88 -12.40 -15.94
CA LEU D 23 34.89 -11.78 -15.07
C LEU D 23 35.14 -12.01 -13.58
N ALA D 24 36.22 -12.72 -13.22
CA ALA D 24 36.40 -13.10 -11.82
C ALA D 24 36.56 -11.89 -10.92
N ALA D 25 37.36 -10.90 -11.36
CA ALA D 25 37.57 -9.69 -10.53
C ALA D 25 36.24 -8.97 -10.27
N TRP D 26 35.42 -8.81 -11.30
CA TRP D 26 34.09 -8.23 -11.10
C TRP D 26 33.31 -9.04 -10.07
N GLY D 27 33.28 -10.36 -10.23
CA GLY D 27 32.58 -11.23 -9.28
C GLY D 27 33.07 -11.07 -7.86
N ARG D 28 34.40 -11.05 -7.66
CA ARG D 28 34.95 -10.83 -6.32
C ARG D 28 34.45 -9.52 -5.73
N ARG D 29 34.50 -8.43 -6.51
CA ARG D 29 33.97 -7.18 -6.00
C ARG D 29 32.54 -7.36 -5.55
N GLU D 30 31.73 -8.07 -6.33
CA GLU D 30 30.34 -8.27 -5.91
C GLU D 30 30.22 -9.23 -4.73
N LEU D 31 31.08 -10.26 -4.65
CA LEU D 31 31.12 -11.11 -3.46
C LEU D 31 31.45 -10.30 -2.20
N ILE D 32 32.43 -9.42 -2.27
CA ILE D 32 32.76 -8.60 -1.12
C ILE D 32 31.58 -7.76 -0.68
N ILE D 33 30.80 -7.22 -1.62
CA ILE D 33 29.61 -6.46 -1.23
C ILE D 33 28.57 -7.37 -0.57
N ALA D 34 28.31 -8.53 -1.16
CA ALA D 34 27.32 -9.44 -0.59
C ALA D 34 27.62 -9.81 0.87
N GLU D 35 28.89 -10.04 1.20
CA GLU D 35 29.22 -10.42 2.57
C GLU D 35 28.74 -9.38 3.58
N SER D 36 28.79 -8.09 3.23
CA SER D 36 28.22 -7.07 4.11
C SER D 36 26.70 -7.12 4.16
N GLU D 37 26.05 -7.73 3.15
CA GLU D 37 24.60 -7.88 3.12
C GLU D 37 24.11 -9.18 3.75
N MET D 38 25.00 -9.99 4.36
CA MET D 38 24.63 -11.33 4.81
C MET D 38 25.21 -11.58 6.22
N PRO D 39 24.69 -10.90 7.23
CA PRO D 39 25.29 -11.05 8.57
C PRO D 39 25.08 -12.41 9.20
N ALA D 40 23.95 -13.10 8.95
CA ALA D 40 23.78 -14.42 9.55
C ALA D 40 24.79 -15.41 8.96
N LEU D 41 24.95 -15.39 7.63
CA LEU D 41 25.92 -16.27 6.99
C LEU D 41 27.35 -15.95 7.43
N MET D 42 27.75 -14.68 7.32
N MET D 42 27.74 -14.68 7.36
CA MET D 42 29.08 -14.28 7.76
CA MET D 42 29.09 -14.30 7.76
C MET D 42 29.29 -14.63 9.22
C MET D 42 29.32 -14.56 9.25
N GLY D 43 28.28 -14.37 10.06
CA GLY D 43 28.41 -14.70 11.48
C GLY D 43 28.70 -16.16 11.71
N LEU D 44 28.10 -17.04 10.90
CA LEU D 44 28.44 -18.46 10.98
C LEU D 44 29.86 -18.71 10.49
N ARG D 45 30.27 -18.04 9.41
CA ARG D 45 31.62 -18.21 8.91
C ARG D 45 32.65 -17.86 9.98
N ARG D 46 32.43 -16.74 10.68
CA ARG D 46 33.32 -16.34 11.76
C ARG D 46 33.15 -17.24 12.98
N LYS D 47 31.94 -17.70 13.27
CA LYS D 47 31.75 -18.47 14.50
C LYS D 47 32.44 -19.83 14.43
N TYR D 48 32.44 -20.48 13.26
CA TYR D 48 32.82 -21.89 13.16
C TYR D 48 34.12 -22.12 12.42
N ALA D 49 34.67 -21.10 11.77
CA ALA D 49 35.93 -21.29 11.07
C ALA D 49 36.99 -21.90 11.99
N GLY D 50 37.04 -21.47 13.25
CA GLY D 50 38.04 -21.99 14.16
C GLY D 50 37.90 -23.48 14.38
N GLN D 51 36.66 -23.96 14.52
CA GLN D 51 36.44 -25.39 14.71
C GLN D 51 36.61 -26.19 13.43
N GLN D 52 36.41 -25.56 12.26
CA GLN D 52 36.47 -26.34 11.04
C GLN D 52 35.48 -27.50 11.10
N PRO D 53 34.21 -27.26 11.41
CA PRO D 53 33.28 -28.38 11.64
C PRO D 53 32.93 -29.15 10.37
N LEU D 54 33.26 -28.66 9.18
CA LEU D 54 33.03 -29.43 7.96
C LEU D 54 34.31 -30.05 7.40
N LYS D 55 35.39 -30.03 8.16
CA LYS D 55 36.64 -30.69 7.77
C LYS D 55 36.43 -32.18 7.61
N GLY D 56 36.73 -32.69 6.40
CA GLY D 56 36.35 -34.02 5.99
C GLY D 56 35.16 -34.07 5.05
N ALA D 57 34.31 -33.06 5.08
CA ALA D 57 33.12 -33.07 4.24
C ALA D 57 33.50 -32.89 2.78
N LYS D 58 32.82 -33.64 1.92
CA LYS D 58 32.97 -33.56 0.46
C LYS D 58 31.57 -33.36 -0.12
N ILE D 59 31.23 -32.09 -0.38
CA ILE D 59 29.85 -31.68 -0.66
C ILE D 59 29.66 -31.57 -2.16
N LEU D 60 28.76 -32.38 -2.71
CA LEU D 60 28.19 -32.09 -4.02
C LEU D 60 27.10 -31.03 -3.85
N GLY D 61 27.23 -29.91 -4.55
N GLY D 61 27.23 -29.91 -4.55
CA GLY D 61 26.27 -28.84 -4.47
CA GLY D 61 26.26 -28.83 -4.47
C GLY D 61 25.62 -28.53 -5.81
C GLY D 61 25.61 -28.56 -5.82
N CYS D 62 24.30 -28.41 -5.83
CA CYS D 62 23.55 -28.10 -7.06
C CYS D 62 22.58 -27.00 -6.69
N ILE D 63 22.94 -25.75 -6.95
CA ILE D 63 22.04 -24.65 -6.69
C ILE D 63 22.50 -23.45 -7.50
N HIS D 64 21.53 -22.64 -7.98
CA HIS D 64 21.76 -21.46 -8.81
C HIS D 64 23.10 -20.79 -8.50
N MET D 65 24.01 -20.75 -9.47
CA MET D 65 25.37 -20.24 -9.23
C MET D 65 25.35 -18.71 -9.29
N THR D 66 24.73 -18.10 -8.28
CA THR D 66 24.63 -16.66 -8.15
C THR D 66 25.68 -16.14 -7.18
N ILE D 67 25.78 -14.80 -7.12
CA ILE D 67 26.69 -14.15 -6.17
C ILE D 67 26.41 -14.65 -4.77
N GLN D 68 25.13 -14.84 -4.45
CA GLN D 68 24.74 -15.29 -3.12
C GLN D 68 25.20 -16.72 -2.88
N THR D 69 24.99 -17.60 -3.86
CA THR D 69 25.53 -18.94 -3.78
C THR D 69 27.05 -18.91 -3.54
N GLY D 70 27.74 -17.95 -4.16
CA GLY D 70 29.17 -17.83 -3.93
C GLY D 70 29.51 -17.60 -2.47
N VAL D 71 28.72 -16.79 -1.78
CA VAL D 71 29.01 -16.56 -0.37
C VAL D 71 28.67 -17.82 0.42
N LEU D 72 27.63 -18.55 0.00
CA LEU D 72 27.34 -19.83 0.64
C LEU D 72 28.51 -20.78 0.44
N ILE D 73 29.08 -20.79 -0.77
CA ILE D 73 30.13 -21.75 -1.10
C ILE D 73 31.37 -21.48 -0.29
N GLU D 74 31.77 -20.20 -0.21
CA GLU D 74 33.04 -19.93 0.45
C GLU D 74 32.91 -20.09 1.96
N THR D 75 31.70 -19.98 2.48
CA THR D 75 31.47 -20.29 3.88
C THR D 75 31.69 -21.77 4.16
N LEU D 76 31.05 -22.65 3.36
CA LEU D 76 31.27 -24.07 3.52
C LEU D 76 32.76 -24.39 3.47
N VAL D 77 33.48 -23.77 2.53
CA VAL D 77 34.91 -24.03 2.39
C VAL D 77 35.69 -23.50 3.59
N ALA D 78 35.34 -22.30 4.07
CA ALA D 78 36.01 -21.72 5.24
C ALA D 78 35.82 -22.59 6.48
N LEU D 79 34.75 -23.38 6.54
CA LEU D 79 34.55 -24.30 7.64
C LEU D 79 35.16 -25.68 7.36
N GLY D 80 35.96 -25.82 6.31
CA GLY D 80 36.77 -27.00 6.08
C GLY D 80 36.31 -27.93 4.98
N ALA D 81 35.27 -27.59 4.24
CA ALA D 81 34.69 -28.50 3.26
C ALA D 81 35.40 -28.43 1.92
N GLU D 82 35.44 -29.57 1.23
CA GLU D 82 35.64 -29.59 -0.21
C GLU D 82 34.26 -29.61 -0.87
N VAL D 83 34.17 -28.99 -2.06
CA VAL D 83 32.92 -28.90 -2.79
C VAL D 83 33.17 -29.08 -4.28
N ARG D 84 32.15 -29.58 -4.99
CA ARG D 84 32.09 -29.54 -6.44
C ARG D 84 30.68 -29.10 -6.82
N TRP D 85 30.57 -28.02 -7.61
CA TRP D 85 29.33 -27.25 -7.74
C TRP D 85 28.81 -27.13 -9.17
N SER D 86 27.49 -27.13 -9.29
CA SER D 86 26.80 -26.80 -10.53
C SER D 86 25.55 -25.99 -10.18
N SER D 87 24.93 -25.42 -11.20
CA SER D 87 23.68 -24.70 -11.01
C SER D 87 22.51 -25.65 -11.17
N CYS D 88 21.42 -25.39 -10.45
CA CYS D 88 20.20 -26.16 -10.63
C CYS D 88 19.27 -25.56 -11.69
N ASN D 89 19.75 -24.64 -12.52
CA ASN D 89 18.93 -24.15 -13.62
C ASN D 89 19.81 -23.63 -14.75
N ILE D 90 19.32 -23.81 -15.98
CA ILE D 90 20.12 -23.47 -17.16
C ILE D 90 20.29 -21.97 -17.36
N PHE D 91 19.45 -21.15 -16.71
CA PHE D 91 19.47 -19.70 -16.88
C PHE D 91 19.83 -18.93 -15.62
N SER D 92 20.02 -19.60 -14.47
CA SER D 92 20.13 -18.85 -13.23
C SER D 92 21.55 -18.38 -12.91
N THR D 93 22.59 -18.97 -13.52
CA THR D 93 23.96 -18.62 -13.15
C THR D 93 24.23 -17.13 -13.39
N GLN D 94 25.03 -16.52 -12.51
CA GLN D 94 25.65 -15.22 -12.77
C GLN D 94 27.10 -15.49 -13.14
N ASP D 95 27.44 -15.25 -14.41
CA ASP D 95 28.74 -15.69 -14.92
C ASP D 95 29.91 -15.11 -14.12
N GLN D 96 29.73 -13.91 -13.52
CA GLN D 96 30.83 -13.36 -12.76
C GLN D 96 30.95 -14.01 -11.39
N ALA D 97 29.83 -14.49 -10.83
CA ALA D 97 29.91 -15.34 -9.65
C ALA D 97 30.60 -16.66 -9.98
N ALA D 98 30.16 -17.33 -11.05
CA ALA D 98 30.86 -18.55 -11.49
C ALA D 98 32.37 -18.30 -11.62
N ALA D 99 32.74 -17.28 -12.37
CA ALA D 99 34.15 -16.99 -12.62
C ALA D 99 34.92 -16.77 -11.32
N ALA D 100 34.35 -15.98 -10.41
CA ALA D 100 35.03 -15.67 -9.16
C ALA D 100 35.33 -16.94 -8.37
N ILE D 101 34.40 -17.89 -8.37
CA ILE D 101 34.58 -19.12 -7.62
C ILE D 101 35.68 -19.98 -8.24
N ALA D 102 35.55 -20.30 -9.52
CA ALA D 102 36.61 -20.98 -10.24
C ALA D 102 37.97 -20.34 -9.95
N ALA D 103 38.04 -19.01 -9.97
CA ALA D 103 39.34 -18.35 -9.81
C ALA D 103 39.95 -18.61 -8.45
N ALA D 104 39.14 -18.91 -7.45
CA ALA D 104 39.63 -19.28 -6.13
C ALA D 104 39.95 -20.76 -6.01
N GLY D 105 39.95 -21.50 -7.12
CA GLY D 105 40.31 -22.90 -7.12
C GLY D 105 39.22 -23.83 -6.64
N ILE D 106 37.96 -23.45 -6.81
CA ILE D 106 36.82 -24.22 -6.34
C ILE D 106 36.13 -24.82 -7.55
N PRO D 107 36.00 -26.14 -7.66
CA PRO D 107 35.40 -26.75 -8.86
C PRO D 107 33.95 -26.32 -9.04
N VAL D 108 33.66 -25.73 -10.18
CA VAL D 108 32.33 -25.21 -10.50
C VAL D 108 32.10 -25.44 -11.98
N PHE D 109 30.90 -25.89 -12.32
CA PHE D 109 30.54 -26.10 -13.73
C PHE D 109 29.19 -25.43 -13.91
N ALA D 110 29.22 -24.22 -14.47
CA ALA D 110 28.02 -23.40 -14.56
C ALA D 110 28.25 -22.24 -15.52
N TRP D 111 27.27 -22.00 -16.38
CA TRP D 111 27.20 -20.74 -17.14
C TRP D 111 25.74 -20.39 -17.37
N LYS D 112 25.46 -19.08 -17.46
CA LYS D 112 24.13 -18.64 -17.87
C LYS D 112 23.91 -18.97 -19.35
N GLY D 113 22.78 -19.58 -19.64
CA GLY D 113 22.45 -19.93 -21.02
C GLY D 113 22.81 -21.33 -21.47
N GLU D 114 22.82 -22.30 -20.56
CA GLU D 114 23.17 -23.66 -20.96
C GLU D 114 22.03 -24.32 -21.76
N THR D 115 22.39 -25.35 -22.51
CA THR D 115 21.44 -26.31 -23.03
C THR D 115 21.15 -27.39 -21.99
N GLU D 116 20.05 -28.11 -22.20
CA GLU D 116 19.78 -29.28 -21.36
C GLU D 116 20.98 -30.23 -21.35
N GLU D 117 21.51 -30.54 -22.54
CA GLU D 117 22.69 -31.42 -22.61
C GLU D 117 23.86 -30.87 -21.80
N GLU D 118 24.09 -29.55 -21.87
CA GLU D 118 25.16 -28.94 -21.07
C GLU D 118 24.86 -29.01 -19.58
N TYR D 119 23.60 -28.81 -19.22
CA TYR D 119 23.19 -28.90 -17.83
C TYR D 119 23.50 -30.28 -17.24
N GLU D 120 23.16 -31.35 -17.98
CA GLU D 120 23.41 -32.69 -17.46
C GLU D 120 24.91 -32.94 -17.31
N TRP D 121 25.71 -32.47 -18.27
CA TRP D 121 27.16 -32.55 -18.20
C TRP D 121 27.72 -31.81 -16.98
N CYS D 122 27.19 -30.62 -16.66
CA CYS D 122 27.70 -29.87 -15.53
C CYS D 122 27.53 -30.62 -14.22
N ILE D 123 26.33 -31.17 -14.00
CA ILE D 123 26.14 -32.04 -12.84
C ILE D 123 27.10 -33.22 -12.89
N GLU D 124 27.27 -33.82 -14.08
CA GLU D 124 28.17 -34.96 -14.21
C GLU D 124 29.57 -34.61 -13.76
N GLN D 125 29.98 -33.36 -13.95
CA GLN D 125 31.34 -32.95 -13.64
C GLN D 125 31.56 -32.84 -12.14
N THR D 126 30.53 -32.45 -11.39
CA THR D 126 30.61 -32.46 -9.93
C THR D 126 30.66 -33.88 -9.38
N ILE D 127 29.96 -34.83 -10.03
CA ILE D 127 29.91 -36.20 -9.55
C ILE D 127 31.19 -36.94 -9.89
N LEU D 128 31.69 -36.79 -11.11
CA LEU D 128 32.88 -37.50 -11.57
C LEU D 128 34.11 -36.61 -11.41
N LYS D 129 35.19 -37.18 -10.86
CA LYS D 129 36.46 -36.48 -10.76
C LYS D 129 37.55 -37.35 -11.35
N ASP D 130 38.17 -36.88 -12.43
CA ASP D 130 39.21 -37.64 -13.13
C ASP D 130 38.66 -38.94 -13.68
N GLY D 131 37.39 -38.95 -14.06
CA GLY D 131 36.79 -40.08 -14.73
C GLY D 131 36.18 -41.14 -13.85
N GLN D 132 36.11 -40.91 -12.54
CA GLN D 132 35.55 -41.84 -11.58
C GLN D 132 34.73 -41.05 -10.57
N PRO D 133 33.83 -41.71 -9.86
CA PRO D 133 33.04 -41.01 -8.83
C PRO D 133 33.92 -40.47 -7.70
N TRP D 134 33.81 -39.16 -7.48
CA TRP D 134 34.44 -38.51 -6.33
C TRP D 134 33.90 -39.14 -5.05
N ASP D 135 34.70 -39.08 -3.99
CA ASP D 135 34.33 -39.68 -2.71
C ASP D 135 33.52 -38.68 -1.88
N ALA D 136 32.40 -38.24 -2.49
CA ALA D 136 31.47 -37.33 -1.86
C ALA D 136 30.87 -37.96 -0.61
N ASN D 137 30.57 -37.13 0.39
CA ASN D 137 29.87 -37.66 1.55
C ASN D 137 28.73 -36.77 1.99
N MET D 138 28.42 -35.71 1.25
CA MET D 138 27.36 -34.76 1.59
C MET D 138 26.74 -34.21 0.30
N VAL D 139 25.47 -33.82 0.38
CA VAL D 139 24.77 -33.25 -0.77
C VAL D 139 24.01 -32.00 -0.34
N LEU D 140 24.19 -30.93 -1.10
CA LEU D 140 23.38 -29.74 -1.00
C LEU D 140 22.66 -29.55 -2.34
N ASP D 141 21.32 -29.58 -2.31
CA ASP D 141 20.50 -29.60 -3.50
C ASP D 141 19.43 -28.51 -3.45
N ASP D 142 19.09 -27.98 -4.64
CA ASP D 142 17.97 -27.03 -4.81
C ASP D 142 17.08 -27.60 -5.91
N GLY D 143 15.99 -28.26 -5.53
CA GLY D 143 15.02 -28.78 -6.48
C GLY D 143 15.07 -30.28 -6.68
N GLY D 144 16.12 -30.97 -6.20
CA GLY D 144 16.17 -32.43 -6.23
C GLY D 144 16.76 -33.06 -7.47
N ASP D 145 17.28 -32.27 -8.41
CA ASP D 145 17.85 -32.86 -9.61
C ASP D 145 19.11 -33.67 -9.30
N LEU D 146 19.98 -33.18 -8.39
CA LEU D 146 21.20 -33.90 -8.03
C LEU D 146 20.90 -35.12 -7.15
N THR D 147 19.98 -34.96 -6.20
CA THR D 147 19.43 -36.12 -5.50
C THR D 147 18.91 -37.16 -6.49
N GLU D 148 18.31 -36.72 -7.59
CA GLU D 148 17.68 -37.65 -8.53
C GLU D 148 18.72 -38.42 -9.32
N ILE D 149 19.72 -37.73 -9.88
CA ILE D 149 20.73 -38.43 -10.66
C ILE D 149 21.50 -39.42 -9.77
N LEU D 150 21.79 -39.04 -8.52
CA LEU D 150 22.52 -39.94 -7.62
C LEU D 150 21.73 -41.23 -7.36
N HIS D 151 20.43 -41.10 -7.07
CA HIS D 151 19.64 -42.30 -6.79
C HIS D 151 19.42 -43.14 -8.05
N LYS D 152 19.39 -42.52 -9.24
CA LYS D 152 19.06 -43.27 -10.44
C LYS D 152 20.28 -43.79 -11.19
N LYS D 153 21.37 -43.02 -11.23
CA LYS D 153 22.55 -43.37 -12.01
C LYS D 153 23.78 -43.70 -11.19
N TYR D 154 23.90 -43.19 -9.96
CA TYR D 154 25.05 -43.50 -9.10
C TYR D 154 24.62 -43.91 -7.70
N PRO D 155 23.74 -44.91 -7.58
CA PRO D 155 23.31 -45.34 -6.25
C PRO D 155 24.46 -45.80 -5.36
N GLN D 156 25.53 -46.33 -5.94
CA GLN D 156 26.65 -46.76 -5.11
C GLN D 156 27.20 -45.60 -4.29
N MET D 157 27.20 -44.39 -4.85
CA MET D 157 27.81 -43.25 -4.16
C MET D 157 27.07 -42.89 -2.88
N LEU D 158 25.76 -43.15 -2.86
CA LEU D 158 24.96 -42.82 -1.68
C LEU D 158 25.39 -43.67 -0.47
N GLU D 159 26.13 -44.75 -0.66
CA GLU D 159 26.63 -45.48 0.50
C GLU D 159 27.63 -44.67 1.31
N ARG D 160 28.28 -43.67 0.71
CA ARG D 160 29.25 -42.84 1.42
C ARG D 160 28.69 -41.51 1.88
N ILE D 161 27.42 -41.22 1.59
CA ILE D 161 26.89 -39.89 1.77
C ILE D 161 26.12 -39.86 3.09
N HIS D 162 26.40 -38.84 3.91
CA HIS D 162 25.76 -38.74 5.22
C HIS D 162 24.40 -38.03 5.18
N GLY D 163 24.09 -37.28 4.13
CA GLY D 163 22.79 -36.62 4.08
C GLY D 163 22.68 -35.65 2.93
N ILE D 164 21.47 -35.09 2.81
CA ILE D 164 21.10 -34.09 1.81
C ILE D 164 20.45 -32.91 2.53
N THR D 165 20.86 -31.70 2.18
CA THR D 165 20.19 -30.48 2.65
C THR D 165 19.50 -29.87 1.43
N GLU D 166 18.17 -29.90 1.42
CA GLU D 166 17.41 -29.53 0.23
C GLU D 166 16.79 -28.15 0.44
N GLU D 167 16.99 -27.27 -0.54
CA GLU D 167 16.67 -25.84 -0.41
C GLU D 167 15.18 -25.51 -0.58
N THR D 168 14.49 -26.16 -1.50
CA THR D 168 13.23 -25.61 -1.98
C THR D 168 12.08 -26.61 -1.95
N THR D 169 10.88 -26.03 -1.87
CA THR D 169 9.59 -26.71 -1.80
C THR D 169 9.50 -27.93 -2.71
N THR D 170 9.72 -27.71 -4.01
CA THR D 170 9.64 -28.82 -4.97
C THR D 170 10.58 -29.94 -4.58
N GLY D 171 11.81 -29.58 -4.23
CA GLY D 171 12.76 -30.58 -3.77
C GLY D 171 12.28 -31.33 -2.54
N VAL D 172 11.77 -30.60 -1.56
CA VAL D 172 11.26 -31.25 -0.37
C VAL D 172 10.15 -32.22 -0.74
N HIS D 173 9.21 -31.76 -1.55
CA HIS D 173 8.13 -32.63 -1.97
C HIS D 173 8.68 -33.93 -2.58
N ARG D 174 9.73 -33.80 -3.39
CA ARG D 174 10.31 -34.96 -4.05
C ARG D 174 10.96 -35.90 -3.02
N LEU D 175 11.65 -35.35 -2.00
CA LEU D 175 12.22 -36.17 -0.94
C LEU D 175 11.13 -36.95 -0.21
N LEU D 176 10.03 -36.27 0.16
CA LEU D 176 8.94 -36.93 0.88
C LEU D 176 8.32 -38.07 0.06
N ASP D 177 8.18 -37.88 -1.26
CA ASP D 177 7.61 -38.95 -2.06
CA ASP D 177 7.61 -38.95 -2.08
C ASP D 177 8.53 -40.17 -2.09
N MET D 178 9.84 -39.94 -2.16
CA MET D 178 10.78 -41.07 -2.06
C MET D 178 10.69 -41.73 -0.70
N LEU D 179 10.66 -40.93 0.37
CA LEU D 179 10.53 -41.50 1.71
C LEU D 179 9.30 -42.39 1.80
N LYS D 180 8.14 -41.87 1.42
CA LYS D 180 6.90 -42.65 1.44
C LYS D 180 7.07 -43.98 0.72
N ASN D 181 7.76 -43.96 -0.42
CA ASN D 181 7.89 -45.13 -1.28
C ASN D 181 9.05 -46.05 -0.89
N GLY D 182 9.84 -45.69 0.11
CA GLY D 182 10.98 -46.50 0.49
C GLY D 182 12.17 -46.40 -0.44
N THR D 183 12.27 -45.34 -1.23
CA THR D 183 13.35 -45.22 -2.21
C THR D 183 14.38 -44.18 -1.82
N LEU D 184 14.16 -43.43 -0.73
CA LEU D 184 15.16 -42.49 -0.24
C LEU D 184 16.24 -43.26 0.51
N LYS D 185 17.50 -43.03 0.13
CA LYS D 185 18.61 -43.85 0.62
C LYS D 185 19.44 -43.20 1.73
N VAL D 186 19.33 -41.88 1.91
CA VAL D 186 20.03 -41.17 2.99
C VAL D 186 19.11 -40.11 3.56
N PRO D 187 19.38 -39.67 4.80
CA PRO D 187 18.47 -38.71 5.44
C PRO D 187 18.64 -37.34 4.82
N ALA D 188 17.69 -36.45 5.13
CA ALA D 188 17.76 -35.12 4.59
C ALA D 188 17.16 -34.13 5.56
N ILE D 189 17.62 -32.88 5.44
CA ILE D 189 17.04 -31.75 6.13
C ILE D 189 16.27 -30.93 5.12
N ASN D 190 15.02 -30.63 5.45
CA ASN D 190 14.15 -29.74 4.69
C ASN D 190 14.52 -28.33 5.14
N VAL D 191 15.45 -27.71 4.38
CA VAL D 191 15.83 -26.34 4.69
C VAL D 191 14.70 -25.38 4.34
N ASN D 192 13.86 -25.73 3.35
CA ASN D 192 12.82 -24.83 2.91
C ASN D 192 11.94 -24.36 4.07
N ASP D 193 11.64 -25.25 5.01
CA ASP D 193 10.57 -24.97 5.95
C ASP D 193 11.04 -24.32 7.26
N SER D 194 12.31 -23.92 7.39
CA SER D 194 12.62 -22.88 8.39
C SER D 194 11.79 -21.63 8.10
N VAL D 195 11.34 -20.96 9.16
CA VAL D 195 10.60 -19.73 8.95
C VAL D 195 11.50 -18.66 8.33
N THR D 196 12.79 -18.62 8.74
CA THR D 196 13.77 -17.74 8.11
C THR D 196 14.12 -18.16 6.71
N LYS D 197 13.42 -19.15 6.16
CA LYS D 197 13.55 -19.49 4.74
C LYS D 197 12.18 -19.38 4.07
N SER D 198 11.25 -20.29 4.35
CA SER D 198 9.98 -20.30 3.64
C SER D 198 9.29 -18.94 3.68
N LYS D 199 9.13 -18.35 4.87
CA LYS D 199 8.42 -17.09 5.02
C LYS D 199 9.34 -15.89 4.85
N ASN D 200 10.50 -16.08 4.24
CA ASN D 200 11.47 -15.03 4.00
C ASN D 200 11.91 -15.07 2.53
N ASP D 201 12.71 -16.07 2.20
CA ASP D 201 13.08 -16.38 0.81
C ASP D 201 11.84 -16.51 -0.10
N ASN D 202 10.93 -17.44 0.22
CA ASN D 202 9.91 -17.79 -0.78
C ASN D 202 8.95 -16.63 -1.04
N LYS D 203 8.57 -15.90 0.01
CA LYS D 203 7.64 -14.77 -0.13
C LYS D 203 8.37 -13.47 -0.46
N TYR D 204 9.20 -12.97 0.47
CA TYR D 204 9.82 -11.67 0.28
C TYR D 204 10.80 -11.70 -0.87
N GLY D 205 11.43 -12.84 -1.15
CA GLY D 205 12.35 -12.88 -2.26
C GLY D 205 11.62 -12.64 -3.58
N CYS D 206 10.47 -13.30 -3.78
CA CYS D 206 9.76 -13.11 -5.02
C CYS D 206 9.14 -11.71 -5.08
N ARG D 207 8.75 -11.15 -3.94
CA ARG D 207 8.29 -9.76 -3.95
C ARG D 207 9.35 -8.84 -4.53
N HIS D 208 10.60 -8.98 -4.11
CA HIS D 208 11.65 -8.13 -4.63
C HIS D 208 11.96 -8.46 -6.09
N SER D 209 12.03 -9.75 -6.43
CA SER D 209 12.67 -10.10 -7.70
C SER D 209 11.71 -10.39 -8.85
N LEU D 210 10.42 -10.60 -8.61
CA LEU D 210 9.53 -10.83 -9.75
C LEU D 210 9.42 -9.58 -10.64
N ASN D 211 8.96 -8.45 -10.07
CA ASN D 211 8.80 -7.25 -10.89
CA ASN D 211 8.81 -7.24 -10.88
C ASN D 211 10.16 -6.79 -11.43
N ASP D 212 11.23 -7.05 -10.66
CA ASP D 212 12.58 -6.76 -11.14
C ASP D 212 12.80 -7.42 -12.49
N ALA D 213 12.53 -8.74 -12.55
CA ALA D 213 12.77 -9.51 -13.77
C ALA D 213 11.85 -9.06 -14.89
N ILE D 214 10.58 -8.78 -14.59
CA ILE D 214 9.70 -8.33 -15.68
C ILE D 214 10.22 -7.03 -16.28
N LYS D 215 10.67 -6.08 -15.41
CA LYS D 215 11.20 -4.82 -15.93
C LYS D 215 12.45 -5.05 -16.79
N ARG D 216 13.36 -5.93 -16.35
CA ARG D 216 14.59 -6.10 -17.11
C ARG D 216 14.31 -6.75 -18.46
N GLY D 217 13.37 -7.69 -18.50
CA GLY D 217 13.08 -8.37 -19.76
C GLY D 217 12.33 -7.50 -20.74
N THR D 218 11.31 -6.76 -20.27
CA THR D 218 10.42 -6.05 -21.17
C THR D 218 10.41 -4.55 -20.98
N ASP D 219 10.87 -4.04 -19.83
CA ASP D 219 10.68 -2.63 -19.45
C ASP D 219 9.26 -2.15 -19.64
N HIS D 220 8.29 -3.05 -19.46
CA HIS D 220 6.88 -2.71 -19.46
C HIS D 220 6.50 -1.93 -18.21
N LEU D 221 5.62 -0.95 -18.39
CA LEU D 221 4.90 -0.38 -17.26
C LEU D 221 3.93 -1.43 -16.71
N LEU D 222 3.88 -1.53 -15.38
CA LEU D 222 3.00 -2.52 -14.76
C LEU D 222 1.75 -1.90 -14.20
N SER D 223 1.87 -0.66 -13.70
CA SER D 223 0.74 0.07 -13.12
C SER D 223 -0.39 0.21 -14.12
N GLY D 224 -1.61 0.01 -13.61
CA GLY D 224 -2.82 0.13 -14.40
C GLY D 224 -3.19 -1.09 -15.21
N LYS D 225 -2.31 -2.08 -15.33
CA LYS D 225 -2.52 -3.26 -16.16
C LYS D 225 -3.08 -4.40 -15.33
N GLN D 226 -3.53 -5.46 -16.01
CA GLN D 226 -4.17 -6.62 -15.38
C GLN D 226 -3.23 -7.81 -15.26
N ALA D 227 -3.08 -8.31 -14.04
CA ALA D 227 -2.28 -9.50 -13.77
C ALA D 227 -3.14 -10.65 -13.27
N LEU D 228 -2.75 -11.86 -13.65
CA LEU D 228 -3.29 -13.08 -13.08
C LEU D 228 -2.14 -13.91 -12.51
N VAL D 229 -2.16 -14.16 -11.22
CA VAL D 229 -1.16 -14.98 -10.56
C VAL D 229 -1.80 -16.32 -10.25
N ILE D 230 -1.22 -17.39 -10.80
CA ILE D 230 -1.68 -18.76 -10.54
C ILE D 230 -0.97 -19.24 -9.27
N GLY D 231 -1.73 -19.39 -8.19
CA GLY D 231 -1.15 -19.85 -6.94
C GLY D 231 -1.05 -18.73 -5.92
N TYR D 232 -1.22 -19.09 -4.65
CA TYR D 232 -1.11 -18.14 -3.55
C TYR D 232 -0.48 -18.79 -2.33
N GLY D 233 0.51 -19.67 -2.55
CA GLY D 233 1.37 -20.17 -1.47
C GLY D 233 2.39 -19.09 -1.12
N ASP D 234 3.57 -19.50 -0.65
CA ASP D 234 4.54 -18.47 -0.27
C ASP D 234 5.03 -17.70 -1.49
N VAL D 235 5.33 -18.40 -2.59
CA VAL D 235 5.78 -17.74 -3.81
C VAL D 235 4.65 -16.92 -4.44
N GLY D 236 3.40 -17.43 -4.38
CA GLY D 236 2.27 -16.67 -4.92
C GLY D 236 1.94 -15.43 -4.11
N LYS D 237 2.00 -15.52 -2.77
CA LYS D 237 1.76 -14.35 -1.93
C LYS D 237 2.77 -13.28 -2.24
N GLY D 238 4.05 -13.67 -2.32
CA GLY D 238 5.10 -12.71 -2.60
C GLY D 238 4.98 -12.13 -3.98
N SER D 239 4.66 -12.98 -4.96
CA SER D 239 4.55 -12.57 -6.36
C SER D 239 3.38 -11.60 -6.56
N SER D 240 2.25 -11.88 -5.93
CA SER D 240 1.12 -10.96 -6.01
C SER D 240 1.49 -9.60 -5.45
N GLN D 241 2.26 -9.57 -4.38
CA GLN D 241 2.64 -8.30 -3.77
C GLN D 241 3.61 -7.54 -4.68
N SER D 242 4.56 -8.26 -5.27
CA SER D 242 5.46 -7.65 -6.23
C SER D 242 4.70 -6.83 -7.27
N LEU D 243 3.58 -7.35 -7.77
CA LEU D 243 2.80 -6.69 -8.81
C LEU D 243 1.84 -5.65 -8.25
N ARG D 244 1.16 -5.97 -7.14
CA ARG D 244 0.19 -5.03 -6.60
C ARG D 244 0.86 -3.73 -6.17
N GLN D 245 2.05 -3.84 -5.54
CA GLN D 245 2.76 -2.66 -5.06
C GLN D 245 3.22 -1.78 -6.21
N GLU D 246 3.33 -2.34 -7.41
CA GLU D 246 3.62 -1.56 -8.61
C GLU D 246 2.34 -0.96 -9.22
N GLY D 247 1.18 -1.21 -8.63
CA GLY D 247 -0.06 -0.68 -9.16
C GLY D 247 -0.79 -1.57 -10.14
N MET D 248 -0.36 -2.83 -10.29
CA MET D 248 -1.13 -3.76 -11.10
C MET D 248 -2.46 -4.07 -10.42
N ILE D 249 -3.48 -4.31 -11.25
CA ILE D 249 -4.74 -4.90 -10.81
C ILE D 249 -4.54 -6.41 -10.88
N VAL D 250 -4.39 -7.05 -9.72
CA VAL D 250 -3.97 -8.45 -9.64
C VAL D 250 -5.18 -9.32 -9.29
N LYS D 251 -5.40 -10.35 -10.09
CA LYS D 251 -6.33 -11.43 -9.78
C LYS D 251 -5.55 -12.71 -9.44
N VAL D 252 -6.11 -13.53 -8.54
CA VAL D 252 -5.43 -14.68 -7.98
C VAL D 252 -6.25 -15.93 -8.24
N ALA D 253 -5.59 -16.99 -8.70
CA ALA D 253 -6.18 -18.30 -8.87
C ALA D 253 -5.56 -19.28 -7.85
N GLU D 254 -6.40 -20.14 -7.28
CA GLU D 254 -5.97 -21.09 -6.28
C GLU D 254 -6.88 -22.31 -6.31
N VAL D 255 -6.28 -23.46 -5.98
CA VAL D 255 -7.05 -24.67 -5.70
C VAL D 255 -7.21 -24.91 -4.20
N ASP D 256 -6.46 -24.20 -3.36
CA ASP D 256 -6.49 -24.40 -1.92
C ASP D 256 -7.38 -23.30 -1.33
N PRO D 257 -8.54 -23.64 -0.78
CA PRO D 257 -9.47 -22.59 -0.32
C PRO D 257 -8.93 -21.75 0.82
N ILE D 258 -8.05 -22.31 1.66
CA ILE D 258 -7.47 -21.52 2.74
C ILE D 258 -6.57 -20.45 2.15
N CYS D 259 -5.69 -20.84 1.22
CA CYS D 259 -4.89 -19.84 0.50
C CYS D 259 -5.79 -18.85 -0.27
N ALA D 260 -6.88 -19.33 -0.87
CA ALA D 260 -7.78 -18.42 -1.56
C ALA D 260 -8.37 -17.41 -0.58
N MET D 261 -8.78 -17.87 0.62
N MET D 261 -8.77 -17.88 0.62
CA MET D 261 -9.29 -16.96 1.63
CA MET D 261 -9.31 -16.99 1.64
C MET D 261 -8.29 -15.86 1.93
C MET D 261 -8.31 -15.87 1.98
N GLN D 262 -7.02 -16.23 2.13
CA GLN D 262 -5.98 -15.23 2.36
C GLN D 262 -5.94 -14.20 1.23
N ALA D 263 -6.00 -14.66 -0.02
CA ALA D 263 -5.95 -13.74 -1.15
C ALA D 263 -7.09 -12.72 -1.11
N CYS D 264 -8.33 -13.15 -0.82
CA CYS D 264 -9.45 -12.24 -0.69
C CYS D 264 -9.19 -11.20 0.40
N MET D 265 -8.88 -11.68 1.61
CA MET D 265 -8.59 -10.81 2.75
C MET D 265 -7.43 -9.87 2.43
N ASP D 266 -6.48 -10.32 1.64
CA ASP D 266 -5.37 -9.45 1.25
C ASP D 266 -5.78 -8.42 0.19
N GLY D 267 -7.03 -8.42 -0.27
CA GLY D 267 -7.51 -7.42 -1.20
C GLY D 267 -7.44 -7.80 -2.67
N PHE D 268 -7.37 -9.08 -2.99
CA PHE D 268 -7.37 -9.61 -4.33
C PHE D 268 -8.68 -10.29 -4.67
N GLU D 269 -9.06 -10.15 -5.95
CA GLU D 269 -10.16 -10.93 -6.52
C GLU D 269 -9.66 -12.34 -6.90
N VAL D 270 -10.39 -13.37 -6.47
CA VAL D 270 -9.98 -14.75 -6.74
C VAL D 270 -10.82 -15.32 -7.89
N VAL D 271 -10.13 -15.83 -8.92
CA VAL D 271 -10.78 -16.21 -10.17
C VAL D 271 -10.15 -17.51 -10.63
N SER D 272 -10.90 -18.23 -11.49
CA SER D 272 -10.30 -19.39 -12.12
C SER D 272 -10.13 -19.13 -13.62
N PRO D 273 -9.11 -19.73 -14.26
CA PRO D 273 -9.05 -19.70 -15.73
C PRO D 273 -10.15 -20.50 -16.40
N TYR D 274 -10.86 -21.36 -15.66
CA TYR D 274 -11.90 -22.21 -16.19
C TYR D 274 -13.24 -21.80 -15.58
N LYS D 275 -14.29 -21.96 -16.38
CA LYS D 275 -15.63 -21.64 -15.92
C LYS D 275 -16.00 -22.51 -14.73
N ASN D 276 -16.45 -21.87 -13.65
CA ASN D 276 -16.79 -22.57 -12.43
C ASN D 276 -15.58 -23.27 -11.83
N GLY D 277 -14.39 -23.04 -12.36
CA GLY D 277 -13.18 -23.64 -11.82
C GLY D 277 -12.93 -25.06 -12.28
N ILE D 278 -13.68 -25.55 -13.26
CA ILE D 278 -13.60 -26.93 -13.70
C ILE D 278 -12.92 -26.96 -15.06
N ASN D 279 -11.76 -27.61 -15.11
CA ASN D 279 -11.09 -27.84 -16.39
C ASN D 279 -11.57 -29.18 -16.94
N ASP D 280 -12.10 -29.16 -18.18
CA ASP D 280 -12.47 -30.39 -18.87
C ASP D 280 -11.62 -30.61 -20.12
N GLY D 281 -10.51 -29.90 -20.25
CA GLY D 281 -9.60 -30.09 -21.36
C GLY D 281 -10.04 -29.50 -22.70
N THR D 282 -11.24 -28.96 -22.80
CA THR D 282 -11.75 -28.35 -24.01
C THR D 282 -11.59 -26.83 -23.93
N GLU D 283 -11.52 -26.21 -25.11
CA GLU D 283 -11.60 -24.76 -25.18
C GLU D 283 -12.87 -24.26 -24.52
N ALA D 284 -13.94 -25.07 -24.54
CA ALA D 284 -15.23 -24.64 -24.01
C ALA D 284 -15.13 -24.23 -22.54
N SER D 285 -14.27 -24.87 -21.75
CA SER D 285 -14.25 -24.54 -20.32
C SER D 285 -13.37 -23.33 -20.01
N ILE D 286 -12.67 -22.77 -21.00
CA ILE D 286 -11.86 -21.58 -20.74
C ILE D 286 -12.76 -20.36 -20.54
N ASP D 287 -12.46 -19.56 -19.54
CA ASP D 287 -13.07 -18.25 -19.36
C ASP D 287 -12.36 -17.30 -20.34
N ALA D 288 -12.87 -17.27 -21.59
CA ALA D 288 -12.27 -16.45 -22.63
C ALA D 288 -12.33 -14.97 -22.29
N ALA D 289 -13.42 -14.54 -21.63
CA ALA D 289 -13.58 -13.13 -21.29
C ALA D 289 -12.57 -12.73 -20.23
N LEU D 290 -12.38 -13.57 -19.22
CA LEU D 290 -11.36 -13.27 -18.22
C LEU D 290 -9.99 -13.22 -18.86
N LEU D 291 -9.65 -14.22 -19.66
CA LEU D 291 -8.27 -14.30 -20.11
C LEU D 291 -7.96 -13.24 -21.16
N GLY D 292 -8.98 -12.82 -21.93
CA GLY D 292 -8.79 -11.79 -22.93
C GLY D 292 -8.47 -10.42 -22.36
N LYS D 293 -8.61 -10.23 -21.03
CA LYS D 293 -8.30 -8.99 -20.35
C LYS D 293 -6.97 -9.02 -19.59
N ILE D 294 -6.24 -10.14 -19.63
CA ILE D 294 -5.06 -10.32 -18.79
C ILE D 294 -3.82 -9.87 -19.54
N ASP D 295 -3.06 -8.91 -18.96
CA ASP D 295 -1.82 -8.40 -19.56
C ASP D 295 -0.61 -9.22 -19.17
N LEU D 296 -0.68 -9.93 -18.06
CA LEU D 296 0.47 -10.63 -17.48
C LEU D 296 -0.02 -11.84 -16.70
N ILE D 297 0.58 -13.01 -16.95
CA ILE D 297 0.26 -14.20 -16.18
C ILE D 297 1.55 -14.78 -15.59
N VAL D 298 1.47 -15.20 -14.32
CA VAL D 298 2.61 -15.69 -13.54
C VAL D 298 2.22 -17.00 -12.87
N THR D 299 2.95 -18.05 -13.13
CA THR D 299 2.70 -19.34 -12.48
C THR D 299 3.60 -19.47 -11.25
N THR D 300 3.02 -19.86 -10.10
CA THR D 300 3.78 -19.97 -8.86
C THR D 300 3.53 -21.27 -8.09
N THR D 301 3.10 -22.34 -8.76
CA THR D 301 2.44 -23.43 -8.04
C THR D 301 3.33 -24.62 -7.67
N GLY D 302 4.37 -24.95 -8.46
CA GLY D 302 5.03 -26.22 -8.29
C GLY D 302 4.25 -27.42 -8.82
N ASN D 303 3.11 -27.19 -9.47
CA ASN D 303 2.26 -28.18 -10.09
C ASN D 303 2.56 -28.22 -11.59
N VAL D 304 1.85 -29.07 -12.31
CA VAL D 304 2.09 -29.28 -13.74
C VAL D 304 0.97 -28.62 -14.55
N ASN D 305 1.36 -27.96 -15.65
CA ASN D 305 0.41 -27.47 -16.65
C ASN D 305 -0.67 -26.57 -16.04
N VAL D 306 -0.26 -25.58 -15.25
CA VAL D 306 -1.24 -24.65 -14.67
C VAL D 306 -1.45 -23.42 -15.55
N CYS D 307 -0.65 -23.25 -16.58
CA CYS D 307 -0.95 -22.35 -17.69
C CYS D 307 -0.95 -23.21 -18.95
N ASP D 308 -2.11 -23.75 -19.32
CA ASP D 308 -2.13 -24.76 -20.36
C ASP D 308 -2.30 -24.10 -21.73
N ALA D 309 -2.44 -24.96 -22.73
CA ALA D 309 -2.48 -24.54 -24.11
C ALA D 309 -3.73 -23.72 -24.41
N ASN D 310 -4.89 -24.15 -23.92
CA ASN D 310 -6.11 -23.42 -24.19
C ASN D 310 -6.04 -22.03 -23.55
N MET D 311 -5.49 -21.95 -22.34
CA MET D 311 -5.25 -20.65 -21.73
C MET D 311 -4.36 -19.81 -22.63
N LEU D 312 -3.30 -20.40 -23.17
CA LEU D 312 -2.38 -19.62 -23.97
C LEU D 312 -3.05 -19.12 -25.25
N LYS D 313 -3.97 -19.91 -25.79
CA LYS D 313 -4.70 -19.50 -26.99
C LYS D 313 -5.62 -18.31 -26.69
N ALA D 314 -6.16 -18.26 -25.48
CA ALA D 314 -7.17 -17.29 -25.11
C ALA D 314 -6.58 -15.99 -24.54
N LEU D 315 -5.30 -15.98 -24.17
CA LEU D 315 -4.73 -14.77 -23.55
C LEU D 315 -4.86 -13.55 -24.46
N LYS D 316 -5.06 -12.40 -23.83
CA LYS D 316 -5.02 -11.13 -24.53
C LYS D 316 -3.76 -11.03 -25.37
N LYS D 317 -3.92 -10.52 -26.61
CA LYS D 317 -2.77 -10.25 -27.46
C LYS D 317 -1.70 -9.46 -26.70
N ARG D 318 -0.44 -9.90 -26.84
CA ARG D 318 0.74 -9.23 -26.30
C ARG D 318 0.88 -9.39 -24.79
N ALA D 319 0.14 -10.31 -24.17
CA ALA D 319 0.32 -10.57 -22.76
C ALA D 319 1.72 -11.13 -22.50
N VAL D 320 2.22 -10.85 -21.33
CA VAL D 320 3.46 -11.46 -20.86
C VAL D 320 3.13 -12.75 -20.11
N VAL D 321 3.94 -13.79 -20.39
CA VAL D 321 3.84 -15.13 -19.81
C VAL D 321 5.15 -15.46 -19.11
N CYS D 322 5.08 -15.79 -17.82
CA CYS D 322 6.27 -16.23 -17.14
C CYS D 322 5.93 -17.15 -15.96
N ASN D 323 6.96 -17.87 -15.50
CA ASN D 323 6.80 -18.77 -14.36
C ASN D 323 7.90 -18.51 -13.34
N ILE D 324 7.51 -18.52 -12.07
CA ILE D 324 8.46 -18.32 -10.98
C ILE D 324 8.51 -19.52 -10.03
N GLY D 325 7.81 -20.62 -10.38
CA GLY D 325 8.03 -21.89 -9.71
C GLY D 325 9.27 -22.60 -10.26
N HIS D 326 9.69 -23.66 -9.56
CA HIS D 326 10.97 -24.28 -9.85
C HIS D 326 11.08 -24.79 -11.28
N PHE D 327 10.03 -25.40 -11.83
CA PHE D 327 10.20 -26.08 -13.10
C PHE D 327 9.34 -25.47 -14.18
N ASP D 328 9.81 -25.56 -15.43
CA ASP D 328 9.11 -24.92 -16.54
C ASP D 328 7.80 -25.60 -16.92
N ASN D 329 7.60 -26.88 -16.60
CA ASN D 329 6.37 -27.56 -16.99
C ASN D 329 5.11 -26.93 -16.40
N GLU D 330 5.25 -25.86 -15.58
CA GLU D 330 4.09 -25.10 -15.14
C GLU D 330 3.33 -24.52 -16.33
N ILE D 331 4.05 -24.21 -17.41
CA ILE D 331 3.47 -23.66 -18.63
C ILE D 331 3.66 -24.67 -19.76
N ASP D 332 2.61 -24.83 -20.58
CA ASP D 332 2.70 -25.74 -21.72
C ASP D 332 3.48 -25.07 -22.86
N THR D 333 4.79 -24.89 -22.63
CA THR D 333 5.65 -24.34 -23.68
C THR D 333 5.84 -25.34 -24.82
N ALA D 334 5.89 -26.64 -24.50
CA ALA D 334 5.94 -27.64 -25.56
C ALA D 334 4.92 -27.35 -26.65
N PHE D 335 3.68 -27.07 -26.25
CA PHE D 335 2.64 -26.75 -27.21
C PHE D 335 3.01 -25.52 -28.03
N MET D 336 3.56 -24.50 -27.36
CA MET D 336 3.95 -23.29 -28.08
C MET D 336 5.10 -23.57 -29.05
N ARG D 337 6.02 -24.46 -28.67
CA ARG D 337 7.12 -24.82 -29.58
C ARG D 337 6.60 -25.59 -30.77
N LYS D 338 5.49 -26.30 -30.61
CA LYS D 338 5.03 -27.13 -31.70
C LYS D 338 4.28 -26.32 -32.74
N ASN D 339 3.58 -25.27 -32.31
CA ASN D 339 2.56 -24.67 -33.15
C ASN D 339 2.82 -23.22 -33.52
N TRP D 340 3.70 -22.53 -32.81
CA TRP D 340 3.87 -21.10 -32.99
C TRP D 340 5.34 -20.78 -33.23
N ALA D 341 5.57 -19.71 -33.97
CA ALA D 341 6.91 -19.30 -34.37
C ALA D 341 7.51 -18.42 -33.28
N TRP D 342 8.75 -18.72 -32.89
CA TRP D 342 9.43 -17.97 -31.84
C TRP D 342 10.36 -16.93 -32.43
N GLU D 343 10.18 -15.68 -32.02
CA GLU D 343 11.10 -14.59 -32.37
C GLU D 343 11.81 -14.16 -31.09
N GLU D 344 13.14 -14.27 -31.10
CA GLU D 344 13.93 -13.85 -29.95
C GLU D 344 14.08 -12.33 -29.95
N VAL D 345 13.70 -11.69 -28.85
CA VAL D 345 13.90 -10.25 -28.72
C VAL D 345 15.32 -9.96 -28.27
N LYS D 346 15.68 -10.52 -27.12
CA LYS D 346 17.04 -10.61 -26.65
C LYS D 346 17.10 -11.86 -25.81
N PRO D 347 18.29 -12.26 -25.36
CA PRO D 347 18.39 -13.50 -24.57
C PRO D 347 17.36 -13.56 -23.46
N GLN D 348 16.61 -14.68 -23.40
CA GLN D 348 15.59 -14.94 -22.40
C GLN D 348 14.34 -14.09 -22.57
N VAL D 349 14.12 -13.52 -23.77
CA VAL D 349 12.90 -12.78 -24.06
C VAL D 349 12.42 -13.16 -25.46
N HIS D 350 11.27 -13.81 -25.55
CA HIS D 350 10.79 -14.32 -26.83
C HIS D 350 9.38 -13.82 -27.11
N LYS D 351 9.15 -13.43 -28.36
CA LYS D 351 7.80 -13.25 -28.88
C LYS D 351 7.33 -14.55 -29.51
N ILE D 352 6.20 -15.05 -29.05
CA ILE D 352 5.60 -16.27 -29.58
C ILE D 352 4.44 -15.83 -30.47
N HIS D 353 4.62 -15.94 -31.78
CA HIS D 353 3.65 -15.45 -32.76
C HIS D 353 2.60 -16.52 -32.98
N ARG D 354 1.37 -16.22 -32.60
CA ARG D 354 0.28 -17.18 -32.69
C ARG D 354 -0.35 -17.23 -34.08
N THR D 355 0.31 -16.66 -35.08
CA THR D 355 -0.20 -16.74 -36.44
C THR D 355 0.17 -18.03 -37.14
N GLY D 356 1.05 -18.84 -36.57
CA GLY D 356 1.40 -20.10 -37.20
C GLY D 356 2.82 -20.48 -36.89
N LYS D 357 3.22 -21.62 -37.46
CA LYS D 357 4.47 -22.31 -37.17
C LYS D 357 5.61 -21.86 -38.07
N ASP D 358 5.39 -21.84 -39.38
CA ASP D 358 6.44 -21.53 -40.35
C ASP D 358 6.46 -20.02 -40.54
N GLY D 359 7.36 -19.36 -39.81
CA GLY D 359 7.65 -17.96 -40.03
C GLY D 359 6.62 -17.03 -39.42
N PHE D 360 6.93 -15.74 -39.53
CA PHE D 360 6.11 -14.72 -38.87
C PHE D 360 6.38 -13.38 -39.52
N ASP D 361 5.48 -12.45 -39.24
CA ASP D 361 5.56 -11.08 -39.73
C ASP D 361 6.18 -10.21 -38.65
N ALA D 362 7.24 -9.48 -39.00
CA ALA D 362 7.93 -8.66 -38.01
C ALA D 362 6.96 -7.73 -37.28
N HIS D 363 5.90 -7.29 -37.96
CA HIS D 363 4.93 -6.34 -37.41
C HIS D 363 3.62 -7.01 -36.99
N ASN D 364 3.57 -8.32 -36.97
CA ASN D 364 2.41 -9.03 -36.46
C ASN D 364 2.07 -8.52 -35.05
N ASP D 365 0.78 -8.38 -34.76
CA ASP D 365 0.43 -7.95 -33.42
C ASP D 365 -0.03 -9.09 -32.51
N ASP D 366 -0.29 -10.29 -33.06
CA ASP D 366 -0.82 -11.40 -32.27
C ASP D 366 0.34 -12.29 -31.82
N TYR D 367 1.04 -11.83 -30.79
CA TYR D 367 2.05 -12.62 -30.11
C TYR D 367 1.86 -12.56 -28.61
N LEU D 368 2.51 -13.49 -27.93
CA LEU D 368 2.74 -13.41 -26.50
C LEU D 368 4.22 -13.13 -26.28
N ILE D 369 4.56 -12.63 -25.09
CA ILE D 369 5.95 -12.53 -24.69
C ILE D 369 6.20 -13.53 -23.57
N LEU D 370 7.14 -14.44 -23.80
CA LEU D 370 7.56 -15.45 -22.84
C LEU D 370 8.90 -15.07 -22.25
N LEU D 371 9.00 -15.02 -20.93
CA LEU D 371 10.29 -14.73 -20.28
C LEU D 371 10.98 -16.02 -19.87
N ALA D 372 12.30 -16.08 -20.17
CA ALA D 372 13.18 -17.16 -19.73
C ALA D 372 12.67 -18.52 -20.16
N GLU D 373 12.11 -18.58 -21.37
CA GLU D 373 11.54 -19.80 -21.95
C GLU D 373 10.77 -20.62 -20.91
N GLY D 374 10.11 -19.91 -20.01
CA GLY D 374 9.34 -20.55 -18.95
C GLY D 374 10.11 -21.01 -17.73
N ARG D 375 11.42 -20.80 -17.66
CA ARG D 375 12.18 -21.16 -16.46
C ARG D 375 11.97 -20.10 -15.38
N LEU D 376 12.45 -20.36 -14.17
CA LEU D 376 12.26 -19.39 -13.08
C LEU D 376 12.67 -17.99 -13.53
N VAL D 377 11.70 -17.07 -13.60
CA VAL D 377 11.94 -15.80 -14.29
C VAL D 377 12.80 -14.83 -13.44
N ASN D 378 12.60 -14.80 -12.13
CA ASN D 378 13.42 -13.90 -11.31
C ASN D 378 14.91 -14.22 -11.47
N LEU D 379 15.27 -15.50 -11.49
CA LEU D 379 16.65 -15.89 -11.75
C LEU D 379 17.02 -15.77 -13.22
N GLY D 380 16.07 -16.01 -14.12
CA GLY D 380 16.34 -16.02 -15.55
C GLY D 380 16.48 -14.64 -16.16
N ASN D 381 15.67 -13.68 -15.71
CA ASN D 381 15.70 -12.36 -16.29
C ASN D 381 16.26 -11.32 -15.34
N ALA D 382 16.56 -11.67 -14.08
CA ALA D 382 17.30 -10.75 -13.21
C ALA D 382 18.35 -11.54 -12.44
N THR D 383 18.49 -11.30 -11.13
CA THR D 383 19.51 -11.98 -10.34
C THR D 383 18.89 -12.74 -9.18
N GLY D 384 17.60 -13.08 -9.27
CA GLY D 384 16.99 -13.79 -8.17
C GLY D 384 16.93 -12.92 -6.93
N HIS D 385 16.87 -13.58 -5.78
CA HIS D 385 16.67 -12.87 -4.53
C HIS D 385 17.88 -12.03 -4.15
N PRO D 386 17.66 -10.93 -3.42
CA PRO D 386 18.79 -10.13 -2.93
C PRO D 386 19.55 -10.83 -1.80
N SER D 387 20.85 -10.51 -1.73
CA SER D 387 21.75 -11.14 -0.76
C SER D 387 21.17 -11.17 0.65
N ARG D 388 20.52 -10.07 1.05
CA ARG D 388 20.11 -9.97 2.44
C ARG D 388 18.92 -10.88 2.74
N ILE D 389 18.18 -11.30 1.70
CA ILE D 389 17.18 -12.33 1.91
C ILE D 389 17.82 -13.72 1.92
N MET D 390 18.67 -14.00 0.92
CA MET D 390 19.31 -15.30 0.85
C MET D 390 20.13 -15.56 2.10
N ASP D 391 20.57 -14.50 2.77
CA ASP D 391 21.30 -14.65 4.02
C ASP D 391 20.66 -15.66 4.96
N GLY D 392 19.35 -15.58 5.12
CA GLY D 392 18.67 -16.48 6.03
C GLY D 392 18.64 -17.91 5.51
N SER D 393 18.27 -18.07 4.24
CA SER D 393 18.25 -19.39 3.61
C SER D 393 19.58 -20.09 3.75
N PHE D 394 20.65 -19.39 3.40
CA PHE D 394 21.97 -19.99 3.34
C PHE D 394 22.60 -20.20 4.70
N ALA D 395 22.18 -19.45 5.73
CA ALA D 395 22.63 -19.79 7.08
C ALA D 395 21.98 -21.08 7.55
N ASN D 396 20.68 -21.25 7.26
CA ASN D 396 20.03 -22.52 7.48
C ASN D 396 20.77 -23.66 6.76
N GLN D 397 21.22 -23.41 5.53
CA GLN D 397 21.92 -24.48 4.80
C GLN D 397 23.19 -24.91 5.54
N VAL D 398 23.98 -23.95 6.02
CA VAL D 398 25.23 -24.29 6.70
C VAL D 398 24.93 -25.10 7.95
N LEU D 399 24.05 -24.59 8.81
CA LEU D 399 23.66 -25.32 10.00
C LEU D 399 23.16 -26.73 9.66
N ALA D 400 22.46 -26.88 8.53
CA ALA D 400 21.93 -28.19 8.16
C ALA D 400 23.06 -29.12 7.73
N GLN D 401 24.02 -28.59 6.96
CA GLN D 401 25.19 -29.37 6.58
C GLN D 401 25.96 -29.82 7.79
N ILE D 402 26.21 -28.89 8.72
CA ILE D 402 26.98 -29.25 9.90
C ILE D 402 26.28 -30.35 10.66
N HIS D 403 24.96 -30.27 10.78
CA HIS D 403 24.25 -31.27 11.56
C HIS D 403 24.43 -32.67 10.96
N LEU D 404 24.06 -32.84 9.69
CA LEU D 404 24.08 -34.16 9.09
C LEU D 404 25.50 -34.67 8.90
N PHE D 405 26.45 -33.77 8.64
CA PHE D 405 27.82 -34.24 8.56
C PHE D 405 28.26 -34.82 9.91
N GLU D 406 27.89 -34.18 11.02
CA GLU D 406 28.31 -34.70 12.32
C GLU D 406 27.60 -36.01 12.68
N GLN D 407 26.39 -36.24 12.14
CA GLN D 407 25.66 -37.46 12.49
C GLN D 407 26.34 -38.70 11.91
N LYS D 408 27.00 -38.58 10.75
CA LYS D 408 27.70 -39.70 10.11
C LYS D 408 26.78 -40.89 9.85
N TYR D 409 25.61 -40.60 9.26
CA TYR D 409 24.62 -41.64 8.98
C TYR D 409 25.22 -42.82 8.24
N ALA D 410 26.14 -42.55 7.31
CA ALA D 410 26.68 -43.60 6.47
C ALA D 410 27.56 -44.57 7.23
N ASP D 411 27.88 -44.29 8.49
CA ASP D 411 28.71 -45.17 9.30
C ASP D 411 27.93 -45.86 10.41
N LEU D 412 26.58 -45.67 10.47
CA LEU D 412 25.78 -46.28 11.52
C LEU D 412 25.37 -47.71 11.16
N PRO D 413 25.14 -48.57 12.15
CA PRO D 413 24.62 -49.91 11.86
C PRO D 413 23.17 -49.82 11.40
N ALA D 414 22.71 -50.87 10.71
CA ALA D 414 21.45 -50.81 9.98
C ALA D 414 20.29 -50.36 10.87
N ALA D 415 20.18 -50.95 12.06
CA ALA D 415 19.04 -50.63 12.92
C ALA D 415 19.02 -49.16 13.30
N GLU D 416 20.20 -48.55 13.51
CA GLU D 416 20.26 -47.12 13.79
C GLU D 416 19.99 -46.31 12.54
N LYS D 417 20.41 -46.81 11.38
CA LYS D 417 20.06 -46.12 10.14
C LYS D 417 18.54 -45.99 10.04
N ALA D 418 17.83 -47.11 10.20
CA ALA D 418 16.37 -47.11 10.15
C ALA D 418 15.77 -46.07 11.07
N LYS D 419 16.40 -45.80 12.21
CA LYS D 419 15.84 -44.81 13.11
C LYS D 419 15.97 -43.40 12.57
N ARG D 420 17.05 -43.11 11.83
CA ARG D 420 17.31 -41.74 11.40
C ARG D 420 17.01 -41.50 9.91
N LEU D 421 16.45 -42.48 9.20
CA LEU D 421 16.12 -42.28 7.79
C LEU D 421 14.86 -41.46 7.72
N SER D 422 15.03 -40.14 7.63
CA SER D 422 13.88 -39.25 7.69
C SER D 422 14.22 -37.91 7.03
N VAL D 423 13.18 -37.11 6.84
CA VAL D 423 13.31 -35.73 6.39
C VAL D 423 12.99 -34.85 7.60
N GLU D 424 13.97 -34.08 8.07
CA GLU D 424 13.79 -33.26 9.27
C GLU D 424 13.98 -31.78 8.97
N VAL D 425 13.44 -30.95 9.87
CA VAL D 425 13.62 -29.49 9.83
C VAL D 425 14.50 -29.05 10.98
N LEU D 426 15.17 -27.91 10.78
CA LEU D 426 16.00 -27.36 11.84
C LEU D 426 15.15 -27.02 13.06
N PRO D 427 15.70 -27.19 14.27
CA PRO D 427 15.01 -26.77 15.50
C PRO D 427 14.71 -25.28 15.53
N LYS D 428 13.60 -24.92 16.22
CA LYS D 428 13.17 -23.53 16.24
C LYS D 428 14.24 -22.62 16.87
N LYS D 429 14.93 -23.10 17.91
CA LYS D 429 15.99 -22.29 18.52
C LYS D 429 16.96 -21.77 17.46
N LEU D 430 17.39 -22.64 16.55
CA LEU D 430 18.32 -22.21 15.52
C LEU D 430 17.67 -21.20 14.59
N ASP D 431 16.43 -21.47 14.16
CA ASP D 431 15.65 -20.57 13.30
C ASP D 431 15.59 -19.17 13.90
N GLU D 432 15.27 -19.09 15.19
CA GLU D 432 15.32 -17.83 15.92
C GLU D 432 16.70 -17.19 15.85
N GLU D 433 17.76 -17.97 16.00
CA GLU D 433 19.10 -17.38 16.04
C GLU D 433 19.49 -16.78 14.70
N VAL D 434 19.08 -17.41 13.60
CA VAL D 434 19.28 -16.82 12.29
C VAL D 434 18.50 -15.51 12.19
N ALA D 435 17.25 -15.52 12.62
CA ALA D 435 16.40 -14.34 12.54
C ALA D 435 16.98 -13.19 13.34
N LEU D 436 17.56 -13.48 14.50
CA LEU D 436 18.17 -12.43 15.31
C LEU D 436 19.27 -11.71 14.53
N GLU D 437 20.15 -12.48 13.89
CA GLU D 437 21.21 -11.87 13.09
C GLU D 437 20.64 -11.04 11.93
N MET D 438 19.55 -11.48 11.33
CA MET D 438 18.93 -10.74 10.24
C MET D 438 18.35 -9.42 10.75
N VAL D 439 17.59 -9.47 11.84
CA VAL D 439 17.06 -8.26 12.44
C VAL D 439 18.19 -7.28 12.75
N LYS D 440 19.28 -7.78 13.33
CA LYS D 440 20.38 -6.89 13.65
C LYS D 440 20.94 -6.27 12.38
N GLY D 441 20.86 -7.00 11.25
CA GLY D 441 21.32 -6.45 10.00
C GLY D 441 20.55 -5.20 9.58
N PHE D 442 19.29 -5.11 9.98
CA PHE D 442 18.48 -3.93 9.72
C PHE D 442 18.67 -2.83 10.75
N GLY D 443 19.49 -3.06 11.78
CA GLY D 443 19.56 -2.19 12.94
C GLY D 443 18.39 -2.33 13.89
N GLY D 444 17.57 -3.38 13.74
CA GLY D 444 16.47 -3.59 14.66
C GLY D 444 16.97 -3.93 16.06
N VAL D 445 16.13 -3.65 17.07
CA VAL D 445 16.43 -3.91 18.45
C VAL D 445 15.29 -4.75 18.99
N VAL D 446 15.62 -5.99 19.35
CA VAL D 446 14.68 -6.92 19.97
C VAL D 446 14.67 -6.63 21.46
N THR D 447 13.48 -6.61 22.07
CA THR D 447 13.36 -6.50 23.52
C THR D 447 13.66 -7.83 24.20
N GLN D 448 14.37 -7.77 25.32
CA GLN D 448 14.56 -8.92 26.19
C GLN D 448 13.39 -9.00 27.17
N LEU D 449 12.79 -10.18 27.31
CA LEU D 449 11.81 -10.43 28.36
C LEU D 449 12.43 -10.30 29.74
N THR D 450 11.65 -9.77 30.69
CA THR D 450 12.03 -9.85 32.09
C THR D 450 11.70 -11.23 32.63
N PRO D 451 12.36 -11.63 33.73
CA PRO D 451 12.06 -12.92 34.36
C PRO D 451 10.58 -13.14 34.66
N LYS D 452 9.89 -12.15 35.24
CA LYS D 452 8.45 -12.30 35.45
C LYS D 452 7.70 -12.48 34.14
N GLN D 453 8.07 -11.70 33.09
CA GLN D 453 7.35 -11.83 31.81
C GLN D 453 7.57 -13.20 31.17
N ALA D 454 8.81 -13.72 31.19
CA ALA D 454 9.08 -15.05 30.66
C ALA D 454 8.33 -16.13 31.44
N GLU D 455 8.28 -16.01 32.75
CA GLU D 455 7.47 -16.95 33.51
C GLU D 455 6.00 -16.83 33.13
N TYR D 456 5.54 -15.63 32.79
CA TYR D 456 4.12 -15.39 32.54
C TYR D 456 3.65 -16.15 31.31
N ILE D 457 4.43 -16.08 30.22
CA ILE D 457 4.08 -16.76 28.98
C ILE D 457 4.78 -18.11 28.83
N GLY D 458 5.47 -18.58 29.88
CA GLY D 458 6.07 -19.90 29.93
C GLY D 458 7.15 -20.18 28.91
N VAL D 459 8.12 -19.27 28.78
CA VAL D 459 9.25 -19.45 27.89
C VAL D 459 10.51 -19.08 28.66
N SER D 460 11.65 -19.49 28.13
CA SER D 460 12.92 -19.02 28.67
C SER D 460 13.24 -17.65 28.10
N VAL D 461 13.82 -16.78 28.93
CA VAL D 461 14.25 -15.47 28.45
C VAL D 461 14.99 -15.59 27.11
N GLU D 462 15.69 -16.69 26.91
CA GLU D 462 16.46 -16.93 25.69
C GLU D 462 15.63 -17.57 24.57
N GLY D 463 14.38 -17.92 24.79
CA GLY D 463 13.60 -18.62 23.80
C GLY D 463 13.94 -20.11 23.83
N PRO D 464 13.32 -20.94 22.97
CA PRO D 464 12.43 -20.49 21.90
C PRO D 464 11.13 -19.85 22.43
N PHE D 465 10.49 -19.03 21.58
CA PHE D 465 9.43 -18.15 22.04
C PHE D 465 8.05 -18.65 21.66
N LYS D 466 7.94 -19.58 20.72
CA LYS D 466 6.68 -20.11 20.24
C LYS D 466 6.70 -21.62 20.28
N PRO D 467 5.55 -22.26 20.48
CA PRO D 467 5.47 -23.70 20.30
C PRO D 467 5.77 -24.09 18.86
N ASP D 468 6.10 -25.37 18.67
CA ASP D 468 6.40 -25.89 17.33
C ASP D 468 5.18 -25.76 16.39
N THR D 469 3.97 -25.70 16.94
CA THR D 469 2.78 -25.58 16.10
C THR D 469 2.61 -24.18 15.49
N TYR D 470 3.31 -23.17 16.00
CA TYR D 470 3.01 -21.79 15.60
C TYR D 470 3.29 -21.55 14.11
N ARG D 471 2.42 -20.77 13.46
CA ARG D 471 2.51 -20.61 12.00
C ARG D 471 3.11 -19.28 11.58
N TYR D 472 3.25 -18.34 12.50
CA TYR D 472 3.71 -16.98 12.20
C TYR D 472 2.87 -16.33 11.09
PA NAD E . 0.73 -14.27 19.36
O1A NAD E . 0.69 -14.68 17.94
O2A NAD E . 1.45 -15.32 20.18
O5B NAD E . 1.59 -12.88 19.44
C5B NAD E . 1.88 -12.13 20.63
C4B NAD E . 3.29 -11.65 20.40
O4B NAD E . 3.70 -10.78 21.46
C3B NAD E . 4.36 -12.75 20.30
O3B NAD E . 4.92 -12.72 19.00
C2B NAD E . 5.40 -12.34 21.37
O2B NAD E . 6.73 -12.57 20.92
C1B NAD E . 5.10 -10.86 21.56
N9A NAD E . 5.49 -10.33 22.85
C8A NAD E . 5.33 -10.95 24.07
N7A NAD E . 5.87 -10.30 25.07
C5A NAD E . 6.40 -9.16 24.48
C6A NAD E . 7.09 -8.07 25.01
N6A NAD E . 7.42 -7.94 26.29
N1A NAD E . 7.46 -7.08 24.16
C2A NAD E . 7.15 -7.20 22.86
N3A NAD E . 6.52 -8.20 22.24
C4A NAD E . 6.17 -9.17 23.11
O3 NAD E . -0.76 -14.09 19.88
PN NAD E . -1.98 -13.30 19.19
O1N NAD E . -2.87 -14.26 18.51
O2N NAD E . -1.37 -12.20 18.41
O5D NAD E . -2.74 -12.73 20.46
C5D NAD E . -2.19 -11.70 21.32
C4D NAD E . -3.27 -11.33 22.29
O4D NAD E . -4.41 -10.76 21.57
C3D NAD E . -3.85 -12.48 23.11
O3D NAD E . -4.21 -11.96 24.39
C2D NAD E . -5.09 -12.88 22.30
O2D NAD E . -6.02 -13.66 23.05
C1D NAD E . -5.57 -11.47 21.92
N1N NAD E . -6.54 -11.40 20.78
C2N NAD E . -7.35 -10.32 20.72
C3N NAD E . -8.27 -10.19 19.69
C7N NAD E . -9.20 -8.98 19.64
O7N NAD E . -10.15 -8.96 18.82
N7N NAD E . -9.04 -8.03 20.54
C4N NAD E . -8.32 -11.16 18.71
C5N NAD E . -7.48 -12.26 18.79
C6N NAD E . -6.59 -12.36 19.84
N9 ADE F . -13.77 -11.17 19.09
C8 ADE F . -13.34 -10.09 18.35
N7 ADE F . -14.32 -9.44 17.74
C5 ADE F . -15.46 -10.15 18.11
C6 ADE F . -16.82 -10.01 17.77
N6 ADE F . -17.28 -9.02 16.98
N1 ADE F . -17.70 -10.87 18.33
C2 ADE F . -17.23 -11.85 19.12
N3 ADE F . -15.97 -12.09 19.50
C4 ADE F . -15.13 -11.22 18.94
K K G . -18.66 -5.96 14.58
P PO4 H . -11.23 26.61 25.72
O1 PO4 H . -11.02 28.07 25.38
O2 PO4 H . -9.87 25.95 25.92
O3 PO4 H . -11.98 25.92 24.58
O4 PO4 H . -12.07 26.45 26.97
P PO4 I . 7.02 14.48 28.17
O1 PO4 I . 7.28 15.94 28.41
O2 PO4 I . 5.53 14.32 28.19
O3 PO4 I . 7.61 14.02 26.86
O4 PO4 I . 7.59 13.61 29.29
P PO4 J . -33.77 -14.55 11.72
O1 PO4 J . -35.13 -13.90 11.91
O2 PO4 J . -33.77 -15.95 12.29
O3 PO4 J . -32.73 -13.69 12.44
O4 PO4 J . -33.44 -14.61 10.24
P PO4 K . -11.37 -13.49 19.23
O1 PO4 K . -10.89 -12.32 18.43
O2 PO4 K . -10.14 -14.29 19.61
O3 PO4 K . -12.28 -14.35 18.35
O4 PO4 K . -12.15 -13.02 20.43
C4 RB7 L . -20.26 -28.89 6.51
C5 RB7 L . -20.86 -27.72 6.13
C6 RB7 L . -20.12 -26.56 6.27
C7 RB7 L . -18.39 -30.23 7.40
C8 RB7 L . -17.93 -32.30 6.47
C9 RB7 L . -18.05 -33.09 5.17
C10 RB7 L . -17.27 -35.31 6.99
O1 RB7 L . -15.58 -34.23 5.15
S RB7 L . -17.00 -34.57 5.35
O RB7 L . -17.23 -35.53 4.27
N RB7 L . -18.88 -31.21 6.45
C3 RB7 L . -18.97 -28.88 7.01
C2 RB7 L . -18.24 -27.70 7.14
BR RB7 L . -20.91 -24.88 5.78
C1 RB7 L . -18.84 -26.50 6.76
C RB7 L . -18.18 -25.11 6.86
C4 RB7 M . -13.46 -34.41 13.46
C5 RB7 M . -13.63 -33.15 14.00
C6 RB7 M . -12.76 -32.73 14.97
C7 RB7 M . -12.29 -36.62 13.26
C8 RB7 M . -12.45 -37.17 10.91
C9 RB7 M . -11.57 -36.07 10.29
C10 RB7 M . -13.81 -34.33 9.28
O1 RB7 M . -11.30 -34.39 8.24
S RB7 M . -12.31 -35.25 8.85
O RB7 M . -12.58 -36.13 7.71
N RB7 M . -13.16 -36.70 12.08
C3 RB7 M . -12.43 -35.23 13.90
C2 RB7 M . -11.56 -34.80 14.90
BR RB7 M . -13.00 -30.97 15.71
C1 RB7 M . -11.74 -33.54 15.43
C RB7 M . -10.82 -33.01 16.51
C4 RB7 N . -11.45 -14.62 36.28
C5 RB7 N . -12.77 -14.85 36.66
C6 RB7 N . -13.53 -13.74 37.01
C7 RB7 N . -9.49 -13.02 35.90
C8 RB7 N . -7.78 -13.36 34.37
C9 RB7 N . -7.09 -14.71 34.32
C10 RB7 N . -4.80 -14.52 36.11
O1 RB7 N . -4.57 -15.39 33.55
S RB7 N . -5.31 -14.44 34.38
O RB7 N . -4.94 -13.14 33.76
N RB7 N . -9.21 -13.54 34.58
C3 RB7 N . -10.93 -13.32 36.28
C2 RB7 N . -11.71 -12.25 36.65
BR RB7 N . -15.36 -13.95 37.54
C1 RB7 N . -13.01 -12.46 37.01
C RB7 N . -13.89 -11.27 37.42
H1 RB7 N . -10.82 -15.46 35.99
H2 RB7 N . -13.18 -15.84 36.67
H3 RB7 N . -8.83 -13.48 36.62
H4 RB7 N . -9.34 -11.94 35.89
H5 RB7 N . -7.37 -12.77 35.17
H6 RB7 N . -7.63 -12.84 33.43
H7 RB7 N . -7.35 -15.23 33.40
H8 RB7 N . -7.40 -15.32 35.17
H9 RB7 N . -5.69 -14.52 36.74
H10 RB7 N . -4.23 -15.42 36.28
H11 RB7 N . -4.20 -13.65 36.35
H12 RB7 N . -9.74 -13.05 33.89
H14 RB7 N . -11.30 -11.25 36.64
H15 RB7 N . -13.33 -10.35 37.29
H16 RB7 N . -14.19 -11.36 38.45
H17 RB7 N . -14.78 -11.25 36.78
C4 RB7 O . -10.89 -14.69 39.98
C5 RB7 O . -11.14 -16.04 39.97
C6 RB7 O . -12.34 -16.52 40.43
C7 RB7 O . -11.50 -12.32 40.45
C8 RB7 O . -12.47 -10.16 40.30
C9 RB7 O . -13.45 -9.35 41.15
C10 RB7 O . -11.75 -7.03 40.28
O1 RB7 O . -13.79 -6.83 42.10
S RB7 O . -12.74 -7.75 41.64
O RB7 O . -11.90 -7.89 42.84
N RB7 O . -12.73 -11.55 40.53
C3 RB7 O . -11.83 -13.81 40.45
C2 RB7 O . -13.04 -14.27 40.92
BR RB7 O . -12.67 -18.44 40.43
C1 RB7 O . -13.31 -15.63 40.91
C RB7 O . -14.65 -16.15 41.44
H1 RB7 O . -9.94 -14.32 39.61
H2 RB7 O . -10.40 -16.74 39.59
H3 RB7 O . -10.87 -12.08 41.31
H4 RB7 O . -10.97 -12.06 39.54
H5 RB7 O . -12.62 -9.91 39.25
H6 RB7 O . -11.45 -9.91 40.59
H7 RB7 O . -13.69 -9.91 42.04
H8 RB7 O . -14.35 -9.17 40.58
H9 RB7 O . -11.57 -5.98 40.48
H10 RB7 O . -10.81 -7.55 40.20
H11 RB7 O . -12.30 -7.13 39.35
H12 RB7 O . -13.13 -11.67 41.43
H14 RB7 O . -13.78 -13.58 41.31
H15 RB7 O . -15.07 -16.85 40.73
H16 RB7 O . -15.32 -15.32 41.58
H17 RB7 O . -14.49 -16.65 42.40
C4 RB7 P . -26.62 -7.15 39.04
C5 RB7 P . -25.57 -7.62 39.79
C6 RB7 P . -24.79 -6.76 40.56
C7 RB7 P . -28.07 -5.25 38.23
C8 RB7 P . -27.56 -3.08 37.28
C9 RB7 P . -28.56 -2.47 36.30
C10 RB7 P . -26.28 -3.13 34.61
O1 RB7 P . -28.81 -4.11 34.12
S RB7 P . -28.07 -2.93 34.61
O RB7 P . -28.45 -1.91 33.63
N RB7 P . -27.50 -4.54 37.10
C3 RB7 P . -26.92 -5.80 39.07
C2 RB7 P . -26.17 -4.92 39.83
BR RB7 P . -23.29 -7.42 41.62
C1 RB7 P . -25.11 -5.39 40.58
C RB7 P . -24.29 -4.40 41.41
H1 RB7 P . -27.21 -7.83 38.44
H2 RB7 P . -25.33 -8.68 39.78
H3 RB7 P . -28.67 -4.57 38.84
H4 RB7 P . -28.70 -6.06 37.89
H5 RB7 P . -27.88 -2.86 38.30
H6 RB7 P . -26.58 -2.66 37.10
H7 RB7 P . -28.55 -1.39 36.40
H8 RB7 P . -29.56 -2.84 36.51
H9 RB7 P . -25.93 -3.17 33.58
H10 RB7 P . -25.82 -2.29 35.12
H11 RB7 P . -26.02 -4.05 35.13
H12 RB7 P . -26.55 -4.81 37.00
H14 RB7 P . -26.41 -3.86 39.82
H15 RB7 P . -23.24 -4.49 41.15
H16 RB7 P . -24.43 -4.62 42.47
H17 RB7 P . -24.62 -3.39 41.20
PA NAD Q . -13.66 17.87 -8.40
O1A NAD Q . -12.21 17.91 -8.05
O2A NAD Q . -14.03 18.84 -9.50
O5B NAD Q . -14.09 16.36 -8.84
C5B NAD Q . -15.38 15.92 -9.29
C4B NAD Q . -15.03 14.93 -10.38
O4B NAD Q . -16.21 14.21 -10.79
C3B NAD Q . -14.40 15.53 -11.65
O3B NAD Q . -13.07 15.06 -11.84
C2B NAD Q . -15.37 15.12 -12.77
O2B NAD Q . -14.72 14.76 -13.98
C1B NAD Q . -16.05 13.90 -12.16
N9A NAD Q . -17.37 13.67 -12.69
C8A NAD Q . -18.36 14.60 -12.93
N7A NAD Q . -19.47 14.11 -13.41
C5A NAD Q . -19.20 12.74 -13.51
C6A NAD Q . -19.98 11.66 -13.94
N6A NAD Q . -21.24 11.78 -14.34
N1A NAD Q . -19.42 10.43 -13.90
C2A NAD Q . -18.17 10.31 -13.47
N3A NAD Q . -17.33 11.27 -13.04
C4A NAD Q . -17.91 12.46 -13.08
O3 NAD Q . -14.45 18.24 -7.08
PN NAD Q . -14.08 17.84 -5.59
O1N NAD Q . -13.52 16.45 -5.62
O2N NAD Q . -13.30 18.91 -4.95
O5D NAD Q . -15.51 17.82 -4.87
C5D NAD Q . -16.52 16.88 -5.31
C4D NAD Q . -17.77 17.10 -4.50
O4D NAD Q . -17.50 16.77 -3.11
C3D NAD Q . -18.29 18.53 -4.47
O3D NAD Q . -19.67 18.55 -4.21
C2D NAD Q . -17.58 19.10 -3.24
O2D NAD Q . -18.23 20.27 -2.74
C1D NAD Q . -17.74 17.90 -2.31
N1N NAD Q . -16.80 17.86 -1.15
C2N NAD Q . -17.18 17.07 -0.12
C3N NAD Q . -16.37 16.98 1.00
C7N NAD Q . -16.81 16.14 2.18
O7N NAD Q . -16.21 16.26 3.26
N7N NAD Q . -17.89 15.38 2.04
C4N NAD Q . -15.17 17.67 1.02
C5N NAD Q . -14.82 18.48 -0.05
C6N NAD Q . -15.66 18.56 -1.14
N9 ADE R . -16.46 19.29 6.14
C8 ADE R . -15.96 18.02 6.16
N7 ADE R . -15.62 17.60 7.34
C5 ADE R . -15.92 18.66 8.17
C6 ADE R . -15.81 18.84 9.55
N6 ADE R . -15.28 17.91 10.37
N1 ADE R . -16.22 20.02 10.07
C2 ADE R . -16.70 20.94 9.24
N3 ADE R . -16.87 20.88 7.93
C4 ADE R . -16.44 19.71 7.45
K K S . -14.36 14.99 13.15
P PO4 T . -29.60 -8.14 -8.88
O1 PO4 T . -30.41 -7.06 -9.55
O2 PO4 T . -29.00 -7.59 -7.62
O3 PO4 T . -28.46 -8.59 -9.79
O4 PO4 T . -30.44 -9.35 -8.54
P PO4 U . -15.63 20.70 3.21
O1 PO4 U . -17.03 20.67 3.73
O2 PO4 U . -15.08 19.28 3.34
O3 PO4 U . -14.70 21.55 4.11
O4 PO4 U . -15.58 21.12 1.76
C4 RB7 V . -31.14 26.00 -0.79
C5 RB7 V . -31.62 26.77 0.25
C6 RB7 V . -32.41 26.14 1.22
C7 RB7 V . -30.91 23.77 -1.98
C8 RB7 V . -29.70 23.76 -3.94
C9 RB7 V . -28.66 24.48 -4.80
C10 RB7 V . -26.98 24.17 -7.20
O1 RB7 V . -28.43 22.11 -6.07
S RB7 V . -28.45 23.55 -6.32
O RB7 V . -29.66 23.65 -7.16
N RB7 V . -29.90 24.49 -2.71
C3 RB7 V . -31.43 24.64 -0.85
C2 RB7 V . -32.20 24.03 0.11
BR RB7 V . -33.11 27.17 2.69
C1 RB7 V . -32.69 24.77 1.15
C RB7 V . -33.56 24.06 2.19
H1 RB7 V . -30.53 26.46 -1.56
H2 RB7 V . -31.40 27.82 0.32
H3 RB7 V . -31.72 23.51 -2.63
H4 RB7 V . -30.47 22.86 -1.55
H5 RB7 V . -30.64 23.71 -4.49
H6 RB7 V . -29.37 22.75 -3.72
H7 RB7 V . -27.72 24.51 -4.25
H8 RB7 V . -29.00 25.49 -5.02
H9 RB7 V . -27.06 25.24 -7.34
H10 RB7 V . -26.09 23.94 -6.62
H11 RB7 V . -26.90 23.68 -8.17
H12 RB7 V . -29.05 24.54 -2.20
H14 RB7 V . -32.41 22.96 0.05
H15 RB7 V . -34.60 24.36 2.07
H16 RB7 V . -33.48 22.98 2.06
H17 RB7 V . -33.22 24.33 3.19
C4 RB7 W . -35.70 27.64 0.18
C5 RB7 W . -35.36 28.96 -0.06
C6 RB7 W . -34.59 29.29 -1.15
C7 RB7 W . -35.65 25.19 -0.43
C8 RB7 W . -37.85 24.39 -0.60
C9 RB7 W . -39.25 24.38 0.01
C10 RB7 W . -40.17 24.51 -2.85
O1 RB7 W . -40.29 22.26 -1.28
S RB7 W . -40.42 23.73 -1.22
O RB7 W . -41.81 23.90 -0.78
N RB7 W . -36.95 25.18 0.21
C3 RB7 W . -35.26 26.65 -0.68
C2 RB7 W . -34.48 26.97 -1.78
BR RB7 W . -34.13 31.15 -1.48
C1 RB7 W . -34.16 28.28 -2.00
C RB7 W . -33.30 28.61 -3.22
H1 RB7 W . -36.30 27.38 1.03
H2 RB7 W . -35.71 29.74 0.61
H3 RB7 W . -34.91 24.73 0.22
H4 RB7 W . -35.69 24.65 -1.37
H5 RB7 W . -37.48 23.37 -0.64
H6 RB7 W . -37.89 24.80 -1.60
H7 RB7 W . -39.53 25.40 0.27
H8 RB7 W . -39.26 23.76 0.90
H9 RB7 W . -40.13 25.59 -2.73
H10 RB7 W . -39.25 24.15 -3.28
H11 RB7 W . -41.01 24.25 -3.51
H12 RB7 W . -36.88 24.78 1.13
H14 RB7 W . -34.15 26.20 -2.45
H15 RB7 W . -32.89 27.69 -3.63
H16 RB7 W . -32.49 29.26 -2.93
H17 RB7 W . -33.91 29.10 -3.98
PA NAD X . 9.56 20.23 -8.76
O1A NAD X . 8.14 19.90 -8.85
O2A NAD X . 9.72 21.74 -8.76
O5B NAD X . 10.21 19.60 -7.41
C5B NAD X . 11.52 19.85 -6.86
C4B NAD X . 11.34 20.07 -5.38
O4B NAD X . 12.62 20.23 -4.74
C3B NAD X . 10.50 21.29 -4.97
O3B NAD X . 9.28 20.90 -4.33
C2B NAD X . 11.41 22.06 -4.00
O2B NAD X . 10.74 22.61 -2.88
C1B NAD X . 12.37 20.97 -3.56
N9A NAD X . 13.64 21.44 -3.04
C8A NAD X . 14.44 22.42 -3.58
N7A NAD X . 15.54 22.65 -2.90
C5A NAD X . 15.46 21.75 -1.84
C6A NAD X . 16.32 21.50 -0.75
N6A NAD X . 17.49 22.12 -0.58
N1A NAD X . 15.94 20.55 0.14
C2A NAD X . 14.78 19.90 -0.06
N3A NAD X . 13.89 20.05 -1.04
C4A NAD X . 14.29 21.00 -1.91
O3 NAD X . 10.31 19.61 -10.03
PN NAD X . 10.27 18.12 -10.61
O1N NAD X . 9.93 17.23 -9.48
O2N NAD X . 9.43 18.10 -11.83
O5D NAD X . 11.77 17.93 -11.15
C5D NAD X . 12.87 17.82 -10.23
C4D NAD X . 14.12 17.57 -11.04
O4D NAD X . 14.05 16.27 -11.67
C3D NAD X . 14.34 18.56 -12.19
O3D NAD X . 15.73 18.66 -12.47
C2D NAD X . 13.63 17.84 -13.35
O2D NAD X . 13.99 18.35 -14.63
C1D NAD X . 14.14 16.42 -13.06
N1N NAD X . 13.36 15.36 -13.69
C2N NAD X . 13.91 14.13 -13.75
C3N NAD X . 13.21 13.08 -14.33
C7N NAD X . 13.85 11.73 -14.51
O7N NAD X . 13.35 10.94 -15.30
N7N NAD X . 15.02 11.49 -13.94
C4N NAD X . 11.91 13.32 -14.77
C5N NAD X . 11.37 14.59 -14.69
C6N NAD X . 12.12 15.62 -14.15
N9 ADE Y . 13.17 10.80 -19.59
C8 ADE Y . 12.99 9.84 -18.60
N7 ADE Y . 12.94 8.60 -19.06
C5 ADE Y . 13.06 8.73 -20.43
C6 ADE Y . 13.05 7.79 -21.50
N6 ADE Y . 12.89 6.48 -21.32
N1 ADE Y . 13.21 8.28 -22.75
C2 ADE Y . 13.36 9.60 -22.91
N3 ADE Y . 13.38 10.57 -22.00
C4 ADE Y . 13.20 10.09 -20.78
S DMS Z . -2.77 26.96 -12.15
O DMS Z . -3.76 28.04 -12.44
C1 DMS Z . -3.24 25.40 -13.00
C2 DMS Z . -2.83 26.50 -10.38
K K AA . 12.50 2.48 -20.72
P PO4 BA . 8.38 -0.07 -37.54
O1 PO4 BA . 8.12 1.18 -38.38
O2 PO4 BA . 9.34 0.25 -36.41
O3 PO4 BA . 8.99 -1.15 -38.41
O4 PO4 BA . 7.09 -0.59 -36.98
P PO4 CA . 11.94 13.71 -18.72
O1 PO4 CA . 11.74 15.11 -18.15
O2 PO4 CA . 11.69 12.76 -17.56
O3 PO4 CA . 13.33 13.50 -19.25
O4 PO4 CA . 10.90 13.42 -19.81
P PO4 DA . 38.23 -2.00 20.98
O1 PO4 DA . 36.96 -1.66 20.20
O2 PO4 DA . 38.22 -1.33 22.35
O3 PO4 DA . 39.45 -1.58 20.21
O4 PO4 DA . 38.26 -3.48 21.17
P PO4 EA . -14.47 25.20 -18.01
O1 PO4 EA . -15.83 25.48 -18.61
O2 PO4 EA . -14.57 25.06 -16.51
O3 PO4 EA . -13.53 26.35 -18.34
O4 PO4 EA . -13.92 23.93 -18.63
P PO4 FA . 29.96 6.78 9.75
O1 PO4 FA . 30.13 8.28 9.62
O2 PO4 FA . 28.53 6.52 10.17
O3 PO4 FA . 30.25 6.16 8.41
O4 PO4 FA . 30.91 6.14 10.74
C4 RB7 GA . -5.44 14.33 -32.63
C5 RB7 GA . -5.11 13.00 -32.46
C6 RB7 GA . -4.60 12.61 -31.25
C7 RB7 GA . -5.68 16.70 -31.84
C8 RB7 GA . -7.55 18.06 -32.55
C9 RB7 GA . -6.74 18.80 -33.61
C10 RB7 GA . -8.13 20.63 -35.52
O1 RB7 GA . -6.96 18.30 -36.30
S RB7 GA . -7.69 18.90 -35.17
O RB7 GA . -8.88 18.04 -35.10
N RB7 GA . -7.06 16.71 -32.31
C3 RB7 GA . -5.27 15.25 -31.59
C2 RB7 GA . -4.76 14.81 -30.37
BR RB7 GA . -4.11 10.76 -30.97
C1 RB7 GA . -4.42 13.47 -30.21
C RB7 GA . -3.83 12.90 -28.89
C4 RB7 HA . -3.13 27.98 -29.03
C5 RB7 HA . -2.87 26.67 -29.39
C6 RB7 HA . -1.73 26.05 -28.90
C7 RB7 HA . -2.53 30.13 -27.78
C8 RB7 HA . -1.86 32.28 -28.65
C9 RB7 HA . -0.66 33.14 -29.06
C10 RB7 HA . -0.07 36.08 -29.22
O1 RB7 HA . -1.22 34.71 -31.26
S RB7 HA . -1.17 34.75 -29.80
O RB7 HA . -2.57 35.06 -29.47
N RB7 HA . -1.43 30.93 -28.30
C3 RB7 HA . -2.27 28.67 -28.18
C2 RB7 HA . -1.14 28.03 -27.71
BR RB7 HA . -1.31 24.22 -29.37
C1 RB7 HA . -0.86 26.73 -28.06
C RB7 HA . 0.38 26.03 -27.52
C4 RB7 IA . 28.98 24.78 -21.61
C5 RB7 IA . 28.42 25.78 -22.38
C6 RB7 IA . 28.61 25.76 -23.74
C7 RB7 IA . 30.36 22.68 -21.41
C8 RB7 IA . 32.08 22.14 -19.90
C9 RB7 IA . 32.21 22.56 -18.44
C10 RB7 IA . 29.79 24.31 -18.07
O1 RB7 IA . 30.71 22.56 -16.19
S RB7 IA . 30.57 22.73 -17.64
O RB7 IA . 29.69 21.59 -17.96
N RB7 IA . 31.48 23.22 -20.67
C3 RB7 IA . 29.72 23.78 -22.24
C2 RB7 IA . 29.89 23.77 -23.59
BR RB7 IA . 27.81 27.17 -24.79
C1 RB7 IA . 29.35 24.76 -24.35
C RB7 IA . 29.56 24.73 -25.86
H1 RB7 IA . 28.85 24.78 -20.53
H2 RB7 IA . 27.84 26.56 -21.92
H3 RB7 IA . 30.70 21.89 -22.06
H4 RB7 IA . 29.63 22.28 -20.71
H5 RB7 IA . 33.06 21.92 -20.30
H6 RB7 IA . 31.46 21.26 -19.98
H7 RB7 IA . 32.73 23.51 -18.39
H8 RB7 IA . 32.79 21.81 -17.91
H9 RB7 IA . 28.76 24.14 -18.36
H10 RB7 IA . 29.83 24.98 -17.22
H11 RB7 IA . 30.33 24.76 -18.91
H12 RB7 IA . 32.15 23.61 -21.30
H14 RB7 IA . 30.47 22.98 -24.05
H15 RB7 IA . 30.04 25.65 -26.18
H16 RB7 IA . 28.59 24.63 -26.36
H17 RB7 IA . 30.19 23.88 -26.12
C4 RB7 JA . 25.81 23.00 -21.32
C5 RB7 JA . 26.22 22.75 -22.62
C6 RB7 JA . 27.11 21.72 -22.84
C7 RB7 JA . 25.89 22.46 -18.86
C8 RB7 JA . 24.13 23.02 -17.48
C9 RB7 JA . 23.30 24.29 -17.39
C10 RB7 JA . 24.75 26.17 -15.65
O1 RB7 JA . 22.09 25.65 -15.43
S RB7 JA . 23.37 24.99 -15.72
O RB7 JA . 23.49 23.95 -14.67
N RB7 JA . 24.50 22.88 -18.87
C3 RB7 JA . 26.32 22.22 -20.28
C2 RB7 JA . 27.20 21.18 -20.53
BR RB7 JA . 27.68 21.38 -24.64
C1 RB7 JA . 27.61 20.94 -21.81
C RB7 JA . 28.60 19.81 -22.08
H1 RB7 JA . 25.11 23.80 -21.11
H2 RB7 JA . 25.83 23.35 -23.44
H3 RB7 JA . 26.51 23.23 -18.42
H4 RB7 JA . 25.98 21.55 -18.28
H5 RB7 JA . 25.01 23.10 -16.86
H6 RB7 JA . 23.54 22.16 -17.17
H7 RB7 JA . 22.27 24.06 -17.64
H8 RB7 JA . 23.69 25.01 -18.10
H9 RB7 JA . 25.40 26.02 -16.52
H10 RB7 JA . 24.37 27.19 -15.66
H11 RB7 JA . 25.33 26.01 -14.75
H12 RB7 JA . 23.93 22.22 -19.34
H14 RB7 JA . 27.55 20.57 -19.71
H15 RB7 JA . 28.83 19.30 -21.16
H16 RB7 JA . 29.52 20.23 -22.50
H17 RB7 JA . 28.17 19.11 -22.79
PA NAD KA . 3.46 -23.67 -1.75
O1A NAD KA . 3.04 -25.05 -1.41
O2A NAD KA . 3.51 -22.77 -0.50
O5B NAD KA . 2.52 -22.92 -2.84
C5B NAD KA . 2.07 -23.54 -4.07
C4B NAD KA . 0.62 -23.16 -4.12
O4B NAD KA . 0.09 -23.40 -5.44
C3B NAD KA . -0.28 -23.89 -3.14
O3B NAD KA . -0.95 -22.91 -2.38
C2B NAD KA . -1.26 -24.68 -4.05
O2B NAD KA . -2.58 -24.76 -3.53
C1B NAD KA . -1.25 -23.81 -5.30
N9A NAD KA . -1.63 -24.51 -6.50
C8A NAD KA . -1.24 -25.77 -6.88
N7A NAD KA . -1.74 -26.16 -8.03
C5A NAD KA . -2.50 -25.08 -8.45
C6A NAD KA . -3.31 -24.88 -9.57
N6A NAD KA . -3.46 -25.79 -10.55
N1A NAD KA . -3.97 -23.70 -9.68
C2A NAD KA . -3.79 -22.78 -8.72
N3A NAD KA . -3.04 -22.85 -7.61
C4A NAD KA . -2.44 -24.04 -7.52
O3 NAD KA . 4.87 -23.63 -2.47
PN NAD KA . 5.86 -22.39 -2.61
O1N NAD KA . 6.82 -22.42 -1.49
O2N NAD KA . 5.02 -21.18 -2.82
O5D NAD KA . 6.66 -22.72 -3.94
C5D NAD KA . 5.99 -22.76 -5.22
C4D NAD KA . 7.01 -23.08 -6.28
O4D NAD KA . 8.02 -22.02 -6.31
C3D NAD KA . 7.80 -24.37 -6.00
O3D NAD KA . 8.14 -24.96 -7.25
C2D NAD KA . 9.01 -23.82 -5.24
O2D NAD KA . 10.15 -24.68 -5.16
C1D NAD KA . 9.28 -22.59 -6.10
N1N NAD KA . 10.16 -21.55 -5.49
C2N NAD KA . 10.73 -20.67 -6.33
C3N NAD KA . 11.51 -19.65 -5.84
C7N NAD KA . 12.10 -18.58 -6.74
O7N NAD KA . 12.95 -17.82 -6.31
N7N NAD KA . 11.71 -18.56 -8.03
C4N NAD KA . 11.70 -19.56 -4.46
C5N NAD KA . 11.11 -20.49 -3.61
C6N NAD KA . 10.34 -21.49 -4.15
N9 ADE LA . 17.04 -18.75 -5.18
C8 ADE LA . 16.41 -17.54 -5.35
N7 ADE LA . 17.22 -16.52 -5.49
C5 ADE LA . 18.48 -17.08 -5.40
C6 ADE LA . 19.79 -16.52 -5.45
N6 ADE LA . 20.04 -15.21 -5.63
N1 ADE LA . 20.82 -17.38 -5.30
C2 ADE LA . 20.57 -18.68 -5.12
N3 ADE LA . 19.41 -19.31 -5.06
C4 ADE LA . 18.39 -18.46 -5.21
S DMS MA . 2.78 -26.89 12.08
O DMS MA . 3.80 -25.89 12.55
C1 DMS MA . 1.19 -26.03 11.78
C2 DMS MA . 2.32 -28.15 13.31
K K NA . 20.58 -11.32 -6.38
P PO4 OA . -7.22 -12.95 -28.52
O1 PO4 OA . -8.38 -12.73 -29.47
O2 PO4 OA . -6.15 -11.97 -28.94
O3 PO4 OA . -6.70 -14.38 -28.62
O4 PO4 OA . -7.69 -12.68 -27.11
P PO4 PA . 36.50 -11.99 0.42
O1 PO4 PA . 36.16 -11.01 1.54
O2 PO4 PA . 37.49 -11.31 -0.51
O3 PO4 PA . 35.28 -12.33 -0.43
O4 PO4 PA . 37.12 -13.24 1.01
P PO4 QA . 15.19 -20.83 -3.42
O1 PO4 QA . 14.55 -19.49 -3.73
O2 PO4 QA . 14.13 -21.79 -2.97
O3 PO4 QA . 16.23 -20.52 -2.34
O4 PO4 QA . 15.86 -21.34 -4.68
P PO4 RA . 7.95 -22.93 24.17
O1 PO4 RA . 8.20 -21.45 24.14
O2 PO4 RA . 8.20 -23.43 25.58
O3 PO4 RA . 6.52 -23.21 23.77
O4 PO4 RA . 8.94 -23.60 23.25
C4 RB7 SA . 16.49 -33.04 -15.50
C5 RB7 SA . 17.84 -33.07 -15.87
C6 RB7 SA . 18.73 -33.88 -15.16
C7 RB7 SA . 14.60 -33.84 -13.98
C8 RB7 SA . 12.72 -32.59 -13.43
C9 RB7 SA . 12.27 -33.88 -12.80
C10 RB7 SA . 9.63 -32.52 -13.22
O1 RB7 SA . 10.53 -33.33 -10.76
S RB7 SA . 10.56 -33.70 -12.20
O RB7 SA . 9.90 -35.01 -12.09
N RB7 SA . 14.17 -32.56 -13.54
C3 RB7 SA . 16.06 -33.82 -14.44
C2 RB7 SA . 16.96 -34.62 -13.74
BR RB7 SA . 20.61 -34.03 -15.56
C1 RB7 SA . 18.29 -34.65 -14.10
C RB7 SA . 19.32 -35.51 -13.37
C4 RB7 TA . 20.18 -29.52 14.72
C5 RB7 TA . 19.23 -30.40 15.13
C6 RB7 TA . 18.41 -31.03 14.19
C7 RB7 TA . 21.38 -28.29 12.88
C8 RB7 TA . 23.45 -27.23 13.42
C9 RB7 TA . 24.91 -27.63 13.49
C10 RB7 TA . 26.59 -27.72 15.98
O1 RB7 TA . 24.47 -26.02 15.60
S RB7 TA . 25.58 -26.67 14.88
O RB7 TA . 26.36 -25.53 14.38
N RB7 TA . 22.62 -28.39 13.64
C3 RB7 TA . 20.34 -29.26 13.37
C2 RB7 TA . 19.54 -29.86 12.43
BR RB7 TA . 17.02 -32.32 14.72
C1 RB7 TA . 18.58 -30.76 12.85
C RB7 TA . 17.70 -31.44 11.81
C4 RB7 UA . 16.33 -36.97 -16.37
C5 RB7 UA . 16.81 -37.79 -15.36
C6 RB7 UA . 18.14 -38.19 -15.37
C7 RB7 UA . 16.63 -35.65 -18.49
C8 RB7 UA . 16.57 -36.52 -20.74
C9 RB7 UA . 15.94 -37.83 -20.26
C10 RB7 UA . 14.63 -38.18 -22.93
O1 RB7 UA . 15.05 -40.24 -21.18
S RB7 UA . 15.65 -38.97 -21.65
O RB7 UA . 16.91 -39.50 -22.21
N RB7 UA . 17.37 -35.85 -19.72
C3 RB7 UA . 17.18 -36.55 -17.38
C2 RB7 UA . 18.50 -36.95 -17.40
BR RB7 UA . 18.82 -39.35 -13.95
C1 RB7 UA . 18.99 -37.76 -16.38
C RB7 UA . 20.46 -38.22 -16.39
H1 RB7 UA . 15.29 -36.65 -16.36
H2 RB7 UA . 16.15 -38.12 -14.57
H3 RB7 UA . 16.71 -34.62 -18.17
H4 RB7 UA . 15.58 -35.89 -18.66
H5 RB7 UA . 17.22 -36.76 -21.59
H6 RB7 UA . 15.79 -35.86 -21.07
H7 RB7 UA . 15.00 -37.61 -19.77
H8 RB7 UA . 16.62 -38.30 -19.54
H9 RB7 UA . 14.25 -38.93 -23.61
H10 RB7 UA . 13.79 -37.67 -22.46
H11 RB7 UA . 15.23 -37.45 -23.47
H12 RB7 UA . 17.63 -34.95 -20.08
H14 RB7 UA . 19.16 -36.62 -18.19
H15 RB7 UA . 20.88 -38.07 -15.40
H16 RB7 UA . 21.02 -37.62 -17.10
H17 RB7 UA . 20.51 -39.27 -16.66
#